data_9MFG
#
_entry.id   9MFG
#
_cell.length_a   105.313
_cell.length_b   403.472
_cell.length_c   84.247
_cell.angle_alpha   90.00
_cell.angle_beta   90.00
_cell.angle_gamma   90.00
#
_symmetry.space_group_name_H-M   'P 21 21 2'
#
loop_
_entity.id
_entity.type
_entity.pdbx_description
1 polymer 'Interleukin-23 receptor'
2 polymer VHH
3 branched 2-acetamido-2-deoxy-beta-D-glucopyranose-(1-4)-[alpha-L-fucopyranose-(1-6)]2-acetamido-2-deoxy-beta-D-glucopyranose
4 branched 2-acetamido-2-deoxy-beta-D-glucopyranose-(1-4)-2-acetamido-2-deoxy-beta-D-glucopyranose
5 branched 2-acetamido-2-deoxy-beta-D-glucopyranose-(1-3)-alpha-D-mannopyranose-(1-3)-[alpha-L-fucopyranose-(1-6)]2-acetamido-2-deoxy-beta-D-glucopyranose
6 branched alpha-D-mannopyranose-(1-3)-[2-acetamido-2-deoxy-beta-D-glucopyranose-(1-4)][alpha-L-fucopyranose-(1-6)]2-acetamido-2-deoxy-beta-D-glucopyranose
7 branched alpha-D-mannopyranose-(1-3)-[alpha-L-fucopyranose-(1-6)]2-acetamido-2-deoxy-beta-D-glucopyranose
8 non-polymer 2-acetamido-2-deoxy-beta-D-glucopyranose
9 non-polymer 'THIOCYANATE ION'
10 non-polymer GLYCEROL
11 non-polymer 'SULFATE ION'
12 water water
#
loop_
_entity_poly.entity_id
_entity_poly.type
_entity_poly.pdbx_seq_one_letter_code
_entity_poly.pdbx_strand_id
1 'polypeptide(L)'
;GSITNINCSGHIWVEPATIFKMGMNISIYCQAAIKNCQPRKLHFYKNGIKERFQITRINKTTARLWYKNFLEPHASMYCT
AECPKHFQETLICGKDISSGYPPDIPDEVTCVIYEYSGNMTCTWNAGKLTYIDTKYVVHVKSLETEEEQQYLTSSYINIS
TDSLQGGKKYLVWVQAANALGMEESKQLQIHLDDIVIPSAAVISRAETINATVPKTIIYWDSQTTIEKVSCEMRYKATTN
QTWNVKEFDTNFTYVQQSEFYLEPNIKYVFQVRCQETGKRYWQPWSSLFFHKTPEGNSHHHHHH
;
A,B,C,D
2 'polypeptide(L)'
;EVQLVESGGGLVQPGGSLRLSCAASGFTFSTYAMAWFRQAPGKEREFVAESWSSGTTYYGASVVGRFTMSRDDSKNTVYL
QMNSLRAEDTAVYYCAAKRPDAGWQTYDYWGQGTLVTVSS
;
E,F,G,H
#
# COMPACT_ATOMS: atom_id res chain seq x y z
N ILE A 3 -29.45 -9.37 25.38
CA ILE A 3 -29.47 -9.91 24.03
C ILE A 3 -30.10 -11.31 24.04
N THR A 4 -31.10 -11.54 23.18
CA THR A 4 -31.66 -12.87 22.98
C THR A 4 -30.88 -13.60 21.91
N ASN A 5 -30.64 -14.89 22.14
CA ASN A 5 -29.74 -15.64 21.29
C ASN A 5 -30.43 -16.11 20.01
N ILE A 6 -29.74 -15.92 18.88
CA ILE A 6 -30.20 -16.36 17.57
C ILE A 6 -29.15 -17.32 17.02
N ASN A 7 -29.51 -18.59 16.87
CA ASN A 7 -28.59 -19.57 16.31
C ASN A 7 -28.31 -19.23 14.85
N CYS A 8 -27.05 -18.93 14.55
CA CYS A 8 -26.66 -18.54 13.21
C CYS A 8 -26.31 -19.77 12.38
N SER A 9 -26.78 -19.76 11.13
CA SER A 9 -26.46 -20.79 10.14
C SER A 9 -25.23 -20.41 9.32
N GLY A 10 -24.26 -19.77 9.99
CA GLY A 10 -23.09 -19.23 9.32
C GLY A 10 -22.36 -18.29 10.25
N HIS A 11 -21.77 -17.25 9.68
CA HIS A 11 -21.14 -16.23 10.52
C HIS A 11 -20.77 -15.04 9.67
N ILE A 12 -20.54 -13.92 10.36
CA ILE A 12 -20.18 -12.65 9.76
C ILE A 12 -18.91 -12.14 10.43
N TRP A 13 -18.12 -11.40 9.67
CA TRP A 13 -16.91 -10.79 10.21
C TRP A 13 -16.56 -9.57 9.37
N VAL A 14 -15.98 -8.58 10.04
CA VAL A 14 -15.74 -7.27 9.45
C VAL A 14 -14.25 -6.98 9.45
N GLU A 15 -13.78 -6.38 8.36
CA GLU A 15 -12.45 -5.83 8.29
C GLU A 15 -12.57 -4.32 8.07
N PRO A 16 -11.87 -3.49 8.83
CA PRO A 16 -10.81 -3.80 9.82
C PRO A 16 -11.33 -4.50 11.06
N ALA A 17 -12.52 -4.16 11.52
CA ALA A 17 -13.08 -4.75 12.73
C ALA A 17 -14.48 -4.19 12.91
N THR A 18 -15.24 -4.80 13.83
CA THR A 18 -16.61 -4.37 14.07
C THR A 18 -16.69 -2.95 14.60
N ILE A 19 -15.61 -2.45 15.20
CA ILE A 19 -15.54 -1.08 15.70
C ILE A 19 -14.36 -0.42 15.00
N PHE A 20 -14.62 0.69 14.31
CA PHE A 20 -13.64 1.30 13.42
C PHE A 20 -13.78 2.82 13.45
N LYS A 21 -12.72 3.50 13.01
CA LYS A 21 -12.75 4.96 12.94
C LYS A 21 -13.78 5.41 11.90
N MET A 22 -14.54 6.45 12.26
CA MET A 22 -15.51 7.00 11.33
C MET A 22 -14.83 7.44 10.05
N GLY A 23 -15.48 7.17 8.92
CA GLY A 23 -14.96 7.51 7.62
C GLY A 23 -14.09 6.45 6.99
N MET A 24 -13.82 5.35 7.67
CA MET A 24 -13.03 4.27 7.10
C MET A 24 -13.86 3.47 6.10
N ASN A 25 -13.19 3.00 5.06
CA ASN A 25 -13.76 1.98 4.20
C ASN A 25 -13.78 0.65 4.94
N ILE A 26 -14.92 0.00 4.98
CA ILE A 26 -15.05 -1.28 5.68
C ILE A 26 -15.58 -2.33 4.73
N SER A 27 -15.17 -3.58 5.00
CA SER A 27 -15.63 -4.74 4.27
C SER A 27 -16.34 -5.66 5.26
N ILE A 28 -17.54 -6.10 4.89
CA ILE A 28 -18.35 -7.01 5.69
C ILE A 28 -18.44 -8.32 4.91
N TYR A 29 -18.04 -9.41 5.55
CA TYR A 29 -18.09 -10.73 4.94
C TYR A 29 -19.12 -11.61 5.63
N CYS A 30 -19.76 -12.48 4.86
CA CYS A 30 -20.82 -13.36 5.34
C CYS A 30 -20.65 -14.72 4.68
N GLN A 31 -20.58 -15.78 5.49
CA GLN A 31 -20.31 -17.12 5.01
C GLN A 31 -21.45 -18.05 5.39
N ALA A 32 -22.10 -18.64 4.39
CA ALA A 32 -23.21 -19.54 4.62
C ALA A 32 -22.69 -20.88 5.14
N ALA A 33 -23.48 -21.50 6.00
CA ALA A 33 -23.20 -22.82 6.53
C ALA A 33 -24.53 -23.48 6.86
N ILE A 34 -25.36 -23.67 5.84
CA ILE A 34 -26.72 -24.17 5.98
C ILE A 34 -26.76 -25.59 5.45
N LYS A 35 -27.11 -26.54 6.31
CA LYS A 35 -27.18 -27.94 5.91
C LYS A 35 -27.99 -28.09 4.62
N ASN A 36 -27.43 -28.83 3.66
CA ASN A 36 -28.06 -29.07 2.37
C ASN A 36 -28.57 -27.77 1.74
N CYS A 37 -27.61 -26.93 1.35
CA CYS A 37 -27.95 -25.67 0.68
C CYS A 37 -26.71 -24.99 0.11
N GLN A 38 -26.50 -25.11 -1.20
CA GLN A 38 -25.51 -24.30 -1.90
C GLN A 38 -26.21 -23.04 -2.38
N PRO A 39 -26.08 -21.92 -1.67
CA PRO A 39 -26.95 -20.77 -1.94
C PRO A 39 -26.87 -20.31 -3.38
N ARG A 40 -28.05 -20.02 -3.96
CA ARG A 40 -28.08 -19.40 -5.28
C ARG A 40 -27.59 -17.95 -5.21
N LYS A 41 -28.02 -17.20 -4.18
CA LYS A 41 -27.56 -15.84 -3.95
C LYS A 41 -27.45 -15.59 -2.45
N LEU A 42 -26.70 -14.54 -2.09
CA LEU A 42 -26.58 -14.05 -0.71
C LEU A 42 -26.88 -12.56 -0.68
N HIS A 43 -27.63 -12.13 0.33
CA HIS A 43 -28.11 -10.76 0.41
C HIS A 43 -27.66 -10.12 1.72
N PHE A 44 -27.49 -8.80 1.68
CA PHE A 44 -27.11 -8.02 2.85
C PHE A 44 -28.17 -6.97 3.13
N TYR A 45 -28.53 -6.83 4.41
CA TYR A 45 -29.49 -5.83 4.84
C TYR A 45 -28.90 -5.04 6.01
N LYS A 46 -29.10 -3.73 5.99
CA LYS A 46 -28.71 -2.86 7.09
C LYS A 46 -29.99 -2.37 7.75
N ASN A 47 -30.31 -2.95 8.91
CA ASN A 47 -31.54 -2.64 9.64
C ASN A 47 -32.75 -2.85 8.74
N GLY A 48 -32.71 -3.91 7.94
CA GLY A 48 -33.84 -4.29 7.14
C GLY A 48 -33.90 -3.65 5.77
N ILE A 49 -32.93 -2.82 5.41
CA ILE A 49 -32.89 -2.21 4.08
C ILE A 49 -31.88 -2.98 3.24
N LYS A 50 -32.31 -3.41 2.05
CA LYS A 50 -31.45 -4.21 1.20
C LYS A 50 -30.32 -3.35 0.63
N GLU A 51 -29.09 -3.82 0.81
CA GLU A 51 -27.96 -3.28 0.07
C GLU A 51 -27.89 -3.94 -1.29
N ARG A 52 -27.84 -3.12 -2.35
CA ARG A 52 -27.92 -3.62 -3.71
C ARG A 52 -26.66 -3.36 -4.53
N PHE A 53 -25.60 -2.83 -3.93
CA PHE A 53 -24.39 -2.48 -4.66
C PHE A 53 -23.17 -2.85 -3.83
N GLN A 54 -22.01 -2.87 -4.51
CA GLN A 54 -20.73 -3.18 -3.88
C GLN A 54 -20.78 -4.48 -3.09
N ILE A 55 -21.53 -5.45 -3.61
CA ILE A 55 -21.59 -6.80 -3.05
C ILE A 55 -20.90 -7.74 -4.03
N THR A 56 -20.04 -8.62 -3.50
CA THR A 56 -19.14 -9.44 -4.29
C THR A 56 -19.22 -10.88 -3.85
N ARG A 57 -19.51 -11.78 -4.79
CA ARG A 57 -19.54 -13.21 -4.50
C ARG A 57 -18.12 -13.77 -4.61
N ILE A 58 -17.64 -14.39 -3.55
CA ILE A 58 -16.24 -14.81 -3.45
C ILE A 58 -16.15 -16.33 -3.57
N ASN A 59 -16.15 -17.03 -2.44
CA ASN A 59 -16.33 -18.47 -2.40
C ASN A 59 -17.66 -18.83 -3.07
N LYS A 60 -17.96 -20.13 -3.18
CA LYS A 60 -19.34 -20.53 -3.44
C LYS A 60 -20.23 -20.34 -2.21
N THR A 61 -19.63 -19.90 -1.10
CA THR A 61 -20.31 -19.80 0.18
C THR A 61 -20.13 -18.45 0.87
N THR A 62 -19.19 -17.62 0.41
CA THR A 62 -18.86 -16.36 1.06
C THR A 62 -19.17 -15.20 0.14
N ALA A 63 -19.56 -14.08 0.76
CA ALA A 63 -19.89 -12.86 0.03
C ALA A 63 -19.40 -11.67 0.84
N ARG A 64 -19.22 -10.54 0.16
CA ARG A 64 -18.67 -9.36 0.80
C ARG A 64 -19.45 -8.12 0.38
N LEU A 65 -19.91 -7.38 1.39
CA LEU A 65 -20.45 -6.04 1.21
C LEU A 65 -19.36 -5.04 1.55
N TRP A 66 -19.25 -3.97 0.76
CA TRP A 66 -18.22 -2.96 0.93
C TRP A 66 -18.86 -1.59 1.06
N TYR A 67 -18.53 -0.88 2.14
CA TYR A 67 -18.98 0.48 2.39
C TYR A 67 -17.82 1.46 2.25
N LYS A 68 -18.10 2.64 1.73
CA LYS A 68 -17.12 3.70 1.53
C LYS A 68 -17.41 4.87 2.46
N ASN A 69 -16.37 5.35 3.14
CA ASN A 69 -16.46 6.47 4.08
C ASN A 69 -17.64 6.29 5.03
N PHE A 70 -17.60 5.18 5.77
CA PHE A 70 -18.71 4.79 6.64
C PHE A 70 -18.78 5.69 7.87
N LEU A 71 -19.88 6.44 8.00
CA LEU A 71 -19.96 7.50 9.00
C LEU A 71 -21.01 7.28 10.09
N GLU A 72 -21.86 6.26 9.97
CA GLU A 72 -22.88 6.04 10.98
C GLU A 72 -22.25 5.55 12.27
N PRO A 73 -22.64 6.09 13.42
CA PRO A 73 -22.11 5.55 14.68
C PRO A 73 -22.54 4.11 14.97
N HIS A 74 -23.72 3.70 14.54
CA HIS A 74 -24.21 2.35 14.81
C HIS A 74 -24.95 1.80 13.60
N ALA A 75 -24.87 0.48 13.44
CA ALA A 75 -25.62 -0.20 12.40
C ALA A 75 -25.67 -1.69 12.70
N SER A 76 -26.85 -2.27 12.57
CA SER A 76 -27.03 -3.72 12.68
C SER A 76 -27.12 -4.29 11.28
N MET A 77 -26.38 -5.38 11.03
CA MET A 77 -26.25 -5.96 9.71
C MET A 77 -26.81 -7.38 9.70
N TYR A 78 -27.51 -7.73 8.61
CA TYR A 78 -28.07 -9.06 8.41
C TYR A 78 -27.72 -9.56 7.03
N CYS A 79 -27.29 -10.82 6.91
CA CYS A 79 -27.17 -11.47 5.61
C CYS A 79 -28.00 -12.75 5.59
N THR A 80 -28.58 -13.04 4.44
CA THR A 80 -29.47 -14.17 4.26
C THR A 80 -29.07 -14.90 2.98
N ALA A 81 -29.51 -16.15 2.87
CA ALA A 81 -29.22 -17.00 1.73
C ALA A 81 -30.50 -17.34 0.98
N GLU A 82 -30.41 -17.35 -0.35
CA GLU A 82 -31.45 -17.93 -1.20
C GLU A 82 -31.09 -19.39 -1.41
N CYS A 83 -31.63 -20.26 -0.59
CA CYS A 83 -31.35 -21.66 -0.78
C CYS A 83 -32.23 -22.23 -1.89
N PRO A 84 -31.69 -23.08 -2.77
CA PRO A 84 -32.55 -23.78 -3.73
C PRO A 84 -33.44 -24.74 -2.98
N LYS A 85 -34.63 -24.97 -3.55
CA LYS A 85 -35.72 -25.72 -2.96
C LYS A 85 -36.64 -24.79 -2.17
N HIS A 86 -36.29 -23.52 -2.03
CA HIS A 86 -37.08 -22.55 -1.27
C HIS A 86 -37.22 -21.25 -2.05
N PHE A 87 -38.40 -20.63 -1.96
CA PHE A 87 -38.61 -19.28 -2.46
C PHE A 87 -38.28 -18.22 -1.43
N GLN A 88 -37.90 -18.61 -0.22
CA GLN A 88 -37.67 -17.70 0.89
C GLN A 88 -36.21 -17.70 1.32
N GLU A 89 -35.85 -16.70 2.11
CA GLU A 89 -34.46 -16.46 2.48
C GLU A 89 -34.18 -16.99 3.88
N THR A 90 -33.18 -17.84 3.99
CA THR A 90 -32.74 -18.33 5.29
C THR A 90 -31.78 -17.32 5.93
N LEU A 91 -32.05 -16.96 7.18
CA LEU A 91 -31.13 -16.08 7.91
C LEU A 91 -29.82 -16.82 8.15
N ILE A 92 -28.72 -16.21 7.75
CA ILE A 92 -27.40 -16.80 7.96
C ILE A 92 -26.90 -16.33 9.32
N CYS A 93 -26.77 -15.02 9.48
CA CYS A 93 -26.34 -14.43 10.74
C CYS A 93 -26.56 -12.93 10.68
N GLY A 94 -26.40 -12.28 11.84
CA GLY A 94 -26.38 -10.85 11.92
C GLY A 94 -25.19 -10.39 12.75
N LYS A 95 -24.90 -9.09 12.66
CA LYS A 95 -23.78 -8.53 13.40
C LYS A 95 -23.97 -7.04 13.57
N ASP A 96 -23.61 -6.53 14.75
CA ASP A 96 -23.64 -5.12 15.05
C ASP A 96 -22.26 -4.53 14.82
N ILE A 97 -22.20 -3.42 14.08
CA ILE A 97 -20.98 -2.66 13.88
C ILE A 97 -21.21 -1.26 14.42
N SER A 98 -20.11 -0.59 14.78
CA SER A 98 -20.17 0.73 15.38
C SER A 98 -18.92 1.52 15.03
N SER A 99 -19.08 2.84 15.02
CA SER A 99 -18.09 3.75 14.44
C SER A 99 -17.85 4.94 15.36
N GLY A 100 -16.59 5.33 15.52
CA GLY A 100 -16.29 6.49 16.33
C GLY A 100 -14.86 6.93 16.17
N TYR A 101 -14.37 7.62 17.19
CA TYR A 101 -13.01 8.16 17.21
C TYR A 101 -12.27 7.68 18.44
N PRO A 102 -10.95 7.73 18.43
CA PRO A 102 -10.20 7.43 19.64
C PRO A 102 -10.15 8.63 20.55
N PRO A 103 -9.92 8.43 21.84
CA PRO A 103 -10.07 9.54 22.80
C PRO A 103 -9.01 10.61 22.60
N ASP A 104 -9.44 11.86 22.63
CA ASP A 104 -8.52 12.96 22.78
C ASP A 104 -7.85 12.89 24.15
N ILE A 105 -6.70 13.53 24.26
CA ILE A 105 -6.03 13.66 25.56
C ILE A 105 -6.91 14.49 26.48
N PRO A 106 -7.30 13.99 27.65
CA PRO A 106 -8.09 14.83 28.57
C PRO A 106 -7.20 15.95 29.09
N ASP A 107 -7.71 17.18 29.01
CA ASP A 107 -6.99 18.34 29.53
C ASP A 107 -7.96 19.19 30.34
N GLU A 108 -7.45 20.30 30.86
CA GLU A 108 -8.20 21.15 31.77
C GLU A 108 -8.67 20.36 33.00
N VAL A 109 -7.84 19.42 33.45
CA VAL A 109 -8.14 18.68 34.67
C VAL A 109 -8.16 19.64 35.85
N THR A 110 -9.26 19.64 36.59
CA THR A 110 -9.36 20.46 37.79
C THR A 110 -10.09 19.69 38.88
N CYS A 111 -9.54 19.76 40.09
CA CYS A 111 -10.13 19.16 41.27
C CYS A 111 -10.42 20.25 42.28
N VAL A 112 -11.62 20.19 42.88
CA VAL A 112 -12.06 21.20 43.83
C VAL A 112 -12.89 20.51 44.92
N ILE A 113 -13.02 21.20 46.05
CA ILE A 113 -13.79 20.70 47.18
C ILE A 113 -14.83 21.75 47.56
N TYR A 114 -16.10 21.42 47.40
CA TYR A 114 -17.17 22.30 47.80
C TYR A 114 -17.40 22.18 49.30
N GLU A 115 -17.51 23.33 49.98
CA GLU A 115 -17.60 23.36 51.43
C GLU A 115 -18.80 22.53 51.91
N TYR A 116 -18.55 21.67 52.90
CA TYR A 116 -19.55 20.84 53.57
C TYR A 116 -19.94 19.61 52.76
N SER A 117 -19.14 19.21 51.77
CA SER A 117 -19.49 18.11 50.88
C SER A 117 -18.84 16.78 51.27
N GLY A 118 -17.60 16.82 51.77
CA GLY A 118 -16.84 15.62 52.00
C GLY A 118 -16.30 14.99 50.75
N ASN A 119 -16.38 15.70 49.61
CA ASN A 119 -16.06 15.17 48.30
C ASN A 119 -15.06 16.09 47.62
N MET A 120 -14.07 15.50 46.95
CA MET A 120 -13.25 16.21 45.97
C MET A 120 -13.82 15.89 44.59
N THR A 121 -14.16 16.93 43.83
CA THR A 121 -14.79 16.79 42.52
C THR A 121 -13.75 17.10 41.45
N CYS A 122 -13.29 16.05 40.77
CA CYS A 122 -12.35 16.20 39.67
C CYS A 122 -13.14 16.08 38.37
N THR A 123 -13.03 17.10 37.53
CA THR A 123 -13.61 17.10 36.20
C THR A 123 -12.51 17.42 35.19
N TRP A 124 -12.87 17.39 33.91
CA TRP A 124 -11.90 17.59 32.84
C TRP A 124 -12.63 17.73 31.53
N ASN A 125 -11.93 18.27 30.53
CA ASN A 125 -12.43 18.33 29.17
C ASN A 125 -12.03 17.05 28.47
N ALA A 126 -13.00 16.15 28.28
CA ALA A 126 -12.73 14.92 27.53
C ALA A 126 -12.33 15.23 26.10
N GLY A 127 -12.97 16.25 25.51
CA GLY A 127 -12.60 16.67 24.18
C GLY A 127 -13.54 16.15 23.11
N LYS A 128 -12.97 15.78 21.96
CA LYS A 128 -13.78 15.36 20.83
C LYS A 128 -14.71 14.21 21.21
N LEU A 129 -15.96 14.33 20.77
CA LEU A 129 -16.92 13.26 20.93
C LEU A 129 -16.38 12.00 20.27
N THR A 130 -16.41 10.89 21.00
CA THR A 130 -15.92 9.61 20.50
C THR A 130 -17.03 8.67 20.05
N TYR A 131 -18.27 8.95 20.41
CA TYR A 131 -19.42 8.14 19.98
C TYR A 131 -19.42 6.76 20.61
N ILE A 132 -18.29 6.04 20.52
CA ILE A 132 -18.23 4.68 21.04
C ILE A 132 -17.99 4.72 22.55
N ASP A 133 -18.01 3.55 23.17
CA ASP A 133 -17.86 3.41 24.62
C ASP A 133 -16.42 3.70 25.01
N THR A 134 -16.20 4.80 25.74
CA THR A 134 -14.91 5.10 26.31
C THR A 134 -15.03 5.20 27.83
N LYS A 135 -13.96 4.82 28.51
CA LYS A 135 -13.91 4.82 29.96
C LYS A 135 -12.91 5.86 30.41
N TYR A 136 -13.00 6.21 31.69
CA TYR A 136 -12.10 7.17 32.31
C TYR A 136 -11.63 6.59 33.64
N VAL A 137 -10.33 6.60 33.85
CA VAL A 137 -9.71 6.16 35.10
C VAL A 137 -8.99 7.36 35.69
N VAL A 138 -9.48 7.84 36.83
CA VAL A 138 -8.84 8.95 37.54
C VAL A 138 -7.88 8.35 38.55
N HIS A 139 -6.59 8.69 38.43
CA HIS A 139 -5.58 8.23 39.36
C HIS A 139 -5.33 9.31 40.40
N VAL A 140 -5.08 8.89 41.63
CA VAL A 140 -4.81 9.81 42.74
C VAL A 140 -3.58 9.30 43.46
N LYS A 141 -2.55 10.14 43.54
CA LYS A 141 -1.28 9.79 44.18
C LYS A 141 -0.98 10.80 45.30
N SER A 142 -0.70 10.27 46.49
CA SER A 142 -0.31 11.12 47.61
C SER A 142 1.17 11.44 47.52
N LEU A 143 1.51 12.73 47.42
CA LEU A 143 2.91 13.13 47.40
C LEU A 143 3.61 12.79 48.71
N GLU A 144 2.86 12.60 49.80
CA GLU A 144 3.46 12.23 51.07
C GLU A 144 3.83 10.75 51.10
N THR A 145 2.85 9.88 50.89
CA THR A 145 3.03 8.45 51.10
C THR A 145 3.15 7.66 49.79
N GLU A 146 2.80 8.25 48.65
CA GLU A 146 2.83 7.60 47.33
C GLU A 146 1.80 6.50 47.19
N GLU A 147 0.73 6.53 47.98
CA GLU A 147 -0.39 5.62 47.77
C GLU A 147 -1.19 6.06 46.54
N GLU A 148 -1.43 5.12 45.64
CA GLU A 148 -2.14 5.40 44.40
C GLU A 148 -3.50 4.72 44.42
N GLN A 149 -4.56 5.49 44.17
CA GLN A 149 -5.89 4.96 44.02
C GLN A 149 -6.38 5.23 42.60
N GLN A 150 -7.15 4.29 42.06
CA GLN A 150 -7.77 4.43 40.75
C GLN A 150 -9.29 4.42 40.90
N TYR A 151 -9.95 5.30 40.14
CA TYR A 151 -11.40 5.41 40.17
C TYR A 151 -11.92 5.36 38.74
N LEU A 152 -12.89 4.47 38.50
CA LEU A 152 -13.48 4.31 37.17
C LEU A 152 -14.75 5.14 37.07
N THR A 153 -14.90 5.83 35.96
CA THR A 153 -16.07 6.67 35.73
C THR A 153 -16.26 6.88 34.25
N SER A 154 -17.50 7.18 33.87
CA SER A 154 -17.82 7.54 32.49
C SER A 154 -18.08 9.02 32.31
N SER A 155 -18.13 9.78 33.41
CA SER A 155 -18.22 11.23 33.37
C SER A 155 -17.12 11.85 34.22
N TYR A 156 -17.44 12.32 35.41
CA TYR A 156 -16.46 12.85 36.36
C TYR A 156 -16.44 11.96 37.60
N ILE A 157 -15.77 12.44 38.65
CA ILE A 157 -15.56 11.63 39.85
C ILE A 157 -15.66 12.50 41.09
N ASN A 158 -16.29 11.95 42.14
CA ASN A 158 -16.24 12.51 43.48
C ASN A 158 -15.43 11.55 44.34
N ILE A 159 -14.27 12.00 44.80
CA ILE A 159 -13.43 11.23 45.71
C ILE A 159 -13.77 11.67 47.13
N SER A 160 -14.16 10.69 47.95
CA SER A 160 -14.52 11.00 49.33
C SER A 160 -13.31 11.51 50.09
N THR A 161 -13.51 12.60 50.83
CA THR A 161 -12.42 13.23 51.53
C THR A 161 -11.77 12.31 52.56
N ASP A 162 -12.47 11.26 52.99
CA ASP A 162 -11.90 10.33 53.95
C ASP A 162 -10.81 9.46 53.33
N SER A 163 -10.71 9.42 52.02
CA SER A 163 -9.64 8.71 51.33
C SER A 163 -8.46 9.62 50.99
N LEU A 164 -8.56 10.90 51.33
CA LEU A 164 -7.49 11.86 51.09
C LEU A 164 -6.89 12.36 52.39
N GLN A 165 -6.65 11.44 53.33
CA GLN A 165 -6.08 11.80 54.63
C GLN A 165 -4.60 11.50 54.73
N GLY A 166 -3.97 11.06 53.63
CA GLY A 166 -2.54 10.84 53.59
C GLY A 166 -1.80 12.07 53.10
N GLY A 167 -1.74 13.09 53.94
CA GLY A 167 -1.16 14.36 53.53
C GLY A 167 -2.17 15.20 52.77
N LYS A 168 -1.68 16.35 52.28
CA LYS A 168 -2.52 17.31 51.60
C LYS A 168 -2.13 17.56 50.15
N LYS A 169 -0.89 17.27 49.78
CA LYS A 169 -0.43 17.43 48.41
C LYS A 169 -0.71 16.14 47.64
N TYR A 170 -1.39 16.27 46.49
CA TYR A 170 -1.80 15.10 45.72
C TYR A 170 -1.52 15.33 44.25
N LEU A 171 -1.45 14.22 43.51
CA LEU A 171 -1.32 14.22 42.06
C LEU A 171 -2.50 13.49 41.45
N VAL A 172 -3.14 14.10 40.45
CA VAL A 172 -4.30 13.54 39.79
C VAL A 172 -4.09 13.62 38.29
N TRP A 173 -4.25 12.49 37.60
CA TRP A 173 -4.30 12.47 36.14
C TRP A 173 -5.45 11.57 35.70
N VAL A 174 -5.94 11.84 34.48
CA VAL A 174 -7.13 11.22 33.94
C VAL A 174 -6.75 10.46 32.67
N GLN A 175 -7.05 9.17 32.64
CA GLN A 175 -6.74 8.31 31.52
C GLN A 175 -8.03 7.92 30.80
N ALA A 176 -8.04 8.08 29.48
CA ALA A 176 -9.21 7.80 28.64
C ALA A 176 -8.88 6.67 27.69
N ALA A 177 -9.87 5.80 27.45
CA ALA A 177 -9.64 4.62 26.64
C ALA A 177 -10.95 4.13 26.05
N ASN A 178 -10.88 3.75 24.77
CA ASN A 178 -11.95 3.01 24.12
C ASN A 178 -11.30 2.01 23.18
N ALA A 179 -12.11 1.36 22.34
CA ALA A 179 -11.58 0.32 21.45
C ALA A 179 -10.61 0.85 20.41
N LEU A 180 -10.53 2.16 20.22
CA LEU A 180 -9.70 2.74 19.18
C LEU A 180 -8.46 3.45 19.71
N GLY A 181 -8.30 3.58 21.01
CA GLY A 181 -7.16 4.31 21.52
C GLY A 181 -7.23 4.47 23.02
N MET A 182 -6.14 5.03 23.56
CA MET A 182 -6.01 5.18 25.00
C MET A 182 -5.03 6.32 25.26
N GLU A 183 -5.54 7.45 25.76
CA GLU A 183 -4.74 8.61 26.10
C GLU A 183 -4.68 8.80 27.61
N GLU A 184 -3.80 9.72 28.03
CA GLU A 184 -3.57 10.00 29.43
C GLU A 184 -3.24 11.48 29.58
N SER A 185 -3.69 12.07 30.69
CA SER A 185 -3.57 13.51 30.87
C SER A 185 -2.28 13.89 31.56
N LYS A 186 -1.92 15.16 31.44
CA LYS A 186 -0.82 15.70 32.23
C LYS A 186 -1.24 15.79 33.69
N GLN A 187 -0.30 15.51 34.59
CA GLN A 187 -0.62 15.41 36.01
C GLN A 187 -0.94 16.77 36.60
N LEU A 188 -1.98 16.81 37.43
CA LEU A 188 -2.36 18.00 38.18
C LEU A 188 -1.97 17.80 39.64
N GLN A 189 -1.18 18.73 40.17
CA GLN A 189 -0.87 18.73 41.59
C GLN A 189 -1.80 19.70 42.30
N ILE A 190 -2.39 19.23 43.39
CA ILE A 190 -3.36 19.99 44.17
C ILE A 190 -2.95 19.95 45.63
N HIS A 191 -3.31 21.00 46.36
CA HIS A 191 -3.24 21.02 47.82
C HIS A 191 -4.65 21.13 48.33
N LEU A 192 -5.05 20.19 49.20
CA LEU A 192 -6.45 20.11 49.60
C LEU A 192 -6.95 21.43 50.16
N ASP A 193 -6.08 22.22 50.80
CA ASP A 193 -6.50 23.48 51.36
C ASP A 193 -6.59 24.60 50.32
N ASP A 194 -6.10 24.39 49.11
CA ASP A 194 -6.04 25.43 48.09
C ASP A 194 -7.17 25.35 47.07
N ILE A 195 -8.02 24.33 47.14
CA ILE A 195 -9.00 24.06 46.10
C ILE A 195 -10.43 24.15 46.65
N VAL A 196 -10.63 24.88 47.73
CA VAL A 196 -11.92 24.93 48.41
C VAL A 196 -12.76 26.06 47.83
N ILE A 197 -14.06 25.77 47.69
CA ILE A 197 -15.03 26.73 47.17
C ILE A 197 -16.06 26.96 48.28
N PRO A 198 -16.31 28.20 48.69
CA PRO A 198 -17.26 28.41 49.80
C PRO A 198 -18.67 27.97 49.42
N SER A 199 -19.41 27.53 50.44
CA SER A 199 -20.80 27.16 50.28
C SER A 199 -21.54 28.17 49.42
N ALA A 200 -22.48 27.67 48.61
CA ALA A 200 -23.14 28.52 47.63
C ALA A 200 -23.68 29.79 48.27
N ALA A 201 -23.78 30.83 47.44
CA ALA A 201 -24.44 32.08 47.80
C ALA A 201 -25.73 32.19 47.01
N VAL A 202 -26.77 32.71 47.63
CA VAL A 202 -28.09 32.74 47.03
C VAL A 202 -28.71 34.11 47.24
N ILE A 203 -29.47 34.54 46.24
CA ILE A 203 -30.27 35.75 46.31
C ILE A 203 -31.70 35.37 46.68
N SER A 204 -32.37 36.25 47.41
CA SER A 204 -33.69 35.93 47.92
C SER A 204 -34.71 37.01 47.61
N ARG A 205 -34.55 38.19 48.18
CA ARG A 205 -35.58 39.23 48.11
C ARG A 205 -35.08 40.40 47.27
N ALA A 206 -36.00 40.97 46.49
CA ALA A 206 -35.74 42.15 45.68
C ALA A 206 -36.02 43.41 46.49
N THR A 216 -34.09 47.83 44.50
CA THR A 216 -33.20 48.79 45.14
C THR A 216 -32.33 48.11 46.21
N ILE A 217 -32.90 47.15 46.92
CA ILE A 217 -32.19 46.40 47.96
C ILE A 217 -32.31 44.92 47.64
N ILE A 218 -31.18 44.21 47.68
CA ILE A 218 -31.11 42.79 47.34
C ILE A 218 -30.56 42.05 48.55
N TYR A 219 -31.31 41.08 49.06
CA TYR A 219 -30.89 40.27 50.21
C TYR A 219 -30.32 38.95 49.72
N TRP A 220 -29.13 38.61 50.21
CA TRP A 220 -28.45 37.36 49.85
C TRP A 220 -27.62 36.91 51.05
N ASP A 221 -27.27 35.63 51.06
CA ASP A 221 -26.57 35.05 52.21
C ASP A 221 -25.97 33.71 51.82
N SER A 222 -24.99 33.27 52.62
CA SER A 222 -24.34 31.97 52.46
C SER A 222 -24.06 31.37 53.83
N GLN A 223 -24.04 30.04 53.88
CA GLN A 223 -23.75 29.31 55.10
C GLN A 223 -22.26 29.02 55.27
N THR A 224 -21.42 29.60 54.43
CA THR A 224 -19.98 29.37 54.54
C THR A 224 -19.50 29.74 55.93
N THR A 225 -18.41 29.08 56.35
CA THR A 225 -17.69 29.44 57.56
C THR A 225 -16.22 29.71 57.27
N ILE A 226 -15.89 30.00 56.01
CA ILE A 226 -14.51 30.34 55.64
C ILE A 226 -14.17 31.69 56.24
N GLU A 227 -13.00 31.79 56.87
CA GLU A 227 -12.62 33.04 57.54
C GLU A 227 -12.63 34.19 56.56
N LYS A 228 -11.84 34.10 55.49
CA LYS A 228 -11.64 35.18 54.53
C LYS A 228 -12.38 34.83 53.24
N VAL A 229 -13.48 35.55 52.99
CA VAL A 229 -14.30 35.34 51.80
C VAL A 229 -14.39 36.66 51.04
N SER A 230 -14.20 36.58 49.72
CA SER A 230 -14.43 37.71 48.82
C SER A 230 -15.53 37.35 47.85
N CYS A 231 -16.32 38.34 47.47
CA CYS A 231 -17.48 38.13 46.62
C CYS A 231 -17.49 39.13 45.49
N GLU A 232 -18.39 38.88 44.54
CA GLU A 232 -18.62 39.77 43.41
C GLU A 232 -20.09 39.70 43.07
N MET A 233 -20.76 40.86 43.07
CA MET A 233 -22.14 40.99 42.64
C MET A 233 -22.15 41.86 41.40
N ARG A 234 -22.74 41.35 40.32
CA ARG A 234 -22.85 42.09 39.07
C ARG A 234 -24.32 42.27 38.73
N TYR A 235 -24.69 43.50 38.36
CA TYR A 235 -26.05 43.86 37.98
C TYR A 235 -26.03 44.38 36.55
N LYS A 236 -27.23 44.58 36.00
CA LYS A 236 -27.35 44.94 34.60
C LYS A 236 -28.81 45.06 34.19
N ALA A 237 -29.15 46.14 33.50
CA ALA A 237 -30.45 46.19 32.84
C ALA A 237 -30.56 45.01 31.90
N THR A 238 -31.67 44.28 31.99
CA THR A 238 -31.90 43.09 31.18
C THR A 238 -31.49 43.32 29.73
N THR A 239 -31.74 44.52 29.20
CA THR A 239 -31.46 44.83 27.80
C THR A 239 -30.07 45.42 27.57
N ASN A 240 -29.42 45.96 28.60
CA ASN A 240 -28.01 46.34 28.47
C ASN A 240 -27.18 45.07 28.30
N GLN A 241 -25.93 45.25 27.85
CA GLN A 241 -25.03 44.13 27.60
C GLN A 241 -23.72 44.21 28.35
N THR A 242 -23.36 45.35 28.92
CA THR A 242 -22.18 45.48 29.76
C THR A 242 -22.58 45.23 31.22
N TRP A 243 -21.91 44.28 31.86
CA TRP A 243 -22.15 44.00 33.26
C TRP A 243 -21.55 45.10 34.14
N ASN A 244 -22.08 45.21 35.37
CA ASN A 244 -21.60 46.15 36.37
C ASN A 244 -21.24 45.35 37.63
N VAL A 245 -19.95 45.10 37.83
CA VAL A 245 -19.48 44.25 38.93
C VAL A 245 -19.12 45.12 40.13
N LYS A 246 -19.71 44.81 41.28
CA LYS A 246 -19.42 45.47 42.55
C LYS A 246 -18.67 44.48 43.43
N GLU A 247 -17.37 44.71 43.61
CA GLU A 247 -16.51 43.75 44.30
C GLU A 247 -16.62 43.93 45.81
N PHE A 248 -16.84 42.82 46.51
CA PHE A 248 -17.01 42.79 47.95
C PHE A 248 -15.81 42.11 48.62
N ASP A 249 -15.84 42.11 49.95
CA ASP A 249 -14.96 41.31 50.80
C ASP A 249 -15.81 41.01 52.06
N THR A 250 -16.76 40.10 51.89
CA THR A 250 -17.95 40.05 52.74
C THR A 250 -17.68 39.28 54.03
N ASN A 251 -18.74 39.18 54.84
CA ASN A 251 -18.65 38.60 56.18
C ASN A 251 -20.06 38.12 56.53
N PHE A 252 -20.30 36.81 56.36
CA PHE A 252 -21.65 36.27 56.46
C PHE A 252 -22.09 36.08 57.91
N THR A 253 -21.59 36.91 58.81
CA THR A 253 -22.09 36.89 60.18
C THR A 253 -23.61 37.04 60.17
N TYR A 254 -24.09 38.20 59.74
CA TYR A 254 -25.50 38.44 59.49
C TYR A 254 -25.75 38.36 57.97
N VAL A 255 -26.99 38.62 57.58
CA VAL A 255 -27.35 38.57 56.16
C VAL A 255 -26.62 39.67 55.41
N GLN A 256 -26.25 39.38 54.16
CA GLN A 256 -25.63 40.36 53.27
C GLN A 256 -26.73 41.05 52.47
N GLN A 257 -27.00 42.31 52.79
CA GLN A 257 -27.87 43.16 51.98
C GLN A 257 -27.00 44.10 51.17
N SER A 258 -27.43 44.38 49.94
CA SER A 258 -26.68 45.25 49.04
C SER A 258 -27.67 46.24 48.40
N GLU A 259 -27.39 47.53 48.56
CA GLU A 259 -28.25 48.58 48.04
C GLU A 259 -27.79 49.01 46.66
N PHE A 260 -28.75 49.23 45.77
CA PHE A 260 -28.46 49.61 44.40
C PHE A 260 -29.43 50.69 43.94
N TYR A 261 -28.89 51.80 43.46
CA TYR A 261 -29.68 52.76 42.70
C TYR A 261 -30.14 52.14 41.39
N LEU A 262 -31.27 52.62 40.87
CA LEU A 262 -31.73 52.12 39.58
C LEU A 262 -32.95 52.92 39.12
N GLU A 263 -33.16 52.91 37.80
CA GLU A 263 -34.24 53.64 37.17
C GLU A 263 -35.59 53.00 37.52
N PRO A 264 -36.69 53.69 37.24
CA PRO A 264 -38.00 53.22 37.72
C PRO A 264 -38.50 51.95 37.02
N ASN A 265 -39.31 52.10 35.97
CA ASN A 265 -40.03 50.96 35.39
C ASN A 265 -39.14 50.24 34.37
N ILE A 266 -38.13 49.56 34.90
CA ILE A 266 -37.16 48.84 34.09
C ILE A 266 -36.85 47.52 34.79
N LYS A 267 -36.59 46.49 33.99
CA LYS A 267 -36.32 45.14 34.50
C LYS A 267 -34.81 44.91 34.54
N TYR A 268 -34.33 44.38 35.66
CA TYR A 268 -32.89 44.19 35.89
C TYR A 268 -32.59 42.71 36.16
N VAL A 269 -31.29 42.42 36.29
CA VAL A 269 -30.80 41.07 36.52
C VAL A 269 -29.59 41.14 37.45
N PHE A 270 -29.48 40.16 38.35
CA PHE A 270 -28.41 40.14 39.34
C PHE A 270 -27.82 38.74 39.46
N GLN A 271 -26.52 38.69 39.71
CA GLN A 271 -25.83 37.45 40.03
C GLN A 271 -24.74 37.77 41.04
N VAL A 272 -24.31 36.74 41.78
CA VAL A 272 -23.26 36.89 42.77
C VAL A 272 -22.42 35.63 42.79
N ARG A 273 -21.15 35.77 43.14
CA ARG A 273 -20.26 34.64 43.28
C ARG A 273 -19.19 34.99 44.29
N CYS A 274 -18.67 33.98 44.98
CA CYS A 274 -17.73 34.18 46.08
C CYS A 274 -16.63 33.13 46.02
N GLN A 275 -15.56 33.40 46.77
CA GLN A 275 -14.41 32.51 46.83
C GLN A 275 -13.70 32.73 48.15
N GLU A 276 -12.81 31.79 48.50
CA GLU A 276 -11.93 31.96 49.64
C GLU A 276 -10.84 32.95 49.25
N THR A 277 -10.89 34.15 49.83
CA THR A 277 -10.01 35.26 49.47
C THR A 277 -8.60 34.78 49.11
N GLY A 278 -8.26 34.87 47.83
CA GLY A 278 -6.93 34.56 47.36
C GLY A 278 -6.81 33.22 46.67
N LYS A 279 -7.70 32.27 46.96
CA LYS A 279 -7.60 30.94 46.39
C LYS A 279 -7.78 31.00 44.87
N ARG A 280 -7.45 29.89 44.21
CA ARG A 280 -7.49 29.85 42.76
C ARG A 280 -8.93 29.99 42.24
N TYR A 281 -9.78 29.03 42.55
CA TYR A 281 -11.09 28.96 41.93
C TYR A 281 -12.11 29.85 42.64
N TRP A 282 -13.20 30.13 41.94
CA TRP A 282 -14.39 30.75 42.48
C TRP A 282 -15.51 29.71 42.56
N GLN A 283 -16.73 30.18 42.72
CA GLN A 283 -17.92 29.37 42.53
C GLN A 283 -18.71 29.89 41.34
N PRO A 284 -19.54 29.06 40.73
CA PRO A 284 -20.34 29.54 39.59
C PRO A 284 -21.19 30.72 40.00
N TRP A 285 -21.42 31.62 39.03
CA TRP A 285 -22.34 32.72 39.27
C TRP A 285 -23.70 32.18 39.70
N SER A 286 -24.41 32.97 40.50
CA SER A 286 -25.75 32.60 40.91
C SER A 286 -26.66 32.48 39.70
N SER A 287 -27.82 31.87 39.92
CA SER A 287 -28.87 31.91 38.93
C SER A 287 -29.39 33.34 38.79
N LEU A 288 -30.03 33.62 37.66
CA LEU A 288 -30.50 34.97 37.39
C LEU A 288 -31.61 35.35 38.36
N PHE A 289 -31.42 36.43 39.10
CA PHE A 289 -32.47 37.03 39.89
C PHE A 289 -33.00 38.26 39.16
N PHE A 290 -34.20 38.14 38.62
CA PHE A 290 -34.81 39.24 37.89
C PHE A 290 -35.52 40.18 38.86
N HIS A 291 -35.80 41.39 38.38
CA HIS A 291 -36.48 42.39 39.19
C HIS A 291 -36.97 43.55 38.34
N LYS A 292 -38.29 43.69 38.20
CA LYS A 292 -38.90 44.81 37.50
C LYS A 292 -39.31 45.84 38.56
N THR A 293 -38.67 46.99 38.54
CA THR A 293 -38.93 48.01 39.55
C THR A 293 -40.13 48.88 39.18
N PRO A 294 -40.72 49.56 40.15
CA PRO A 294 -41.96 50.31 39.90
C PRO A 294 -41.70 51.67 39.28
N GLU A 295 -42.80 52.31 38.88
CA GLU A 295 -42.72 53.60 38.21
C GLU A 295 -43.14 54.73 39.14
N ILE B 3 31.78 8.61 -25.04
CA ILE B 3 31.75 8.18 -23.64
C ILE B 3 33.14 7.78 -23.18
N THR B 4 33.39 7.89 -21.88
CA THR B 4 34.67 7.54 -21.27
C THR B 4 34.39 6.79 -19.97
N ASN B 5 34.84 5.54 -19.91
CA ASN B 5 34.45 4.62 -18.83
C ASN B 5 35.27 4.88 -17.59
N ILE B 6 34.64 5.44 -16.56
CA ILE B 6 35.27 5.57 -15.25
C ILE B 6 35.09 4.27 -14.51
N ASN B 7 36.20 3.58 -14.23
CA ASN B 7 36.13 2.35 -13.44
C ASN B 7 35.56 2.66 -12.06
N CYS B 8 34.38 2.12 -11.78
CA CYS B 8 33.80 2.27 -10.46
C CYS B 8 34.42 1.27 -9.50
N SER B 9 34.36 1.61 -8.21
CA SER B 9 34.84 0.74 -7.14
C SER B 9 33.69 0.47 -6.18
N GLY B 10 32.63 -0.17 -6.68
CA GLY B 10 31.32 -0.27 -6.08
C GLY B 10 30.27 0.09 -7.11
N HIS B 11 29.02 0.20 -6.66
CA HIS B 11 27.96 0.48 -7.61
C HIS B 11 26.81 1.23 -6.96
N ILE B 12 25.95 1.77 -7.82
CA ILE B 12 24.77 2.54 -7.46
C ILE B 12 23.56 1.90 -8.11
N TRP B 13 22.44 1.84 -7.40
CA TRP B 13 21.17 1.51 -8.03
C TRP B 13 20.11 2.45 -7.50
N VAL B 14 19.05 2.60 -8.29
CA VAL B 14 17.95 3.50 -7.99
C VAL B 14 16.66 2.71 -7.93
N GLU B 15 15.96 2.84 -6.86
CA GLU B 15 14.59 2.38 -6.80
C GLU B 15 13.67 3.57 -7.03
N PRO B 16 12.64 3.45 -7.89
CA PRO B 16 12.19 2.27 -8.63
C PRO B 16 13.09 1.89 -9.78
N ALA B 17 13.74 2.87 -10.37
CA ALA B 17 14.53 2.71 -11.59
C ALA B 17 15.27 4.00 -11.85
N THR B 18 16.35 3.90 -12.64
CA THR B 18 17.10 5.11 -12.97
C THR B 18 16.27 6.07 -13.81
N ILE B 19 15.29 5.55 -14.55
CA ILE B 19 14.31 6.36 -15.26
C ILE B 19 12.96 6.08 -14.61
N PHE B 20 12.23 7.15 -14.30
CA PHE B 20 11.01 7.05 -13.50
C PHE B 20 10.10 8.22 -13.85
N LYS B 21 8.85 8.12 -13.41
CA LYS B 21 7.88 9.17 -13.69
C LYS B 21 8.24 10.44 -12.94
N MET B 22 8.01 11.60 -13.57
CA MET B 22 8.33 12.86 -12.93
C MET B 22 7.47 13.07 -11.69
N GLY B 23 8.10 13.60 -10.63
CA GLY B 23 7.42 13.84 -9.38
C GLY B 23 7.44 12.67 -8.40
N MET B 24 8.08 11.57 -8.76
CA MET B 24 8.17 10.43 -7.87
C MET B 24 9.18 10.69 -6.75
N ASN B 25 9.03 9.94 -5.67
CA ASN B 25 10.05 9.81 -4.65
C ASN B 25 10.99 8.67 -5.05
N ILE B 26 12.29 8.89 -4.91
CA ILE B 26 13.28 7.91 -5.34
C ILE B 26 14.29 7.65 -4.23
N SER B 27 14.90 6.48 -4.30
CA SER B 27 15.92 6.03 -3.36
C SER B 27 17.18 5.70 -4.14
N ILE B 28 18.25 6.44 -3.88
CA ILE B 28 19.52 6.27 -4.58
C ILE B 28 20.46 5.54 -3.62
N TYR B 29 20.65 4.24 -3.85
CA TYR B 29 21.54 3.46 -3.02
C TYR B 29 22.95 3.47 -3.64
N CYS B 30 23.95 3.39 -2.76
CA CYS B 30 25.36 3.40 -3.15
C CYS B 30 26.08 2.42 -2.25
N GLN B 31 26.80 1.48 -2.86
CA GLN B 31 27.45 0.40 -2.12
C GLN B 31 28.92 0.37 -2.46
N ALA B 32 29.77 0.33 -1.43
CA ALA B 32 31.20 0.40 -1.62
C ALA B 32 31.78 -0.98 -1.92
N ALA B 33 32.94 -0.95 -2.54
CA ALA B 33 33.65 -2.16 -2.96
C ALA B 33 35.10 -1.78 -3.20
N ILE B 34 35.75 -1.24 -2.17
CA ILE B 34 37.10 -0.68 -2.28
C ILE B 34 38.05 -1.62 -1.57
N LYS B 35 39.12 -2.02 -2.25
CA LYS B 35 40.12 -2.90 -1.67
C LYS B 35 40.68 -2.30 -0.39
N ASN B 36 40.42 -2.95 0.75
CA ASN B 36 41.03 -2.59 2.03
C ASN B 36 40.53 -1.23 2.53
N CYS B 37 39.22 -1.00 2.42
CA CYS B 37 38.65 0.26 2.92
C CYS B 37 37.23 -0.03 3.41
N GLN B 38 37.08 -0.18 4.73
CA GLN B 38 35.77 -0.20 5.35
C GLN B 38 35.36 1.25 5.60
N PRO B 39 34.50 1.83 4.75
CA PRO B 39 34.31 3.28 4.80
C PRO B 39 33.89 3.77 6.18
N ARG B 40 34.32 4.99 6.51
CA ARG B 40 33.84 5.68 7.69
C ARG B 40 32.57 6.46 7.38
N LYS B 41 32.50 7.06 6.19
CA LYS B 41 31.34 7.81 5.75
C LYS B 41 31.14 7.56 4.27
N LEU B 42 29.90 7.71 3.82
CA LEU B 42 29.56 7.67 2.40
C LEU B 42 28.88 8.98 2.03
N HIS B 43 29.38 9.63 0.97
CA HIS B 43 28.92 10.95 0.57
C HIS B 43 28.24 10.87 -0.79
N PHE B 44 27.13 11.60 -0.93
CA PHE B 44 26.39 11.69 -2.19
C PHE B 44 26.48 13.11 -2.74
N TYR B 45 26.67 13.21 -4.05
CA TYR B 45 26.73 14.50 -4.74
C TYR B 45 25.84 14.45 -5.98
N LYS B 46 25.10 15.53 -6.21
CA LYS B 46 24.32 15.70 -7.43
C LYS B 46 24.99 16.78 -8.26
N ASN B 47 25.57 16.37 -9.40
CA ASN B 47 26.24 17.27 -10.33
C ASN B 47 27.30 18.11 -9.64
N GLY B 48 27.79 17.67 -8.48
CA GLY B 48 28.88 18.32 -7.79
C GLY B 48 28.52 19.00 -6.49
N ILE B 49 27.23 19.18 -6.17
CA ILE B 49 26.82 19.75 -4.90
C ILE B 49 26.54 18.61 -3.93
N LYS B 50 26.91 18.83 -2.67
CA LYS B 50 26.85 17.77 -1.67
C LYS B 50 25.46 17.69 -1.06
N GLU B 51 24.86 16.51 -1.11
CA GLU B 51 23.61 16.25 -0.41
C GLU B 51 23.91 16.00 1.06
N ARG B 52 23.18 16.70 1.94
CA ARG B 52 23.51 16.69 3.35
C ARG B 52 22.44 16.07 4.24
N PHE B 53 21.24 15.82 3.74
CA PHE B 53 20.15 15.28 4.54
C PHE B 53 19.51 14.13 3.78
N GLN B 54 18.66 13.39 4.48
CA GLN B 54 17.96 12.24 3.92
C GLN B 54 18.93 11.16 3.45
N ILE B 55 20.12 11.13 4.03
CA ILE B 55 21.13 10.10 3.75
C ILE B 55 21.19 9.18 4.95
N THR B 56 20.93 7.89 4.72
CA THR B 56 20.86 6.90 5.79
C THR B 56 21.86 5.78 5.52
N ARG B 57 22.55 5.36 6.57
CA ARG B 57 23.53 4.28 6.49
C ARG B 57 22.82 2.95 6.73
N ILE B 58 22.88 2.06 5.76
CA ILE B 58 22.16 0.79 5.83
C ILE B 58 23.00 -0.22 6.60
N ASN B 59 24.14 -0.60 6.04
CA ASN B 59 25.10 -1.44 6.77
C ASN B 59 26.50 -0.85 6.53
N LYS B 60 27.54 -1.58 6.97
CA LYS B 60 28.88 -1.01 6.97
C LYS B 60 29.33 -0.58 5.58
N THR B 61 28.67 -1.04 4.52
CA THR B 61 29.17 -0.85 3.17
C THR B 61 28.26 -0.05 2.25
N THR B 62 26.98 0.14 2.58
CA THR B 62 26.05 0.79 1.67
C THR B 62 25.17 1.80 2.40
N ALA B 63 24.77 2.83 1.66
CA ALA B 63 23.96 3.93 2.19
C ALA B 63 22.90 4.31 1.16
N ARG B 64 21.80 4.89 1.65
CA ARG B 64 20.69 5.30 0.82
C ARG B 64 20.55 6.83 0.85
N LEU B 65 20.21 7.40 -0.31
CA LEU B 65 19.79 8.78 -0.43
C LEU B 65 18.36 8.81 -0.93
N TRP B 66 17.55 9.71 -0.37
CA TRP B 66 16.13 9.77 -0.63
C TRP B 66 15.76 11.17 -1.13
N TYR B 67 15.01 11.22 -2.24
CA TYR B 67 14.51 12.48 -2.78
C TYR B 67 12.99 12.43 -2.74
N LYS B 68 12.39 13.52 -2.25
CA LYS B 68 10.94 13.63 -2.22
C LYS B 68 10.50 14.38 -3.47
N ASN B 69 9.58 13.78 -4.23
CA ASN B 69 8.97 14.46 -5.36
C ASN B 69 10.04 15.03 -6.28
N PHE B 70 10.65 14.16 -7.09
CA PHE B 70 11.77 14.53 -7.95
C PHE B 70 11.25 14.92 -9.32
N LEU B 71 11.59 16.14 -9.74
CA LEU B 71 11.07 16.70 -10.99
C LEU B 71 12.14 17.03 -12.02
N GLU B 72 13.41 17.08 -11.65
CA GLU B 72 14.45 17.40 -12.61
C GLU B 72 14.45 16.34 -13.72
N PRO B 73 14.33 16.72 -14.99
CA PRO B 73 14.29 15.71 -16.04
C PRO B 73 15.55 14.87 -16.11
N HIS B 74 16.70 15.44 -15.76
CA HIS B 74 17.94 14.69 -15.74
C HIS B 74 18.82 15.21 -14.61
N ALA B 75 19.75 14.35 -14.19
CA ALA B 75 20.73 14.69 -13.17
C ALA B 75 21.71 13.54 -13.07
N SER B 76 22.97 13.87 -12.76
CA SER B 76 24.01 12.87 -12.60
C SER B 76 24.48 12.86 -11.14
N MET B 77 24.73 11.66 -10.62
CA MET B 77 25.00 11.44 -9.22
C MET B 77 26.38 10.82 -9.06
N TYR B 78 27.10 11.27 -8.04
CA TYR B 78 28.36 10.67 -7.64
C TYR B 78 28.28 10.34 -6.16
N CYS B 79 28.71 9.15 -5.77
CA CYS B 79 28.89 8.84 -4.36
C CYS B 79 30.35 8.43 -4.13
N THR B 80 30.89 8.85 -2.99
CA THR B 80 32.28 8.67 -2.62
C THR B 80 32.33 8.11 -1.21
N ALA B 81 33.52 7.65 -0.83
CA ALA B 81 33.73 7.02 0.47
C ALA B 81 34.95 7.62 1.15
N GLU B 82 34.77 8.02 2.41
CA GLU B 82 35.89 8.42 3.25
C GLU B 82 36.58 7.16 3.77
N CYS B 83 37.81 6.92 3.34
CA CYS B 83 38.48 5.69 3.72
C CYS B 83 39.39 5.91 4.91
N PRO B 84 39.47 4.97 5.85
CA PRO B 84 40.43 5.13 6.96
C PRO B 84 41.85 5.18 6.44
N LYS B 85 42.66 6.05 7.03
CA LYS B 85 44.01 6.31 6.56
C LYS B 85 44.01 7.13 5.28
N HIS B 86 43.00 7.97 5.09
CA HIS B 86 42.91 8.84 3.92
C HIS B 86 42.18 10.10 4.32
N PHE B 87 42.89 11.23 4.34
CA PHE B 87 42.24 12.51 4.56
C PHE B 87 41.34 12.90 3.39
N GLN B 88 41.41 12.17 2.28
CA GLN B 88 40.71 12.50 1.04
C GLN B 88 39.59 11.50 0.77
N GLU B 89 38.95 11.64 -0.39
CA GLU B 89 37.70 10.96 -0.70
C GLU B 89 37.88 10.07 -1.92
N THR B 90 37.59 8.78 -1.76
CA THR B 90 37.68 7.82 -2.84
C THR B 90 36.35 7.75 -3.58
N LEU B 91 36.40 7.85 -4.91
CA LEU B 91 35.18 7.75 -5.70
C LEU B 91 34.70 6.31 -5.75
N ILE B 92 33.41 6.12 -5.54
CA ILE B 92 32.82 4.79 -5.56
C ILE B 92 32.23 4.54 -6.94
N CYS B 93 31.29 5.39 -7.35
CA CYS B 93 30.66 5.26 -8.65
C CYS B 93 29.80 6.49 -8.91
N GLY B 94 29.17 6.50 -10.09
CA GLY B 94 28.24 7.56 -10.47
C GLY B 94 27.13 6.97 -11.32
N LYS B 95 26.08 7.77 -11.52
CA LYS B 95 24.89 7.28 -12.21
C LYS B 95 24.04 8.43 -12.72
N ASP B 96 23.71 8.39 -14.01
CA ASP B 96 22.78 9.35 -14.59
C ASP B 96 21.35 8.88 -14.33
N ILE B 97 20.49 9.79 -13.88
CA ILE B 97 19.09 9.49 -13.67
C ILE B 97 18.25 10.48 -14.46
N SER B 98 17.05 10.04 -14.84
CA SER B 98 16.16 10.82 -15.68
C SER B 98 14.73 10.60 -15.22
N SER B 99 13.92 11.64 -15.39
CA SER B 99 12.50 11.58 -15.09
C SER B 99 11.72 12.07 -16.29
N GLY B 100 10.52 11.55 -16.46
CA GLY B 100 9.71 11.93 -17.58
C GLY B 100 8.33 11.34 -17.45
N TYR B 101 7.62 11.30 -18.57
CA TYR B 101 6.27 10.79 -18.60
C TYR B 101 6.15 9.71 -19.67
N PRO B 102 5.28 8.72 -19.46
CA PRO B 102 5.09 7.68 -20.47
C PRO B 102 4.48 8.29 -21.73
N PRO B 103 4.58 7.59 -22.86
CA PRO B 103 4.11 8.20 -24.11
C PRO B 103 2.60 8.26 -24.15
N ASP B 104 2.08 9.34 -24.73
CA ASP B 104 0.68 9.39 -25.08
C ASP B 104 0.45 8.58 -26.35
N ILE B 105 -0.82 8.22 -26.58
CA ILE B 105 -1.18 7.46 -27.76
C ILE B 105 -1.07 8.36 -28.98
N PRO B 106 -0.31 8.00 -30.01
CA PRO B 106 -0.26 8.86 -31.20
C PRO B 106 -1.62 8.91 -31.88
N ASP B 107 -2.05 10.13 -32.20
CA ASP B 107 -3.30 10.33 -32.94
C ASP B 107 -3.03 11.24 -34.13
N GLU B 108 -4.07 11.65 -34.84
CA GLU B 108 -3.93 12.58 -35.96
C GLU B 108 -2.92 12.05 -37.00
N VAL B 109 -2.79 10.74 -37.09
CA VAL B 109 -1.88 10.14 -38.05
C VAL B 109 -2.37 10.47 -39.46
N THR B 110 -1.49 11.05 -40.28
CA THR B 110 -1.83 11.36 -41.66
C THR B 110 -0.64 11.08 -42.56
N CYS B 111 -0.90 10.43 -43.70
CA CYS B 111 0.11 10.14 -44.69
C CYS B 111 -0.26 10.79 -46.01
N VAL B 112 0.68 11.51 -46.61
CA VAL B 112 0.45 12.23 -47.84
C VAL B 112 1.65 12.04 -48.77
N ILE B 113 1.45 12.39 -50.03
CA ILE B 113 2.50 12.39 -51.04
C ILE B 113 2.48 13.78 -51.68
N TYR B 114 3.53 14.56 -51.44
CA TYR B 114 3.66 15.86 -52.09
C TYR B 114 4.15 15.67 -53.52
N GLU B 115 3.51 16.40 -54.44
CA GLU B 115 3.86 16.28 -55.85
C GLU B 115 5.36 16.48 -56.04
N TYR B 116 5.95 15.60 -56.85
CA TYR B 116 7.36 15.62 -57.26
C TYR B 116 8.29 15.08 -56.19
N SER B 117 7.78 14.75 -54.99
CA SER B 117 8.66 14.33 -53.91
C SER B 117 9.09 12.87 -54.03
N GLY B 118 8.34 12.05 -54.75
CA GLY B 118 8.61 10.62 -54.73
C GLY B 118 8.67 10.04 -53.33
N ASN B 119 8.08 10.74 -52.36
CA ASN B 119 8.04 10.33 -50.97
C ASN B 119 6.61 10.39 -50.46
N MET B 120 6.28 9.48 -49.55
CA MET B 120 5.08 9.58 -48.73
C MET B 120 5.51 10.07 -47.36
N THR B 121 4.93 11.18 -46.90
CA THR B 121 5.24 11.75 -45.60
C THR B 121 4.11 11.43 -44.63
N CYS B 122 4.42 10.68 -43.58
CA CYS B 122 3.47 10.32 -42.54
C CYS B 122 3.79 11.09 -41.27
N THR B 123 2.82 11.85 -40.78
CA THR B 123 2.98 12.67 -39.60
C THR B 123 1.86 12.39 -38.61
N TRP B 124 2.12 12.65 -37.34
CA TRP B 124 1.16 12.36 -36.29
C TRP B 124 1.38 13.31 -35.13
N ASN B 125 0.40 13.35 -34.22
CA ASN B 125 0.46 14.18 -33.02
C ASN B 125 0.85 13.27 -31.85
N ALA B 126 2.11 13.37 -31.42
CA ALA B 126 2.60 12.51 -30.36
C ALA B 126 2.19 13.00 -28.97
N GLY B 127 1.60 14.18 -28.87
CA GLY B 127 0.98 14.63 -27.63
C GLY B 127 1.93 15.11 -26.56
N LYS B 128 1.67 14.67 -25.33
CA LYS B 128 2.40 15.15 -24.17
C LYS B 128 3.91 15.06 -24.37
N LEU B 129 4.64 16.05 -23.85
CA LEU B 129 6.09 15.97 -23.78
C LEU B 129 6.49 14.94 -22.73
N THR B 130 7.41 14.05 -23.08
CA THR B 130 7.86 12.99 -22.19
C THR B 130 9.23 13.27 -21.58
N TYR B 131 9.97 14.24 -22.12
CA TYR B 131 11.28 14.61 -21.59
C TYR B 131 12.29 13.50 -21.80
N ILE B 132 12.01 12.30 -21.31
CA ILE B 132 12.91 11.18 -21.57
C ILE B 132 12.88 10.84 -23.06
N ASP B 133 13.82 10.02 -23.51
CA ASP B 133 13.94 9.70 -24.92
C ASP B 133 12.88 8.69 -25.33
N THR B 134 12.05 9.05 -26.30
CA THR B 134 11.03 8.16 -26.84
C THR B 134 11.20 8.02 -28.34
N LYS B 135 11.26 6.78 -28.81
CA LYS B 135 11.40 6.51 -30.22
C LYS B 135 10.04 6.11 -30.79
N TYR B 136 9.91 6.26 -32.11
CA TYR B 136 8.70 5.91 -32.82
C TYR B 136 9.02 4.90 -33.92
N VAL B 137 8.13 3.93 -34.09
CA VAL B 137 8.28 2.92 -35.13
C VAL B 137 6.99 2.89 -35.93
N VAL B 138 7.07 3.22 -37.21
CA VAL B 138 5.92 3.30 -38.08
C VAL B 138 5.75 1.96 -38.79
N HIS B 139 4.52 1.46 -38.83
CA HIS B 139 4.18 0.25 -39.56
C HIS B 139 3.38 0.61 -40.81
N VAL B 140 3.56 -0.18 -41.87
CA VAL B 140 2.83 0.04 -43.12
C VAL B 140 2.44 -1.29 -43.77
N LYS B 141 1.51 -2.01 -43.15
CA LYS B 141 1.04 -3.28 -43.71
C LYS B 141 0.31 -3.02 -45.02
N SER B 142 0.76 -3.67 -46.08
CA SER B 142 0.01 -3.70 -47.32
C SER B 142 -1.31 -4.44 -47.11
N LEU B 143 -2.27 -4.17 -47.99
CA LEU B 143 -3.54 -4.87 -47.94
C LEU B 143 -3.65 -5.95 -49.00
N GLU B 144 -2.86 -5.86 -50.07
CA GLU B 144 -2.79 -6.97 -51.04
C GLU B 144 -1.78 -8.01 -50.54
N THR B 145 -0.50 -7.64 -50.53
CA THR B 145 0.54 -8.59 -50.11
C THR B 145 0.46 -8.88 -48.62
N GLU B 146 -0.05 -7.94 -47.83
CA GLU B 146 -0.06 -8.02 -46.37
C GLU B 146 1.34 -7.91 -45.76
N GLU B 147 2.37 -7.91 -46.60
CA GLU B 147 3.74 -7.83 -46.10
C GLU B 147 3.97 -6.47 -45.46
N GLU B 148 4.16 -6.46 -44.14
CA GLU B 148 4.23 -5.26 -43.34
C GLU B 148 5.67 -4.88 -43.05
N GLN B 149 5.97 -3.58 -43.09
CA GLN B 149 7.31 -3.06 -42.86
C GLN B 149 7.29 -2.05 -41.73
N GLN B 150 8.37 -2.03 -40.95
CA GLN B 150 8.50 -1.15 -39.78
C GLN B 150 9.65 -0.19 -39.98
N TYR B 151 9.40 1.10 -39.81
CA TYR B 151 10.40 2.15 -39.95
C TYR B 151 10.59 2.85 -38.62
N LEU B 152 11.80 2.80 -38.08
CA LEU B 152 12.14 3.49 -36.84
C LEU B 152 12.40 4.96 -37.12
N THR B 153 11.95 5.83 -36.21
CA THR B 153 12.16 7.26 -36.38
C THR B 153 12.00 7.97 -35.05
N SER B 154 12.62 9.13 -34.95
CA SER B 154 12.51 9.98 -33.78
C SER B 154 11.64 11.21 -34.02
N SER B 155 11.25 11.47 -35.27
CA SER B 155 10.31 12.54 -35.60
C SER B 155 9.25 12.01 -36.56
N TYR B 156 8.87 12.80 -37.57
CA TYR B 156 8.01 12.28 -38.63
C TYR B 156 8.78 11.24 -39.45
N ILE B 157 8.31 10.93 -40.65
CA ILE B 157 8.94 9.90 -41.48
C ILE B 157 8.70 10.22 -42.95
N ASN B 158 9.77 10.25 -43.74
CA ASN B 158 9.69 10.25 -45.20
C ASN B 158 9.84 8.81 -45.69
N ILE B 159 8.93 8.36 -46.55
CA ILE B 159 8.97 7.01 -47.10
C ILE B 159 9.06 7.10 -48.61
N SER B 160 10.11 6.51 -49.18
CA SER B 160 10.26 6.48 -50.62
C SER B 160 9.06 5.81 -51.26
N THR B 161 8.47 6.48 -52.25
CA THR B 161 7.36 5.88 -53.00
C THR B 161 7.77 4.55 -53.62
N ASP B 162 9.05 4.44 -54.05
CA ASP B 162 9.57 3.17 -54.55
C ASP B 162 9.30 2.04 -53.57
N SER B 163 9.56 2.29 -52.28
CA SER B 163 9.39 1.24 -51.27
C SER B 163 8.03 0.56 -51.41
N LEU B 164 7.00 1.31 -51.76
CA LEU B 164 5.64 0.79 -51.73
C LEU B 164 5.39 -0.01 -53.01
N GLN B 165 5.31 -1.33 -52.86
CA GLN B 165 5.10 -2.23 -53.99
C GLN B 165 3.72 -2.90 -53.95
N GLY B 166 3.42 -3.64 -52.89
CA GLY B 166 2.22 -4.45 -52.83
C GLY B 166 0.91 -3.67 -52.86
N GLY B 167 0.54 -3.17 -54.04
CA GLY B 167 -0.74 -2.54 -54.22
C GLY B 167 -0.74 -1.06 -53.85
N LYS B 168 -1.92 -0.46 -53.98
CA LYS B 168 -2.10 0.95 -53.65
C LYS B 168 -2.73 1.17 -52.28
N LYS B 169 -3.38 0.16 -51.72
CA LYS B 169 -4.07 0.28 -50.44
C LYS B 169 -3.15 -0.22 -49.33
N TYR B 170 -3.03 0.58 -48.27
CA TYR B 170 -2.08 0.31 -47.19
C TYR B 170 -2.68 0.72 -45.85
N LEU B 171 -2.29 -0.01 -44.80
CA LEU B 171 -2.61 0.36 -43.42
C LEU B 171 -1.36 0.93 -42.75
N VAL B 172 -1.56 1.99 -41.98
CA VAL B 172 -0.45 2.72 -41.36
C VAL B 172 -0.80 3.01 -39.91
N TRP B 173 0.14 2.75 -39.01
CA TRP B 173 -0.03 3.10 -37.60
C TRP B 173 1.36 3.24 -36.99
N VAL B 174 1.44 4.04 -35.93
CA VAL B 174 2.73 4.38 -35.32
C VAL B 174 2.70 3.97 -33.85
N GLN B 175 3.83 3.43 -33.38
CA GLN B 175 4.03 3.14 -31.98
C GLN B 175 4.88 4.22 -31.33
N ALA B 176 4.63 4.46 -30.05
CA ALA B 176 5.45 5.30 -29.21
C ALA B 176 6.01 4.44 -28.10
N ALA B 177 7.32 4.54 -27.86
CA ALA B 177 7.96 3.73 -26.84
C ALA B 177 8.97 4.59 -26.10
N ASN B 178 8.96 4.50 -24.77
CA ASN B 178 10.02 5.04 -23.94
C ASN B 178 10.15 4.16 -22.71
N ALA B 179 11.05 4.53 -21.81
CA ALA B 179 11.32 3.68 -20.65
C ALA B 179 10.11 3.49 -19.76
N LEU B 180 9.13 4.39 -19.83
CA LEU B 180 7.97 4.38 -18.94
C LEU B 180 6.70 3.80 -19.57
N GLY B 181 6.70 3.50 -20.85
CA GLY B 181 5.54 2.88 -21.46
C GLY B 181 5.67 2.79 -22.96
N MET B 182 4.63 2.19 -23.56
CA MET B 182 4.55 2.01 -25.01
C MET B 182 3.10 2.13 -25.46
N GLU B 183 2.88 2.77 -26.61
CA GLU B 183 1.53 3.02 -27.10
C GLU B 183 1.45 2.70 -28.59
N GLU B 184 0.21 2.70 -29.11
CA GLU B 184 -0.03 2.36 -30.50
C GLU B 184 -1.18 3.19 -31.04
N SER B 185 -0.99 3.78 -32.22
CA SER B 185 -2.01 4.61 -32.83
C SER B 185 -3.10 3.74 -33.48
N LYS B 186 -4.21 4.39 -33.82
CA LYS B 186 -5.26 3.72 -34.59
C LYS B 186 -4.81 3.64 -36.05
N GLN B 187 -5.14 2.53 -36.71
CA GLN B 187 -4.69 2.29 -38.07
C GLN B 187 -5.37 3.25 -39.04
N LEU B 188 -4.55 3.95 -39.82
CA LEU B 188 -5.03 4.80 -40.89
C LEU B 188 -4.89 4.03 -42.20
N GLN B 189 -6.01 3.89 -42.91
CA GLN B 189 -6.01 3.25 -44.22
C GLN B 189 -5.87 4.31 -45.30
N ILE B 190 -5.01 4.03 -46.28
CA ILE B 190 -4.69 5.01 -47.30
C ILE B 190 -4.75 4.38 -48.67
N HIS B 191 -4.81 5.24 -49.69
CA HIS B 191 -4.70 4.86 -51.08
C HIS B 191 -3.71 5.83 -51.73
N LEU B 192 -2.70 5.29 -52.41
CA LEU B 192 -1.61 6.12 -52.91
C LEU B 192 -2.08 7.11 -53.98
N ASP B 193 -3.37 7.08 -54.33
CA ASP B 193 -3.93 8.03 -55.28
C ASP B 193 -4.73 9.15 -54.62
N ASP B 194 -5.31 8.91 -53.44
CA ASP B 194 -6.07 9.93 -52.75
C ASP B 194 -5.21 10.82 -51.87
N ILE B 195 -3.99 10.38 -51.53
CA ILE B 195 -3.17 11.08 -50.55
C ILE B 195 -2.17 12.02 -51.21
N VAL B 196 -2.36 12.33 -52.47
CA VAL B 196 -1.44 13.21 -53.18
C VAL B 196 -1.87 14.65 -52.95
N ILE B 197 -0.88 15.54 -52.88
CA ILE B 197 -1.11 16.97 -52.70
C ILE B 197 -0.32 17.70 -53.78
N PRO B 198 -0.96 18.59 -54.55
CA PRO B 198 -0.26 19.22 -55.67
C PRO B 198 0.79 20.21 -55.20
N SER B 199 1.71 20.54 -56.12
CA SER B 199 2.71 21.55 -55.84
C SER B 199 2.04 22.83 -55.37
N ALA B 200 2.76 23.58 -54.54
CA ALA B 200 2.15 24.69 -53.83
C ALA B 200 1.56 25.72 -54.79
N ALA B 201 0.48 26.34 -54.34
CA ALA B 201 -0.09 27.53 -54.96
C ALA B 201 0.22 28.72 -54.07
N VAL B 202 0.31 29.90 -54.68
CA VAL B 202 0.70 31.10 -53.96
C VAL B 202 0.20 32.32 -54.71
N ILE B 203 -0.15 33.35 -53.95
CA ILE B 203 -0.47 34.66 -54.51
C ILE B 203 0.82 35.46 -54.59
N SER B 204 1.03 36.14 -55.73
CA SER B 204 2.22 36.95 -55.96
C SER B 204 1.85 38.43 -56.05
N ARG B 205 1.18 38.85 -57.11
CA ARG B 205 0.83 40.24 -57.33
C ARG B 205 -0.65 40.47 -57.05
N ALA B 206 -1.08 41.71 -57.20
CA ALA B 206 -2.48 42.08 -57.00
C ALA B 206 -2.74 43.48 -57.54
N GLU B 207 -2.99 43.58 -58.84
CA GLU B 207 -3.28 44.87 -59.45
C GLU B 207 -4.74 45.25 -59.23
N THR B 208 -5.00 46.55 -59.20
CA THR B 208 -6.35 47.09 -59.09
C THR B 208 -6.56 47.99 -60.31
N ILE B 209 -7.30 47.47 -61.30
CA ILE B 209 -7.65 48.23 -62.50
C ILE B 209 -8.94 49.00 -62.19
N ASN B 210 -8.92 50.30 -62.48
CA ASN B 210 -9.99 51.18 -62.04
C ASN B 210 -11.10 51.25 -63.08
N ALA B 211 -12.34 51.06 -62.63
CA ALA B 211 -13.52 51.21 -63.46
C ALA B 211 -14.64 51.77 -62.60
N THR B 212 -15.80 52.02 -63.23
CA THR B 212 -16.96 52.43 -62.45
C THR B 212 -17.32 51.37 -61.41
N VAL B 213 -17.02 50.10 -61.70
CA VAL B 213 -17.08 49.03 -60.71
C VAL B 213 -15.67 48.48 -60.56
N PRO B 214 -14.86 49.01 -59.64
CA PRO B 214 -13.42 48.73 -59.67
C PRO B 214 -13.13 47.24 -59.57
N LYS B 215 -12.29 46.75 -60.49
CA LYS B 215 -11.85 45.36 -60.51
C LYS B 215 -10.47 45.26 -59.88
N THR B 216 -10.25 44.17 -59.14
CA THR B 216 -8.98 43.91 -58.46
C THR B 216 -8.52 42.52 -58.89
N ILE B 217 -7.41 42.46 -59.63
CA ILE B 217 -6.92 41.24 -60.24
C ILE B 217 -5.88 40.61 -59.33
N ILE B 218 -6.13 39.36 -58.92
CA ILE B 218 -5.22 38.63 -58.05
C ILE B 218 -4.42 37.67 -58.91
N TYR B 219 -3.09 37.83 -58.92
CA TYR B 219 -2.21 36.94 -59.64
C TYR B 219 -1.71 35.85 -58.70
N TRP B 220 -1.98 34.60 -59.05
CA TRP B 220 -1.51 33.45 -58.30
C TRP B 220 -1.21 32.33 -59.30
N ASP B 221 -0.49 31.30 -58.84
CA ASP B 221 -0.13 30.21 -59.73
C ASP B 221 0.49 29.08 -58.92
N SER B 222 0.50 27.90 -59.54
CA SER B 222 1.12 26.70 -58.97
C SER B 222 1.79 25.94 -60.11
N GLN B 223 2.92 25.31 -59.80
CA GLN B 223 3.65 24.53 -60.81
C GLN B 223 3.08 23.14 -61.01
N THR B 224 2.07 22.76 -60.23
CA THR B 224 1.49 21.45 -60.30
C THR B 224 1.25 21.03 -61.73
N THR B 225 1.55 19.77 -62.03
CA THR B 225 1.19 19.13 -63.29
C THR B 225 -0.05 18.25 -63.12
N ILE B 226 -0.72 18.33 -61.98
CA ILE B 226 -1.93 17.54 -61.76
C ILE B 226 -2.99 18.00 -62.74
N GLU B 227 -3.39 17.10 -63.64
CA GLU B 227 -4.36 17.44 -64.68
C GLU B 227 -5.61 18.11 -64.11
N LYS B 228 -6.15 17.56 -63.01
CA LYS B 228 -7.40 18.03 -62.43
C LYS B 228 -7.14 18.53 -61.02
N VAL B 229 -7.20 19.85 -60.83
CA VAL B 229 -7.01 20.49 -59.54
C VAL B 229 -8.27 21.27 -59.18
N SER B 230 -8.50 21.41 -57.88
CA SER B 230 -9.62 22.17 -57.34
C SER B 230 -9.09 23.11 -56.27
N CYS B 231 -9.42 24.40 -56.39
CA CYS B 231 -8.83 25.42 -55.53
C CYS B 231 -9.92 26.23 -54.84
N GLU B 232 -9.51 26.94 -53.79
CA GLU B 232 -10.42 27.75 -52.99
C GLU B 232 -9.67 28.98 -52.48
N MET B 233 -10.11 30.16 -52.90
CA MET B 233 -9.49 31.43 -52.50
C MET B 233 -10.45 32.15 -51.56
N ARG B 234 -9.97 32.48 -50.37
CA ARG B 234 -10.74 33.23 -49.40
C ARG B 234 -10.21 34.64 -49.26
N TYR B 235 -11.09 35.54 -48.81
CA TYR B 235 -10.76 36.95 -48.70
C TYR B 235 -11.66 37.59 -47.66
N LYS B 236 -11.12 38.57 -46.94
CA LYS B 236 -11.85 39.24 -45.88
C LYS B 236 -11.19 40.59 -45.61
N ALA B 237 -11.96 41.51 -45.04
CA ALA B 237 -11.41 42.77 -44.59
C ALA B 237 -10.50 42.53 -43.40
N THR B 238 -9.37 43.25 -43.35
CA THR B 238 -8.47 43.12 -42.23
C THR B 238 -9.20 43.26 -40.90
N THR B 239 -10.25 44.10 -40.89
CA THR B 239 -11.10 44.27 -39.71
C THR B 239 -12.41 43.51 -39.93
N ASN B 240 -12.31 42.19 -39.92
CA ASN B 240 -13.46 41.32 -40.13
C ASN B 240 -13.18 39.96 -39.51
N GLN B 241 -14.13 39.45 -38.73
CA GLN B 241 -14.04 38.14 -38.10
C GLN B 241 -14.73 37.07 -38.94
N THR B 242 -14.69 37.20 -40.26
CA THR B 242 -15.34 36.26 -41.16
C THR B 242 -14.51 36.17 -42.43
N TRP B 243 -14.70 35.08 -43.16
CA TRP B 243 -13.96 34.85 -44.40
C TRP B 243 -14.94 34.53 -45.52
N ASN B 244 -14.67 35.11 -46.70
CA ASN B 244 -15.35 34.73 -47.93
C ASN B 244 -14.57 33.61 -48.60
N VAL B 245 -15.15 33.02 -49.65
CA VAL B 245 -14.50 31.91 -50.36
C VAL B 245 -15.00 31.89 -51.80
N LYS B 246 -14.11 31.52 -52.72
CA LYS B 246 -14.42 31.36 -54.14
C LYS B 246 -13.90 30.01 -54.58
N GLU B 247 -14.80 29.07 -54.84
CA GLU B 247 -14.44 27.69 -55.16
C GLU B 247 -14.23 27.55 -56.67
N PHE B 248 -12.97 27.49 -57.08
CA PHE B 248 -12.63 27.33 -58.49
C PHE B 248 -12.48 25.86 -58.85
N ASP B 249 -12.15 25.62 -60.12
CA ASP B 249 -11.72 24.32 -60.63
C ASP B 249 -10.73 24.66 -61.75
N THR B 250 -9.45 24.67 -61.40
CA THR B 250 -8.45 25.36 -62.21
C THR B 250 -7.65 24.38 -63.07
N ASN B 251 -6.96 24.97 -64.05
CA ASN B 251 -6.01 24.29 -64.93
C ASN B 251 -4.75 25.14 -64.93
N PHE B 252 -3.71 24.66 -64.25
CA PHE B 252 -2.48 25.44 -64.09
C PHE B 252 -1.55 25.35 -65.29
N THR B 253 -2.11 25.42 -66.50
CA THR B 253 -1.27 25.52 -67.69
C THR B 253 -0.59 26.89 -67.77
N TYR B 254 -1.27 27.94 -67.31
CA TYR B 254 -0.74 29.28 -67.32
C TYR B 254 -1.08 29.94 -65.99
N VAL B 255 -0.50 31.13 -65.76
CA VAL B 255 -0.72 31.82 -64.50
C VAL B 255 -2.21 32.13 -64.32
N GLN B 256 -2.64 32.16 -63.06
CA GLN B 256 -4.04 32.39 -62.72
C GLN B 256 -4.29 33.88 -62.48
N GLN B 257 -5.53 34.30 -62.75
CA GLN B 257 -5.96 35.69 -62.54
C GLN B 257 -7.43 35.67 -62.13
N SER B 258 -7.71 36.08 -60.90
CA SER B 258 -9.06 36.01 -60.33
C SER B 258 -9.58 37.41 -60.07
N GLU B 259 -10.78 37.69 -60.56
CA GLU B 259 -11.39 39.01 -60.41
C GLU B 259 -12.11 39.12 -59.06
N PHE B 260 -11.95 40.28 -58.42
CA PHE B 260 -12.60 40.58 -57.15
C PHE B 260 -12.97 42.05 -57.15
N TYR B 261 -14.26 42.34 -56.94
CA TYR B 261 -14.76 43.72 -56.95
C TYR B 261 -15.01 44.12 -55.50
N LEU B 262 -13.98 44.67 -54.86
CA LEU B 262 -14.02 45.02 -53.45
C LEU B 262 -14.07 46.53 -53.28
N GLU B 263 -14.46 46.95 -52.07
CA GLU B 263 -14.60 48.37 -51.80
C GLU B 263 -13.23 49.04 -51.76
N PRO B 264 -13.16 50.31 -52.16
CA PRO B 264 -11.86 51.00 -52.19
C PRO B 264 -11.43 51.47 -50.81
N ASN B 265 -10.13 51.74 -50.69
CA ASN B 265 -9.53 52.22 -49.45
C ASN B 265 -9.90 51.28 -48.29
N ILE B 266 -9.54 50.01 -48.47
CA ILE B 266 -9.80 48.97 -47.48
C ILE B 266 -8.67 47.96 -47.52
N LYS B 267 -7.93 47.83 -46.42
CA LYS B 267 -6.95 46.76 -46.29
C LYS B 267 -7.66 45.41 -46.34
N TYR B 268 -7.14 44.50 -47.16
CA TYR B 268 -7.75 43.19 -47.34
C TYR B 268 -6.72 42.08 -47.16
N VAL B 269 -7.23 40.87 -46.91
CA VAL B 269 -6.43 39.68 -46.70
C VAL B 269 -6.89 38.60 -47.66
N PHE B 270 -5.94 37.80 -48.13
CA PHE B 270 -6.21 36.81 -49.16
C PHE B 270 -5.39 35.55 -48.91
N GLN B 271 -6.04 34.40 -49.08
CA GLN B 271 -5.37 33.10 -48.99
C GLN B 271 -5.90 32.21 -50.11
N VAL B 272 -5.16 31.15 -50.41
CA VAL B 272 -5.50 30.24 -51.50
C VAL B 272 -5.02 28.84 -51.13
N ARG B 273 -5.79 27.83 -51.53
CA ARG B 273 -5.50 26.44 -51.17
C ARG B 273 -6.12 25.55 -52.25
N CYS B 274 -5.33 24.60 -52.76
CA CYS B 274 -5.73 23.75 -53.87
C CYS B 274 -5.74 22.27 -53.44
N GLN B 275 -5.96 21.39 -54.41
CA GLN B 275 -6.11 19.95 -54.14
C GLN B 275 -6.37 19.20 -55.44
N GLU B 276 -5.91 17.96 -55.51
CA GLU B 276 -6.29 17.07 -56.62
C GLU B 276 -7.79 16.77 -56.52
N THR B 277 -8.53 17.15 -57.55
CA THR B 277 -9.98 17.23 -57.49
C THR B 277 -10.59 15.97 -56.90
N GLY B 278 -11.32 16.14 -55.80
CA GLY B 278 -12.07 15.05 -55.19
C GLY B 278 -11.27 14.12 -54.31
N LYS B 279 -10.04 14.47 -53.97
CA LYS B 279 -9.16 13.59 -53.21
C LYS B 279 -9.08 14.05 -51.76
N ARG B 280 -8.34 13.30 -50.95
CA ARG B 280 -8.56 13.34 -49.51
C ARG B 280 -8.08 14.64 -48.88
N TYR B 281 -6.84 15.03 -49.17
CA TYR B 281 -6.19 16.11 -48.44
C TYR B 281 -6.13 17.38 -49.28
N TRP B 282 -6.05 18.51 -48.59
CA TRP B 282 -5.88 19.82 -49.19
C TRP B 282 -4.50 20.37 -48.89
N GLN B 283 -4.14 21.45 -49.58
CA GLN B 283 -2.93 22.17 -49.26
C GLN B 283 -3.16 23.07 -48.05
N PRO B 284 -2.10 23.49 -47.37
CA PRO B 284 -2.26 24.53 -46.35
C PRO B 284 -2.64 25.85 -46.99
N TRP B 285 -3.28 26.70 -46.20
CA TRP B 285 -3.68 28.00 -46.70
C TRP B 285 -2.44 28.85 -46.96
N SER B 286 -2.38 29.46 -48.14
CA SER B 286 -1.26 30.32 -48.49
C SER B 286 -1.01 31.37 -47.41
N SER B 287 0.24 31.82 -47.32
CA SER B 287 0.59 32.91 -46.41
C SER B 287 -0.37 34.08 -46.61
N LEU B 288 -0.71 34.74 -45.52
CA LEU B 288 -1.56 35.92 -45.59
C LEU B 288 -1.01 36.89 -46.62
N PHE B 289 -1.85 37.25 -47.59
CA PHE B 289 -1.50 38.22 -48.62
C PHE B 289 -2.34 39.48 -48.42
N PHE B 290 -1.68 40.62 -48.36
CA PHE B 290 -2.31 41.90 -48.04
C PHE B 290 -2.43 42.77 -49.29
N HIS B 291 -3.52 43.53 -49.37
CA HIS B 291 -3.72 44.46 -50.48
C HIS B 291 -4.68 45.55 -50.02
N LYS B 292 -4.17 46.78 -49.90
CA LYS B 292 -5.00 47.93 -49.54
C LYS B 292 -5.56 48.54 -50.82
N THR B 293 -6.83 48.27 -51.11
CA THR B 293 -7.45 48.83 -52.29
C THR B 293 -7.40 50.35 -52.25
N PRO B 294 -7.26 51.01 -53.40
CA PRO B 294 -7.28 52.49 -53.43
C PRO B 294 -8.63 53.08 -53.80
N GLU B 295 -8.70 54.42 -53.83
CA GLU B 295 -9.92 55.13 -54.16
C GLU B 295 -9.83 55.72 -55.57
N GLY B 296 -10.96 56.26 -56.03
CA GLY B 296 -11.03 56.91 -57.33
C GLY B 296 -10.39 58.28 -57.41
N ASN B 297 -9.93 58.81 -56.27
CA ASN B 297 -9.13 60.03 -56.28
C ASN B 297 -7.75 59.77 -56.88
N SER B 298 -7.29 58.52 -56.87
CA SER B 298 -5.95 58.17 -57.32
C SER B 298 -5.59 58.90 -58.60
N HIS B 299 -4.39 59.49 -58.60
CA HIS B 299 -3.84 60.14 -59.78
C HIS B 299 -2.38 59.71 -59.93
N HIS B 300 -1.60 59.83 -58.85
CA HIS B 300 -0.22 59.38 -58.83
C HIS B 300 -0.15 57.86 -59.05
N ILE C 3 11.36 8.11 39.85
CA ILE C 3 10.75 8.44 38.57
C ILE C 3 11.05 9.89 38.21
N THR C 4 12.24 10.34 38.62
CA THR C 4 12.58 11.75 38.63
C THR C 4 12.63 12.33 37.22
N ASN C 5 12.39 13.64 37.13
CA ASN C 5 12.37 14.31 35.84
C ASN C 5 13.77 14.62 35.35
N ILE C 6 13.85 14.96 34.07
CA ILE C 6 15.08 15.33 33.40
C ILE C 6 14.70 16.40 32.38
N ASN C 7 15.11 17.64 32.60
CA ASN C 7 14.77 18.69 31.65
C ASN C 7 15.39 18.36 30.29
N CYS C 8 14.56 18.26 29.27
CA CYS C 8 15.01 17.90 27.94
C CYS C 8 15.34 19.15 27.13
N SER C 9 16.38 19.05 26.31
CA SER C 9 16.77 20.12 25.39
C SER C 9 16.30 19.80 23.98
N GLY C 10 15.04 19.40 23.89
CA GLY C 10 14.48 18.86 22.67
C GLY C 10 13.46 17.80 23.03
N HIS C 11 12.92 17.16 22.01
CA HIS C 11 11.90 16.15 22.23
C HIS C 11 12.07 15.04 21.20
N ILE C 12 11.20 14.04 21.29
CA ILE C 12 11.47 12.72 20.70
C ILE C 12 10.17 11.94 20.64
N TRP C 13 9.75 11.57 19.43
CA TRP C 13 8.45 10.93 19.21
C TRP C 13 8.62 9.68 18.36
N VAL C 14 7.60 8.82 18.37
CA VAL C 14 7.68 7.49 17.79
C VAL C 14 6.49 7.26 16.87
N GLU C 15 6.76 6.86 15.61
CA GLU C 15 5.74 6.38 14.70
C GLU C 15 5.61 4.86 14.84
N PRO C 16 4.41 4.31 14.95
CA PRO C 16 3.09 4.96 14.93
C PRO C 16 2.73 5.58 16.27
N ALA C 17 3.31 5.06 17.35
CA ALA C 17 3.13 5.62 18.69
C ALA C 17 4.15 4.97 19.61
N THR C 18 4.22 5.46 20.85
CA THR C 18 5.22 4.94 21.77
C THR C 18 4.85 3.55 22.28
N ILE C 19 3.58 3.16 22.13
CA ILE C 19 3.13 1.80 22.39
C ILE C 19 2.53 1.26 21.10
N PHE C 20 2.97 0.09 20.67
CA PHE C 20 2.67 -0.41 19.33
C PHE C 20 2.68 -1.94 19.35
N LYS C 21 1.95 -2.52 18.40
CA LYS C 21 1.90 -3.98 18.29
C LYS C 21 3.29 -4.54 18.05
N MET C 22 3.61 -5.64 18.73
CA MET C 22 4.92 -6.26 18.54
C MET C 22 5.13 -6.59 17.07
N GLY C 23 6.41 -6.76 16.71
CA GLY C 23 6.77 -7.08 15.36
C GLY C 23 6.61 -5.95 14.37
N MET C 24 6.20 -4.77 14.80
CA MET C 24 6.00 -3.66 13.88
C MET C 24 7.31 -2.95 13.57
N ASN C 25 7.35 -2.33 12.40
CA ASN C 25 8.37 -1.34 12.10
C ASN C 25 7.99 -0.02 12.76
N ILE C 26 8.98 0.64 13.37
CA ILE C 26 8.78 1.91 14.03
C ILE C 26 9.85 2.89 13.56
N SER C 27 9.63 4.16 13.87
CA SER C 27 10.58 5.23 13.59
C SER C 27 10.69 6.08 14.85
N ILE C 28 11.89 6.18 15.39
CA ILE C 28 12.18 7.05 16.52
C ILE C 28 12.71 8.36 15.94
N TYR C 29 12.01 9.46 16.21
CA TYR C 29 12.46 10.79 15.83
C TYR C 29 12.98 11.53 17.05
N CYS C 30 14.02 12.35 16.83
CA CYS C 30 14.66 13.14 17.87
C CYS C 30 14.96 14.51 17.26
N GLN C 31 14.64 15.57 18.00
CA GLN C 31 14.77 16.94 17.51
C GLN C 31 15.49 17.80 18.54
N ALA C 32 16.54 18.48 18.09
CA ALA C 32 17.34 19.30 18.99
C ALA C 32 16.67 20.64 19.26
N ALA C 33 16.93 21.16 20.45
CA ALA C 33 16.45 22.46 20.90
C ALA C 33 17.44 22.98 21.93
N ILE C 34 18.70 23.09 21.53
CA ILE C 34 19.81 23.39 22.43
C ILE C 34 20.28 24.81 22.15
N LYS C 35 20.23 25.67 23.18
CA LYS C 35 20.63 27.05 23.03
C LYS C 35 22.05 27.14 22.48
N ASN C 36 22.19 27.67 21.27
CA ASN C 36 23.49 27.87 20.65
C ASN C 36 24.21 26.53 20.44
N CYS C 37 23.51 25.57 19.87
CA CYS C 37 24.15 24.36 19.39
C CYS C 37 23.42 23.91 18.13
N GLN C 38 23.94 24.29 16.97
CA GLN C 38 23.51 23.74 15.70
C GLN C 38 24.16 22.37 15.56
N PRO C 39 23.45 21.29 15.91
CA PRO C 39 24.13 20.01 16.11
C PRO C 39 24.88 19.55 14.88
N ARG C 40 26.11 19.09 15.09
CA ARG C 40 26.84 18.43 14.01
C ARG C 40 26.23 17.08 13.70
N LYS C 41 26.17 16.19 14.70
CA LYS C 41 25.64 14.85 14.54
C LYS C 41 24.72 14.51 15.70
N LEU C 42 23.69 13.73 15.43
CA LEU C 42 22.77 13.22 16.45
C LEU C 42 22.95 11.72 16.60
N HIS C 43 22.97 11.25 17.85
CA HIS C 43 23.18 9.85 18.17
C HIS C 43 21.97 9.28 18.90
N PHE C 44 21.72 7.99 18.71
CA PHE C 44 20.66 7.26 19.40
C PHE C 44 21.27 6.13 20.20
N TYR C 45 20.72 5.89 21.39
CA TYR C 45 21.16 4.82 22.27
C TYR C 45 19.95 4.06 22.78
N LYS C 46 20.10 2.74 22.91
CA LYS C 46 19.10 1.91 23.58
C LYS C 46 19.77 1.39 24.86
N ASN C 47 19.45 2.02 25.98
CA ASN C 47 20.10 1.75 27.25
C ASN C 47 21.62 1.87 27.11
N GLY C 48 22.05 2.96 26.50
CA GLY C 48 23.47 3.22 26.40
C GLY C 48 24.24 2.32 25.47
N ILE C 49 23.58 1.74 24.47
CA ILE C 49 24.23 0.99 23.39
C ILE C 49 23.97 1.71 22.09
N LYS C 50 25.03 2.23 21.47
CA LYS C 50 24.87 3.10 20.31
C LYS C 50 24.30 2.34 19.12
N GLU C 51 23.26 2.89 18.51
CA GLU C 51 22.78 2.42 17.22
C GLU C 51 23.60 3.13 16.15
N ARG C 52 24.13 2.36 15.19
CA ARG C 52 25.00 2.91 14.16
C ARG C 52 24.37 2.94 12.78
N PHE C 53 23.30 2.19 12.56
CA PHE C 53 22.74 2.07 11.21
C PHE C 53 21.26 2.46 11.20
N GLN C 54 20.76 2.69 9.98
CA GLN C 54 19.37 3.07 9.75
C GLN C 54 18.99 4.35 10.48
N ILE C 55 19.97 5.21 10.72
CA ILE C 55 19.75 6.55 11.23
C ILE C 55 19.80 7.52 10.07
N THR C 56 18.82 8.41 10.00
CA THR C 56 18.68 9.38 8.92
C THR C 56 18.68 10.79 9.48
N ARG C 57 19.36 11.70 8.80
CA ARG C 57 19.43 13.10 9.21
C ARG C 57 18.36 13.86 8.43
N ILE C 58 17.17 13.97 9.03
CA ILE C 58 16.05 14.59 8.33
C ILE C 58 16.40 16.02 7.93
N ASN C 59 16.88 16.81 8.88
CA ASN C 59 17.32 18.16 8.59
C ASN C 59 18.29 18.59 9.69
N LYS C 60 18.49 19.89 9.85
CA LYS C 60 19.54 20.36 10.76
C LYS C 60 19.17 20.17 12.22
N THR C 61 17.88 20.09 12.55
CA THR C 61 17.45 19.89 13.93
C THR C 61 17.04 18.45 14.24
N THR C 62 16.66 17.67 13.24
CA THR C 62 15.96 16.41 13.45
C THR C 62 16.69 15.23 12.83
N ALA C 63 16.49 14.07 13.44
CA ALA C 63 17.06 12.81 12.96
C ALA C 63 16.10 11.68 13.30
N ARG C 64 16.16 10.60 12.52
CA ARG C 64 15.25 9.48 12.68
C ARG C 64 16.04 8.18 12.79
N LEU C 65 15.58 7.30 13.69
CA LEU C 65 16.11 5.95 13.85
C LEU C 65 15.01 4.98 13.51
N TRP C 66 15.30 4.02 12.63
CA TRP C 66 14.31 3.09 12.12
C TRP C 66 14.63 1.67 12.56
N TYR C 67 13.66 1.02 13.19
CA TYR C 67 13.79 -0.34 13.70
C TYR C 67 12.89 -1.27 12.87
N LYS C 68 13.47 -2.37 12.39
CA LYS C 68 12.73 -3.35 11.61
C LYS C 68 12.25 -4.47 12.55
N ASN C 69 10.94 -4.73 12.52
CA ASN C 69 10.32 -5.79 13.31
C ASN C 69 10.75 -5.71 14.78
N PHE C 70 10.19 -4.70 15.46
CA PHE C 70 10.52 -4.49 16.87
C PHE C 70 9.76 -5.51 17.71
N LEU C 71 10.49 -6.43 18.32
CA LEU C 71 9.92 -7.53 19.09
C LEU C 71 10.01 -7.32 20.61
N GLU C 72 10.80 -6.37 21.08
CA GLU C 72 11.06 -6.27 22.50
C GLU C 72 9.87 -5.63 23.23
N PRO C 73 9.50 -6.14 24.40
CA PRO C 73 8.36 -5.54 25.10
C PRO C 73 8.63 -4.13 25.59
N HIS C 74 9.85 -3.83 26.04
CA HIS C 74 10.15 -2.51 26.58
C HIS C 74 11.57 -2.11 26.24
N ALA C 75 11.76 -0.82 25.98
CA ALA C 75 13.07 -0.26 25.71
C ALA C 75 13.09 1.20 26.13
N SER C 76 14.25 1.66 26.58
CA SER C 76 14.48 3.05 26.95
C SER C 76 15.45 3.64 25.95
N MET C 77 15.04 4.71 25.27
CA MET C 77 15.81 5.30 24.17
C MET C 77 16.33 6.66 24.58
N TYR C 78 17.62 6.90 24.32
CA TYR C 78 18.26 8.18 24.57
C TYR C 78 18.85 8.71 23.27
N CYS C 79 18.65 10.00 22.98
CA CYS C 79 19.32 10.64 21.85
C CYS C 79 20.10 11.85 22.34
N THR C 80 21.27 12.06 21.75
CA THR C 80 22.21 13.09 22.16
C THR C 80 22.72 13.82 20.94
N ALA C 81 23.26 15.02 21.16
CA ALA C 81 23.71 15.87 20.08
C ALA C 81 25.16 16.27 20.29
N GLU C 82 25.97 16.03 19.27
CA GLU C 82 27.36 16.47 19.26
C GLU C 82 27.40 17.94 18.87
N CYS C 83 27.92 18.78 19.74
CA CYS C 83 27.83 20.20 19.43
C CYS C 83 29.16 20.72 18.88
N PRO C 84 29.10 21.79 18.08
CA PRO C 84 30.33 22.30 17.45
C PRO C 84 31.39 22.78 18.43
N LYS C 85 31.07 23.04 19.69
CA LYS C 85 32.02 23.68 20.58
C LYS C 85 32.60 22.75 21.64
N HIS C 86 32.14 21.50 21.71
CA HIS C 86 32.61 20.56 22.74
C HIS C 86 32.87 19.20 22.11
N PHE C 87 33.74 18.44 22.77
CA PHE C 87 34.03 17.07 22.36
C PHE C 87 32.98 16.08 22.84
N GLN C 88 32.15 16.45 23.82
CA GLN C 88 31.25 15.53 24.48
C GLN C 88 29.80 15.75 24.03
N GLU C 89 28.98 14.74 24.31
CA GLU C 89 27.60 14.75 23.86
C GLU C 89 26.69 15.31 24.94
N THR C 90 25.75 16.15 24.53
CA THR C 90 24.75 16.71 25.44
C THR C 90 23.44 15.99 25.21
N LEU C 91 22.80 15.59 26.31
CA LEU C 91 21.55 14.84 26.23
C LEU C 91 20.43 15.72 25.70
N ILE C 92 19.69 15.21 24.75
CA ILE C 92 18.54 15.93 24.22
C ILE C 92 17.31 15.54 25.04
N CYS C 93 17.02 14.24 25.07
CA CYS C 93 15.82 13.72 25.70
C CYS C 93 15.87 12.20 25.63
N GLY C 94 14.95 11.57 26.37
CA GLY C 94 14.80 10.13 26.31
C GLY C 94 13.32 9.77 26.32
N LYS C 95 13.06 8.51 25.97
CA LYS C 95 11.69 8.05 25.89
C LYS C 95 11.63 6.55 26.09
N ASP C 96 10.67 6.10 26.89
CA ASP C 96 10.37 4.69 27.05
C ASP C 96 9.34 4.28 26.00
N ILE C 97 9.59 3.14 25.36
CA ILE C 97 8.67 2.59 24.36
C ILE C 97 8.32 1.16 24.75
N SER C 98 7.10 0.75 24.37
CA SER C 98 6.57 -0.54 24.77
C SER C 98 5.90 -1.19 23.57
N SER C 99 5.99 -2.51 23.50
CA SER C 99 5.38 -3.28 22.44
C SER C 99 4.60 -4.44 23.05
N GLY C 100 3.45 -4.74 22.46
CA GLY C 100 2.62 -5.82 22.96
C GLY C 100 1.54 -6.18 21.98
N TYR C 101 0.43 -6.73 22.49
CA TYR C 101 -0.68 -7.12 21.65
C TYR C 101 -1.99 -6.57 22.20
N PRO C 102 -2.96 -6.31 21.34
CA PRO C 102 -4.29 -5.98 21.82
C PRO C 102 -4.89 -7.16 22.56
N PRO C 103 -5.82 -6.92 23.48
CA PRO C 103 -6.33 -8.01 24.31
C PRO C 103 -7.30 -8.90 23.55
N ASP C 104 -7.21 -10.20 23.83
CA ASP C 104 -8.19 -11.14 23.31
C ASP C 104 -9.55 -10.87 23.96
N ILE C 105 -10.59 -11.49 23.40
CA ILE C 105 -11.92 -11.44 24.00
C ILE C 105 -11.93 -12.39 25.19
N PRO C 106 -12.12 -11.91 26.41
CA PRO C 106 -12.13 -12.82 27.56
C PRO C 106 -13.28 -13.81 27.46
N ASP C 107 -12.98 -15.08 27.66
CA ASP C 107 -14.01 -16.10 27.67
C ASP C 107 -13.88 -16.94 28.94
N GLU C 108 -14.59 -18.07 29.00
CA GLU C 108 -14.53 -18.94 30.17
C GLU C 108 -14.82 -18.14 31.45
N VAL C 109 -15.72 -17.17 31.34
CA VAL C 109 -16.10 -16.39 32.50
C VAL C 109 -16.89 -17.27 33.46
N THR C 110 -16.42 -17.36 34.70
CA THR C 110 -17.08 -18.17 35.72
C THR C 110 -17.08 -17.38 37.02
N CYS C 111 -18.27 -17.07 37.53
CA CYS C 111 -18.45 -16.44 38.83
C CYS C 111 -18.99 -17.49 39.80
N VAL C 112 -18.32 -17.62 40.96
CA VAL C 112 -18.67 -18.61 41.97
C VAL C 112 -18.58 -17.95 43.34
N ILE C 113 -19.12 -18.64 44.34
CA ILE C 113 -19.07 -18.19 45.73
C ILE C 113 -18.44 -19.32 46.54
N TYR C 114 -17.26 -19.07 47.10
CA TYR C 114 -16.62 -20.03 47.97
C TYR C 114 -17.22 -19.94 49.36
N GLU C 115 -17.65 -21.08 49.89
CA GLU C 115 -18.38 -21.10 51.15
C GLU C 115 -17.66 -20.32 52.23
N TYR C 116 -18.43 -19.59 53.04
CA TYR C 116 -17.96 -18.79 54.17
C TYR C 116 -17.18 -17.56 53.75
N SER C 117 -17.03 -17.29 52.45
CA SER C 117 -16.21 -16.18 52.00
C SER C 117 -16.95 -14.85 51.96
N GLY C 118 -18.29 -14.88 51.90
CA GLY C 118 -19.06 -13.66 51.71
C GLY C 118 -18.69 -12.95 50.43
N ASN C 119 -17.96 -13.63 49.54
CA ASN C 119 -17.40 -13.05 48.34
C ASN C 119 -17.82 -13.88 47.14
N MET C 120 -18.24 -13.20 46.08
CA MET C 120 -18.43 -13.83 44.77
C MET C 120 -17.17 -13.60 43.96
N THR C 121 -16.46 -14.68 43.64
CA THR C 121 -15.21 -14.60 42.91
C THR C 121 -15.49 -14.82 41.42
N CYS C 122 -15.12 -13.85 40.60
CA CYS C 122 -15.29 -13.92 39.16
C CYS C 122 -13.92 -14.01 38.50
N THR C 123 -13.74 -14.99 37.62
CA THR C 123 -12.51 -15.18 36.87
C THR C 123 -12.83 -15.43 35.41
N TRP C 124 -11.82 -15.29 34.57
CA TRP C 124 -12.02 -15.39 33.13
C TRP C 124 -10.68 -15.69 32.46
N ASN C 125 -10.74 -16.41 31.35
CA ASN C 125 -9.56 -16.72 30.55
C ASN C 125 -9.25 -15.48 29.71
N ALA C 126 -8.24 -14.71 30.15
CA ALA C 126 -7.85 -13.51 29.44
C ALA C 126 -7.20 -13.80 28.10
N GLY C 127 -6.82 -15.05 27.85
CA GLY C 127 -6.26 -15.42 26.56
C GLY C 127 -4.83 -14.99 26.37
N LYS C 128 -4.51 -14.57 25.14
CA LYS C 128 -3.15 -14.20 24.79
C LYS C 128 -2.61 -13.15 25.75
N LEU C 129 -1.37 -13.38 26.22
CA LEU C 129 -0.71 -12.39 27.06
C LEU C 129 -0.29 -11.19 26.22
N THR C 130 -0.54 -10.00 26.76
CA THR C 130 -0.49 -8.77 25.98
C THR C 130 0.79 -7.97 26.19
N TYR C 131 1.60 -8.31 27.19
CA TYR C 131 2.88 -7.67 27.48
C TYR C 131 2.71 -6.24 27.99
N ILE C 132 1.83 -5.45 27.38
CA ILE C 132 1.59 -4.09 27.87
C ILE C 132 0.57 -4.13 29.00
N ASP C 133 0.44 -3.03 29.73
CA ASP C 133 -0.51 -2.97 30.85
C ASP C 133 -1.93 -3.15 30.33
N THR C 134 -2.63 -4.13 30.89
CA THR C 134 -4.00 -4.44 30.51
C THR C 134 -4.88 -4.42 31.75
N LYS C 135 -5.97 -3.66 31.68
CA LYS C 135 -6.92 -3.53 32.77
C LYS C 135 -8.26 -4.13 32.38
N TYR C 136 -8.99 -4.61 33.39
CA TYR C 136 -10.27 -5.27 33.18
C TYR C 136 -11.37 -4.55 33.94
N VAL C 137 -12.56 -4.50 33.33
CA VAL C 137 -13.75 -4.00 33.96
C VAL C 137 -14.76 -5.14 34.01
N VAL C 138 -15.25 -5.44 35.20
CA VAL C 138 -16.27 -6.47 35.39
C VAL C 138 -17.60 -5.76 35.59
N HIS C 139 -18.57 -6.07 34.73
CA HIS C 139 -19.93 -5.58 34.85
C HIS C 139 -20.81 -6.66 35.47
N VAL C 140 -21.69 -6.24 36.36
CA VAL C 140 -22.73 -7.13 36.88
C VAL C 140 -24.04 -6.36 36.85
N LYS C 141 -25.03 -6.92 36.18
CA LYS C 141 -26.36 -6.33 36.08
C LYS C 141 -27.36 -7.27 36.72
N SER C 142 -28.15 -6.76 37.66
CA SER C 142 -29.27 -7.51 38.21
C SER C 142 -30.41 -7.55 37.22
N LEU C 143 -31.05 -8.71 37.09
CA LEU C 143 -32.20 -8.82 36.21
C LEU C 143 -33.45 -8.21 36.85
N GLU C 144 -33.60 -8.33 38.17
CA GLU C 144 -34.77 -7.78 38.83
C GLU C 144 -34.77 -6.26 38.76
N THR C 145 -33.75 -5.62 39.34
CA THR C 145 -33.67 -4.16 39.38
C THR C 145 -33.06 -3.55 38.14
N GLU C 146 -32.52 -4.36 37.23
CA GLU C 146 -31.90 -3.91 35.98
C GLU C 146 -30.76 -2.93 36.22
N GLU C 147 -30.32 -2.73 37.46
CA GLU C 147 -29.22 -1.84 37.74
C GLU C 147 -27.88 -2.53 37.46
N GLU C 148 -26.88 -1.70 37.19
CA GLU C 148 -25.59 -2.18 36.71
C GLU C 148 -24.47 -1.42 37.42
N GLN C 149 -23.45 -2.15 37.87
CA GLN C 149 -22.28 -1.56 38.49
C GLN C 149 -21.03 -2.12 37.82
N GLN C 150 -19.91 -1.41 37.99
CA GLN C 150 -18.65 -1.75 37.32
C GLN C 150 -17.49 -1.73 38.29
N TYR C 151 -16.61 -2.72 38.16
CA TYR C 151 -15.43 -2.85 39.02
C TYR C 151 -14.17 -2.93 38.15
N LEU C 152 -13.19 -2.08 38.45
CA LEU C 152 -11.92 -2.07 37.73
C LEU C 152 -10.93 -2.99 38.44
N THR C 153 -10.29 -3.88 37.69
CA THR C 153 -9.24 -4.73 38.22
C THR C 153 -8.10 -4.90 37.23
N SER C 154 -6.96 -5.30 37.77
CA SER C 154 -5.86 -5.82 36.98
C SER C 154 -5.87 -7.34 36.91
N SER C 155 -6.69 -8.00 37.72
CA SER C 155 -6.80 -9.47 37.71
C SER C 155 -8.22 -9.83 38.13
N TYR C 156 -8.42 -11.07 38.57
CA TYR C 156 -9.75 -11.49 39.00
C TYR C 156 -10.26 -10.59 40.12
N ILE C 157 -11.57 -10.68 40.39
CA ILE C 157 -12.25 -9.81 41.34
C ILE C 157 -12.92 -10.66 42.43
N ASN C 158 -12.95 -10.10 43.65
CA ASN C 158 -13.81 -10.59 44.72
C ASN C 158 -14.90 -9.55 44.91
N ILE C 159 -16.14 -9.91 44.61
CA ILE C 159 -17.30 -9.04 44.83
C ILE C 159 -17.99 -9.51 46.12
N SER C 160 -18.08 -8.61 47.09
CA SER C 160 -18.81 -8.90 48.31
C SER C 160 -20.28 -9.22 47.99
N THR C 161 -20.79 -10.28 48.63
CA THR C 161 -22.19 -10.61 48.46
C THR C 161 -23.10 -9.59 49.14
N ASP C 162 -22.61 -8.92 50.18
CA ASP C 162 -23.38 -7.88 50.83
C ASP C 162 -23.64 -6.69 49.92
N SER C 163 -23.06 -6.67 48.72
CA SER C 163 -23.34 -5.64 47.73
C SER C 163 -24.30 -6.11 46.64
N LEU C 164 -24.57 -7.41 46.56
CA LEU C 164 -25.52 -7.95 45.58
C LEU C 164 -26.89 -7.92 46.21
N GLN C 165 -27.68 -6.92 45.86
CA GLN C 165 -28.97 -6.62 46.47
C GLN C 165 -30.01 -6.38 45.38
N GLY C 166 -30.11 -7.33 44.45
CA GLY C 166 -31.01 -7.21 43.33
C GLY C 166 -31.58 -8.55 42.91
N GLY C 167 -31.98 -9.35 43.89
CA GLY C 167 -32.44 -10.69 43.63
C GLY C 167 -31.27 -11.65 43.54
N LYS C 168 -31.45 -12.72 42.76
CA LYS C 168 -30.43 -13.74 42.60
C LYS C 168 -30.04 -14.00 41.15
N LYS C 169 -30.89 -13.68 40.19
CA LYS C 169 -30.51 -13.78 38.78
C LYS C 169 -29.75 -12.52 38.37
N TYR C 170 -28.55 -12.73 37.79
CA TYR C 170 -27.67 -11.63 37.41
C TYR C 170 -27.06 -11.88 36.04
N LEU C 171 -26.48 -10.84 35.47
CA LEU C 171 -25.71 -10.90 34.23
C LEU C 171 -24.33 -10.32 34.50
N VAL C 172 -23.28 -11.03 34.07
CA VAL C 172 -21.91 -10.61 34.32
C VAL C 172 -21.09 -10.79 33.04
N TRP C 173 -20.48 -9.70 32.58
CA TRP C 173 -19.52 -9.74 31.48
C TRP C 173 -18.31 -8.91 31.87
N VAL C 174 -17.19 -9.14 31.17
CA VAL C 174 -15.93 -8.48 31.49
C VAL C 174 -15.35 -7.90 30.21
N GLN C 175 -14.73 -6.73 30.34
CA GLN C 175 -14.00 -6.10 29.25
C GLN C 175 -12.51 -6.13 29.57
N ALA C 176 -11.70 -6.34 28.53
CA ALA C 176 -10.25 -6.20 28.60
C ALA C 176 -9.86 -4.99 27.77
N ALA C 177 -8.98 -4.15 28.33
CA ALA C 177 -8.57 -2.92 27.68
C ALA C 177 -7.08 -2.71 27.81
N ASN C 178 -6.47 -2.16 26.77
CA ASN C 178 -5.07 -1.74 26.82
C ASN C 178 -4.83 -0.77 25.67
N ALA C 179 -3.60 -0.26 25.60
CA ALA C 179 -3.29 0.80 24.64
C ALA C 179 -3.60 0.40 23.20
N LEU C 180 -3.76 -0.89 22.92
CA LEU C 180 -3.91 -1.37 21.55
C LEU C 180 -5.30 -1.90 21.23
N GLY C 181 -6.23 -1.88 22.16
CA GLY C 181 -7.57 -2.36 21.85
C GLY C 181 -8.40 -2.59 23.09
N MET C 182 -9.64 -3.00 22.84
CA MET C 182 -10.63 -3.24 23.89
C MET C 182 -11.58 -4.31 23.38
N GLU C 183 -11.88 -5.29 24.25
CA GLU C 183 -12.76 -6.39 23.87
C GLU C 183 -13.72 -6.70 25.00
N GLU C 184 -14.83 -7.34 24.63
CA GLU C 184 -15.94 -7.62 25.54
C GLU C 184 -16.26 -9.11 25.53
N SER C 185 -16.48 -9.68 26.71
CA SER C 185 -16.88 -11.07 26.82
C SER C 185 -18.38 -11.22 26.65
N LYS C 186 -18.79 -12.44 26.31
CA LYS C 186 -20.21 -12.76 26.29
C LYS C 186 -20.78 -12.65 27.70
N GLN C 187 -22.06 -12.31 27.78
CA GLN C 187 -22.71 -12.17 29.07
C GLN C 187 -22.86 -13.53 29.72
N LEU C 188 -22.47 -13.63 30.99
CA LEU C 188 -22.74 -14.80 31.80
C LEU C 188 -23.98 -14.54 32.64
N GLN C 189 -24.87 -15.51 32.70
CA GLN C 189 -26.05 -15.43 33.55
C GLN C 189 -25.88 -16.40 34.70
N ILE C 190 -26.11 -15.90 35.92
CA ILE C 190 -25.75 -16.61 37.13
C ILE C 190 -26.91 -16.52 38.13
N HIS C 191 -26.97 -17.51 39.02
CA HIS C 191 -27.96 -17.54 40.09
C HIS C 191 -27.21 -17.76 41.40
N LEU C 192 -27.40 -16.85 42.36
CA LEU C 192 -26.60 -16.87 43.57
C LEU C 192 -26.71 -18.18 44.35
N ASP C 193 -27.66 -19.04 44.00
CA ASP C 193 -27.83 -20.32 44.70
C ASP C 193 -27.16 -21.49 43.99
N ASP C 194 -26.98 -21.41 42.66
CA ASP C 194 -26.42 -22.50 41.89
C ASP C 194 -24.91 -22.41 41.74
N ILE C 195 -24.30 -21.29 42.12
CA ILE C 195 -22.88 -21.05 41.84
C ILE C 195 -22.09 -21.02 43.14
N VAL C 196 -22.54 -21.78 44.14
CA VAL C 196 -21.83 -21.89 45.41
C VAL C 196 -20.98 -23.17 45.38
N ILE C 197 -19.77 -23.06 45.91
CA ILE C 197 -18.84 -24.18 46.01
C ILE C 197 -18.57 -24.42 47.49
N PRO C 198 -18.81 -25.63 48.01
CA PRO C 198 -18.65 -25.85 49.44
C PRO C 198 -17.18 -25.85 49.85
N SER C 199 -16.96 -25.86 51.16
CA SER C 199 -15.60 -25.87 51.69
C SER C 199 -14.84 -27.09 51.16
N ALA C 200 -13.56 -26.87 50.84
CA ALA C 200 -12.76 -27.90 50.19
C ALA C 200 -12.83 -29.21 50.97
N ALA C 201 -12.75 -30.31 50.23
CA ALA C 201 -12.61 -31.65 50.79
C ALA C 201 -11.20 -32.15 50.48
N VAL C 202 -10.58 -32.81 51.45
CA VAL C 202 -9.20 -33.26 51.33
C VAL C 202 -9.06 -34.64 51.95
N ILE C 203 -8.14 -35.42 51.40
CA ILE C 203 -7.81 -36.74 51.94
C ILE C 203 -6.68 -36.57 52.95
N SER C 204 -6.92 -37.03 54.18
CA SER C 204 -5.97 -36.85 55.26
C SER C 204 -5.08 -38.08 55.42
N ARG C 205 -5.60 -39.13 56.03
CA ARG C 205 -4.85 -40.34 56.31
C ARG C 205 -5.35 -41.47 55.41
N ALA C 206 -4.68 -42.61 55.51
CA ALA C 206 -5.06 -43.81 54.79
C ALA C 206 -4.34 -45.02 55.35
N GLU C 207 -5.09 -46.09 55.64
CA GLU C 207 -4.51 -47.30 56.21
C GLU C 207 -5.29 -48.50 55.70
N THR C 208 -4.58 -49.62 55.53
CA THR C 208 -5.19 -50.86 55.09
C THR C 208 -5.35 -51.80 56.28
N ILE C 209 -6.58 -52.22 56.55
CA ILE C 209 -6.84 -53.24 57.56
C ILE C 209 -6.50 -54.59 56.97
N ASN C 210 -5.65 -55.34 57.66
CA ASN C 210 -5.23 -56.65 57.19
C ASN C 210 -6.35 -57.64 57.42
N ALA C 211 -6.86 -58.22 56.33
CA ALA C 211 -7.88 -59.25 56.40
C ALA C 211 -7.66 -60.21 55.23
N THR C 212 -8.47 -61.27 55.17
CA THR C 212 -8.43 -62.18 54.03
C THR C 212 -8.55 -61.43 52.72
N VAL C 213 -9.26 -60.31 52.72
CA VAL C 213 -9.30 -59.37 51.60
C VAL C 213 -8.90 -58.00 52.13
N PRO C 214 -7.64 -57.56 51.92
CA PRO C 214 -7.19 -56.29 52.51
C PRO C 214 -8.04 -55.10 52.10
N LYS C 215 -8.78 -54.55 53.08
CA LYS C 215 -9.60 -53.38 52.88
C LYS C 215 -8.79 -52.13 53.24
N THR C 216 -8.96 -51.07 52.43
CA THR C 216 -8.25 -49.81 52.61
C THR C 216 -9.26 -48.73 52.97
N ILE C 217 -9.21 -48.25 54.21
CA ILE C 217 -10.10 -47.21 54.69
C ILE C 217 -9.41 -45.86 54.47
N ILE C 218 -10.05 -44.99 53.69
CA ILE C 218 -9.55 -43.65 53.44
C ILE C 218 -10.16 -42.71 54.47
N TYR C 219 -9.42 -41.68 54.86
CA TYR C 219 -9.91 -40.65 55.77
C TYR C 219 -9.94 -39.32 55.03
N TRP C 220 -11.14 -38.80 54.81
CA TRP C 220 -11.32 -37.49 54.18
C TRP C 220 -12.44 -36.77 54.91
N ASP C 221 -12.51 -35.45 54.70
CA ASP C 221 -13.42 -34.62 55.47
C ASP C 221 -13.49 -33.24 54.84
N SER C 222 -14.52 -32.50 55.22
CA SER C 222 -14.71 -31.12 54.78
C SER C 222 -15.48 -30.36 55.85
N GLN C 223 -15.16 -29.09 56.01
CA GLN C 223 -15.83 -28.23 56.98
C GLN C 223 -17.11 -27.61 56.43
N THR C 224 -17.64 -28.13 55.34
CA THR C 224 -18.86 -27.62 54.78
C THR C 224 -20.01 -27.81 55.78
N THR C 225 -21.06 -27.00 55.61
CA THR C 225 -22.27 -27.06 56.40
C THR C 225 -23.50 -27.08 55.50
N ILE C 226 -23.38 -27.72 54.34
CA ILE C 226 -24.43 -27.71 53.33
C ILE C 226 -25.22 -29.00 53.43
N GLU C 227 -26.54 -28.89 53.25
CA GLU C 227 -27.41 -30.06 53.30
C GLU C 227 -27.02 -31.07 52.23
N LYS C 228 -27.54 -30.90 51.02
CA LYS C 228 -27.26 -31.81 49.92
C LYS C 228 -25.86 -31.54 49.37
N VAL C 229 -24.98 -32.54 49.47
CA VAL C 229 -23.62 -32.47 48.93
C VAL C 229 -23.30 -33.82 48.31
N SER C 230 -22.87 -33.80 47.05
CA SER C 230 -22.50 -35.01 46.31
C SER C 230 -21.03 -34.96 45.96
N CYS C 231 -20.36 -36.11 46.04
CA CYS C 231 -18.91 -36.18 45.93
C CYS C 231 -18.52 -37.23 44.90
N GLU C 232 -17.26 -37.16 44.47
CA GLU C 232 -16.67 -38.09 43.52
C GLU C 232 -15.24 -38.34 43.92
N MET C 233 -14.87 -39.62 44.07
CA MET C 233 -13.51 -40.02 44.40
C MET C 233 -13.03 -41.01 43.36
N ARG C 234 -11.89 -40.73 42.75
CA ARG C 234 -11.30 -41.58 41.72
C ARG C 234 -9.96 -42.10 42.23
N TYR C 235 -9.83 -43.42 42.29
CA TYR C 235 -8.65 -44.09 42.83
C TYR C 235 -8.09 -44.98 41.72
N LYS C 236 -7.13 -44.46 40.96
CA LYS C 236 -6.50 -45.19 39.88
C LYS C 236 -5.20 -45.84 40.36
N ALA C 237 -4.79 -46.88 39.64
CA ALA C 237 -3.52 -47.53 39.93
C ALA C 237 -2.36 -46.60 39.56
N THR C 238 -1.31 -46.62 40.40
CA THR C 238 -0.22 -45.66 40.26
C THR C 238 0.31 -45.56 38.84
N THR C 239 0.29 -46.68 38.08
CA THR C 239 0.82 -46.72 36.72
C THR C 239 -0.17 -47.51 35.84
N ASN C 240 -1.32 -46.89 35.55
CA ASN C 240 -2.33 -47.55 34.73
C ASN C 240 -3.12 -46.55 33.89
N GLN C 241 -3.28 -45.32 34.38
CA GLN C 241 -4.14 -44.34 33.72
C GLN C 241 -5.56 -44.88 33.63
N THR C 242 -6.50 -44.09 33.09
CA THR C 242 -7.90 -44.49 33.03
C THR C 242 -8.40 -44.81 34.44
N TRP C 243 -8.99 -43.83 35.11
CA TRP C 243 -9.31 -43.95 36.52
C TRP C 243 -10.58 -44.77 36.75
N ASN C 244 -10.64 -45.42 37.91
CA ASN C 244 -11.90 -45.85 38.49
C ASN C 244 -12.45 -44.71 39.34
N VAL C 245 -13.73 -44.82 39.70
CA VAL C 245 -14.43 -43.77 40.42
C VAL C 245 -15.41 -44.39 41.41
N LYS C 246 -16.07 -43.53 42.19
CA LYS C 246 -17.17 -43.92 43.07
C LYS C 246 -17.99 -42.66 43.33
N GLU C 247 -19.27 -42.70 42.98
CA GLU C 247 -20.16 -41.53 43.10
C GLU C 247 -20.92 -41.63 44.41
N PHE C 248 -20.50 -40.84 45.41
CA PHE C 248 -21.12 -40.84 46.72
C PHE C 248 -22.27 -39.84 46.74
N ASP C 249 -22.88 -39.69 47.92
CA ASP C 249 -23.79 -38.59 48.18
C ASP C 249 -23.80 -38.37 49.70
N THR C 250 -22.77 -37.70 50.20
CA THR C 250 -22.37 -37.78 51.59
C THR C 250 -22.97 -36.66 52.44
N ASN C 251 -22.64 -36.70 53.73
CA ASN C 251 -23.10 -35.75 54.73
C ASN C 251 -21.92 -35.52 55.66
N PHE C 252 -21.37 -34.31 55.65
CA PHE C 252 -20.15 -34.00 56.38
C PHE C 252 -20.43 -33.56 57.82
N THR C 253 -21.21 -34.35 58.55
CA THR C 253 -21.38 -34.11 59.97
C THR C 253 -20.12 -34.49 60.74
N TYR C 254 -19.64 -35.72 60.54
CA TYR C 254 -18.39 -36.21 61.10
C TYR C 254 -17.38 -36.42 59.96
N VAL C 255 -16.26 -37.06 60.28
CA VAL C 255 -15.27 -37.37 59.27
C VAL C 255 -15.81 -38.46 58.33
N GLN C 256 -15.37 -38.41 57.08
CA GLN C 256 -15.79 -39.35 56.07
C GLN C 256 -14.76 -40.45 55.89
N GLN C 257 -15.24 -41.64 55.50
CA GLN C 257 -14.36 -42.78 55.24
C GLN C 257 -14.86 -43.50 53.98
N SER C 258 -13.93 -44.18 53.30
CA SER C 258 -14.23 -44.92 52.09
C SER C 258 -13.64 -46.33 52.22
N GLU C 259 -14.51 -47.34 52.28
CA GLU C 259 -14.07 -48.71 52.47
C GLU C 259 -13.69 -49.36 51.15
N PHE C 260 -12.86 -48.67 50.36
CA PHE C 260 -12.36 -49.22 49.11
C PHE C 260 -11.33 -50.32 49.40
N TYR C 261 -11.03 -51.11 48.35
CA TYR C 261 -10.10 -52.22 48.45
C TYR C 261 -8.77 -51.85 47.76
N LEU C 262 -7.97 -52.86 47.44
CA LEU C 262 -6.74 -52.66 46.68
C LEU C 262 -5.97 -53.97 46.56
N GLU C 263 -5.47 -54.27 45.37
CA GLU C 263 -4.56 -55.39 45.19
C GLU C 263 -3.31 -55.12 46.01
N PRO C 264 -2.90 -56.04 46.89
CA PRO C 264 -1.82 -55.72 47.83
C PRO C 264 -0.50 -55.47 47.10
N ASN C 265 0.26 -54.51 47.62
CA ASN C 265 1.53 -54.13 47.02
C ASN C 265 1.30 -53.51 45.64
N ILE C 266 0.94 -52.23 45.61
CA ILE C 266 0.64 -51.52 44.37
C ILE C 266 0.23 -50.10 44.72
N LYS C 267 1.15 -49.15 44.56
CA LYS C 267 0.86 -47.75 44.86
C LYS C 267 -0.40 -47.32 44.16
N TYR C 268 -1.18 -46.46 44.83
CA TYR C 268 -2.43 -45.95 44.29
C TYR C 268 -2.46 -44.44 44.44
N VAL C 269 -3.20 -43.78 43.54
CA VAL C 269 -3.42 -42.35 43.57
C VAL C 269 -4.89 -42.10 43.84
N PHE C 270 -5.18 -41.15 44.73
CA PHE C 270 -6.55 -40.81 45.12
C PHE C 270 -6.76 -39.31 45.04
N GLN C 271 -7.97 -38.91 44.61
CA GLN C 271 -8.42 -37.54 44.74
C GLN C 271 -9.92 -37.58 45.03
N VAL C 272 -10.48 -36.41 45.31
CA VAL C 272 -11.90 -36.29 45.63
C VAL C 272 -12.36 -34.87 45.34
N ARG C 273 -13.59 -34.75 44.87
CA ARG C 273 -14.24 -33.47 44.66
C ARG C 273 -15.70 -33.58 45.06
N CYS C 274 -16.28 -32.47 45.51
CA CYS C 274 -17.66 -32.44 45.97
C CYS C 274 -18.36 -31.21 45.38
N GLN C 275 -19.62 -31.03 45.74
CA GLN C 275 -20.41 -29.88 45.28
C GLN C 275 -21.75 -29.90 45.98
N GLU C 276 -22.47 -28.78 45.88
CA GLU C 276 -23.86 -28.71 46.30
C GLU C 276 -24.69 -29.48 45.28
N THR C 277 -25.21 -30.63 45.69
CA THR C 277 -25.75 -31.60 44.74
C THR C 277 -26.75 -30.93 43.80
N GLY C 278 -26.54 -31.13 42.50
CA GLY C 278 -27.43 -30.61 41.50
C GLY C 278 -27.20 -29.16 41.14
N LYS C 279 -25.98 -28.66 41.31
CA LYS C 279 -25.66 -27.26 41.06
C LYS C 279 -24.59 -27.15 39.98
N ARG C 280 -24.18 -25.90 39.70
CA ARG C 280 -23.47 -25.59 38.46
C ARG C 280 -22.00 -25.97 38.52
N TYR C 281 -21.36 -25.82 39.67
CA TYR C 281 -19.91 -25.91 39.75
C TYR C 281 -19.47 -26.98 40.73
N TRP C 282 -18.37 -27.66 40.39
CA TRP C 282 -17.73 -28.64 41.24
C TRP C 282 -16.47 -28.06 41.88
N GLN C 283 -16.09 -28.62 43.03
CA GLN C 283 -14.79 -28.30 43.60
C GLN C 283 -13.70 -28.73 42.63
N PRO C 284 -12.49 -28.23 42.79
CA PRO C 284 -11.35 -28.80 42.08
C PRO C 284 -10.95 -30.12 42.70
N TRP C 285 -10.40 -31.00 41.88
CA TRP C 285 -9.94 -32.28 42.38
C TRP C 285 -8.93 -32.06 43.51
N SER C 286 -9.10 -32.82 44.60
CA SER C 286 -8.15 -32.77 45.71
C SER C 286 -6.73 -32.98 45.21
N SER C 287 -5.77 -32.46 45.97
CA SER C 287 -4.37 -32.80 45.71
C SER C 287 -4.22 -34.32 45.69
N LEU C 288 -3.32 -34.79 44.84
CA LEU C 288 -3.16 -36.23 44.68
C LEU C 288 -2.65 -36.86 45.97
N PHE C 289 -3.07 -38.11 46.19
CA PHE C 289 -2.75 -38.83 47.42
C PHE C 289 -2.21 -40.20 47.04
N PHE C 290 -0.95 -40.47 47.42
CA PHE C 290 -0.32 -41.75 47.14
C PHE C 290 -0.54 -42.70 48.32
N HIS C 291 -0.54 -44.00 48.01
CA HIS C 291 -0.70 -45.02 49.04
C HIS C 291 -0.12 -46.34 48.52
N LYS C 292 1.00 -46.78 49.09
CA LYS C 292 1.64 -48.03 48.71
C LYS C 292 1.05 -49.16 49.54
N THR C 293 0.12 -49.91 48.94
CA THR C 293 -0.58 -50.97 49.66
C THR C 293 0.43 -51.91 50.32
N PRO C 294 0.30 -52.19 51.62
CA PRO C 294 1.17 -53.19 52.25
C PRO C 294 1.01 -54.57 51.64
N GLU C 295 2.05 -55.39 51.80
CA GLU C 295 2.06 -56.68 51.13
C GLU C 295 1.31 -57.75 51.92
N GLY C 296 1.71 -58.00 53.16
CA GLY C 296 1.04 -58.98 53.99
C GLY C 296 1.94 -59.86 54.83
N ASN C 297 3.24 -59.82 54.56
CA ASN C 297 4.23 -60.58 55.32
C ASN C 297 5.57 -60.55 54.61
N ILE D 3 -10.66 -8.98 -38.69
CA ILE D 3 -10.63 -7.79 -37.86
C ILE D 3 -11.84 -6.93 -38.19
N THR D 4 -13.03 -7.46 -37.90
CA THR D 4 -14.27 -6.76 -38.17
C THR D 4 -14.69 -5.95 -36.96
N ASN D 5 -15.31 -4.80 -37.22
CA ASN D 5 -15.52 -3.77 -36.21
C ASN D 5 -16.91 -3.92 -35.59
N ILE D 6 -16.94 -4.27 -34.31
CA ILE D 6 -18.18 -4.47 -33.57
C ILE D 6 -18.54 -3.19 -32.84
N ASN D 7 -19.77 -2.74 -33.02
CA ASN D 7 -20.24 -1.48 -32.42
C ASN D 7 -20.66 -1.75 -30.98
N CYS D 8 -19.80 -1.38 -30.04
CA CYS D 8 -20.12 -1.53 -28.63
C CYS D 8 -21.22 -0.55 -28.24
N SER D 9 -21.90 -0.87 -27.13
CA SER D 9 -22.86 0.01 -26.48
C SER D 9 -22.51 -0.01 -25.00
N GLY D 10 -21.56 0.84 -24.62
CA GLY D 10 -20.82 0.76 -23.38
C GLY D 10 -19.34 0.59 -23.68
N HIS D 11 -18.57 0.32 -22.63
CA HIS D 11 -17.15 0.05 -22.82
C HIS D 11 -16.57 -0.67 -21.61
N ILE D 12 -15.37 -1.20 -21.83
CA ILE D 12 -14.61 -1.96 -20.84
C ILE D 12 -13.28 -1.25 -20.64
N TRP D 13 -12.81 -1.23 -19.40
CA TRP D 13 -11.45 -0.81 -19.11
C TRP D 13 -10.84 -1.78 -18.11
N VAL D 14 -9.52 -1.73 -18.02
CA VAL D 14 -8.77 -2.71 -17.25
C VAL D 14 -7.70 -2.02 -16.42
N GLU D 15 -7.95 -1.87 -15.14
CA GLU D 15 -6.89 -1.41 -14.25
C GLU D 15 -6.02 -2.60 -13.85
N PRO D 16 -4.67 -2.50 -13.94
CA PRO D 16 -3.84 -1.32 -14.23
C PRO D 16 -3.78 -0.90 -15.67
N ALA D 17 -3.79 -1.85 -16.60
CA ALA D 17 -3.87 -1.55 -18.03
C ALA D 17 -4.14 -2.86 -18.77
N THR D 18 -4.52 -2.73 -20.04
CA THR D 18 -4.81 -3.93 -20.84
C THR D 18 -3.56 -4.77 -21.07
N ILE D 19 -2.38 -4.19 -20.93
CA ILE D 19 -1.11 -4.92 -20.93
C ILE D 19 -0.49 -4.75 -19.54
N PHE D 20 -0.26 -5.86 -18.86
CA PHE D 20 0.20 -5.85 -17.48
C PHE D 20 1.22 -6.98 -17.28
N LYS D 21 1.74 -7.09 -16.05
CA LYS D 21 2.75 -8.08 -15.73
C LYS D 21 2.10 -9.39 -15.28
N MET D 22 2.58 -10.51 -15.81
CA MET D 22 2.06 -11.80 -15.40
C MET D 22 2.14 -11.93 -13.88
N GLY D 23 1.04 -12.43 -13.28
CA GLY D 23 0.93 -12.55 -11.84
C GLY D 23 0.26 -11.38 -11.17
N MET D 24 0.09 -10.26 -11.85
CA MET D 24 -0.59 -9.11 -11.25
C MET D 24 -2.06 -9.41 -11.06
N ASN D 25 -2.60 -8.98 -9.92
CA ASN D 25 -4.05 -8.92 -9.78
C ASN D 25 -4.57 -7.80 -10.69
N ILE D 26 -5.71 -8.04 -11.35
CA ILE D 26 -6.26 -7.06 -12.28
C ILE D 26 -7.75 -6.91 -12.04
N SER D 27 -8.28 -5.77 -12.48
CA SER D 27 -9.69 -5.44 -12.36
C SER D 27 -10.22 -5.03 -13.72
N ILE D 28 -11.24 -5.73 -14.19
CA ILE D 28 -11.86 -5.48 -15.49
C ILE D 28 -13.22 -4.83 -15.20
N TYR D 29 -13.38 -3.59 -15.59
CA TYR D 29 -14.64 -2.89 -15.42
C TYR D 29 -15.43 -2.90 -16.72
N CYS D 30 -16.75 -2.84 -16.61
CA CYS D 30 -17.65 -2.83 -17.75
C CYS D 30 -18.82 -1.93 -17.41
N GLN D 31 -19.07 -0.94 -18.26
CA GLN D 31 -20.09 0.08 -18.03
C GLN D 31 -21.10 0.03 -19.17
N ALA D 32 -22.31 -0.42 -18.85
CA ALA D 32 -23.34 -0.54 -19.87
C ALA D 32 -23.84 0.83 -20.30
N ALA D 33 -24.21 0.93 -21.58
CA ALA D 33 -24.84 2.14 -22.12
C ALA D 33 -25.72 1.69 -23.28
N ILE D 34 -26.95 1.28 -22.95
CA ILE D 34 -27.89 0.71 -23.90
C ILE D 34 -29.16 1.55 -23.86
N LYS D 35 -29.67 1.89 -25.05
CA LYS D 35 -30.88 2.69 -25.14
C LYS D 35 -32.03 1.99 -24.42
N ASN D 36 -32.57 2.64 -23.39
CA ASN D 36 -33.78 2.18 -22.72
C ASN D 36 -33.57 0.85 -22.00
N CYS D 37 -32.38 0.65 -21.43
CA CYS D 37 -32.10 -0.57 -20.67
C CYS D 37 -31.38 -0.19 -19.38
N GLN D 38 -32.07 -0.30 -18.25
CA GLN D 38 -31.43 -0.28 -16.95
C GLN D 38 -31.04 -1.72 -16.61
N PRO D 39 -29.78 -2.10 -16.77
CA PRO D 39 -29.43 -3.53 -16.69
C PRO D 39 -29.81 -4.17 -15.36
N ARG D 40 -30.43 -5.34 -15.45
CA ARG D 40 -30.73 -6.12 -14.27
C ARG D 40 -29.49 -6.82 -13.74
N LYS D 41 -28.65 -7.33 -14.63
CA LYS D 41 -27.44 -8.03 -14.25
C LYS D 41 -26.42 -7.86 -15.36
N LEU D 42 -25.14 -7.78 -14.99
CA LEU D 42 -24.03 -7.70 -15.94
C LEU D 42 -23.18 -8.96 -15.81
N HIS D 43 -22.88 -9.58 -16.94
CA HIS D 43 -22.15 -10.85 -16.94
C HIS D 43 -20.81 -10.67 -17.63
N PHE D 44 -19.84 -11.47 -17.21
CA PHE D 44 -18.49 -11.45 -17.75
C PHE D 44 -18.13 -12.81 -18.30
N TYR D 45 -17.58 -12.84 -19.50
CA TYR D 45 -17.14 -14.07 -20.14
C TYR D 45 -15.69 -13.91 -20.58
N LYS D 46 -14.86 -14.91 -20.29
CA LYS D 46 -13.51 -14.99 -20.81
C LYS D 46 -13.52 -16.04 -21.92
N ASN D 47 -13.69 -15.57 -23.16
CA ASN D 47 -13.67 -16.43 -24.33
C ASN D 47 -14.81 -17.45 -24.29
N GLY D 48 -15.98 -17.00 -23.86
CA GLY D 48 -17.17 -17.82 -23.92
C GLY D 48 -17.47 -18.62 -22.66
N ILE D 49 -16.52 -18.75 -21.74
CA ILE D 49 -16.79 -19.36 -20.44
C ILE D 49 -17.18 -18.25 -19.47
N LYS D 50 -18.19 -18.51 -18.64
CA LYS D 50 -18.77 -17.49 -17.78
C LYS D 50 -17.99 -17.37 -16.47
N GLU D 51 -17.73 -16.14 -16.07
CA GLU D 51 -17.16 -15.87 -14.75
C GLU D 51 -18.30 -15.72 -13.75
N ARG D 52 -18.20 -16.43 -12.63
CA ARG D 52 -19.27 -16.47 -11.65
C ARG D 52 -18.90 -15.85 -10.31
N PHE D 53 -17.63 -15.63 -10.04
CA PHE D 53 -17.16 -15.12 -8.76
C PHE D 53 -16.30 -13.90 -8.99
N GLN D 54 -16.19 -13.10 -7.93
CA GLN D 54 -15.39 -11.88 -7.94
C GLN D 54 -15.96 -10.84 -8.91
N ILE D 55 -17.28 -10.81 -9.05
CA ILE D 55 -17.95 -9.77 -9.81
C ILE D 55 -18.65 -8.85 -8.83
N THR D 56 -18.51 -7.54 -9.04
CA THR D 56 -19.06 -6.53 -8.17
C THR D 56 -19.90 -5.58 -8.99
N ARG D 57 -21.05 -5.21 -8.45
CA ARG D 57 -21.97 -4.27 -9.12
C ARG D 57 -21.67 -2.89 -8.54
N ILE D 58 -20.78 -2.15 -9.21
CA ILE D 58 -20.36 -0.85 -8.71
C ILE D 58 -21.55 0.12 -8.68
N ASN D 59 -22.15 0.41 -9.84
CA ASN D 59 -23.43 1.09 -9.85
C ASN D 59 -24.53 0.22 -10.46
N LYS D 60 -25.65 0.88 -10.78
CA LYS D 60 -26.67 0.27 -11.62
C LYS D 60 -26.19 0.04 -13.04
N THR D 61 -25.18 0.80 -13.50
CA THR D 61 -24.64 0.65 -14.85
C THR D 61 -23.34 -0.14 -14.92
N THR D 62 -22.49 -0.03 -13.90
CA THR D 62 -21.11 -0.51 -13.98
C THR D 62 -20.90 -1.75 -13.12
N ALA D 63 -20.04 -2.65 -13.60
CA ALA D 63 -19.67 -3.83 -12.86
C ALA D 63 -18.17 -4.07 -13.01
N ARG D 64 -17.59 -4.72 -12.01
CA ARG D 64 -16.18 -5.05 -11.99
C ARG D 64 -15.99 -6.55 -11.87
N LEU D 65 -15.04 -7.08 -12.65
CA LEU D 65 -14.56 -8.44 -12.51
C LEU D 65 -13.10 -8.39 -12.09
N TRP D 66 -12.71 -9.23 -11.14
CA TRP D 66 -11.38 -9.15 -10.53
C TRP D 66 -10.71 -10.51 -10.57
N TYR D 67 -9.58 -10.58 -11.27
CA TYR D 67 -8.76 -11.78 -11.35
C TYR D 67 -7.60 -11.66 -10.36
N LYS D 68 -7.38 -12.72 -9.56
CA LYS D 68 -6.24 -12.79 -8.66
C LYS D 68 -5.11 -13.51 -9.37
N ASN D 69 -3.92 -12.89 -9.38
CA ASN D 69 -2.73 -13.48 -10.00
C ASN D 69 -3.10 -14.02 -11.38
N PHE D 70 -2.97 -13.17 -12.40
CA PHE D 70 -3.39 -13.49 -13.77
C PHE D 70 -2.15 -13.87 -14.57
N LEU D 71 -2.03 -15.15 -14.93
CA LEU D 71 -0.83 -15.65 -15.59
C LEU D 71 -1.03 -15.94 -17.07
N GLU D 72 -2.24 -15.82 -17.59
CA GLU D 72 -2.48 -16.11 -19.00
C GLU D 72 -1.87 -15.01 -19.86
N PRO D 73 -1.12 -15.35 -20.92
CA PRO D 73 -0.59 -14.29 -21.80
C PRO D 73 -1.65 -13.57 -22.62
N HIS D 74 -2.71 -14.25 -23.04
CA HIS D 74 -3.78 -13.62 -23.80
C HIS D 74 -5.13 -14.02 -23.22
N ALA D 75 -6.11 -13.15 -23.42
CA ALA D 75 -7.49 -13.45 -23.07
C ALA D 75 -8.38 -12.43 -23.73
N SER D 76 -9.56 -12.87 -24.18
CA SER D 76 -10.55 -11.98 -24.76
C SER D 76 -11.74 -11.91 -23.82
N MET D 77 -12.06 -10.71 -23.36
CA MET D 77 -13.14 -10.50 -22.41
C MET D 77 -14.37 -9.97 -23.14
N TYR D 78 -15.55 -10.46 -22.72
CA TYR D 78 -16.83 -9.93 -23.16
C TYR D 78 -17.67 -9.67 -21.92
N CYS D 79 -18.40 -8.55 -21.88
CA CYS D 79 -19.45 -8.38 -20.89
C CYS D 79 -20.76 -8.13 -21.61
N THR D 80 -21.84 -8.65 -21.02
CA THR D 80 -23.18 -8.56 -21.59
C THR D 80 -24.11 -7.95 -20.55
N ALA D 81 -25.41 -7.89 -20.89
CA ALA D 81 -26.37 -7.22 -20.03
C ALA D 81 -27.73 -7.88 -20.20
N GLU D 82 -28.20 -8.51 -19.14
CA GLU D 82 -29.61 -8.89 -19.05
C GLU D 82 -30.45 -7.62 -18.98
N CYS D 83 -31.26 -7.40 -19.97
CA CYS D 83 -32.07 -6.19 -19.90
C CYS D 83 -33.49 -6.51 -19.40
N PRO D 84 -34.15 -5.52 -18.77
CA PRO D 84 -35.49 -5.76 -18.25
C PRO D 84 -36.44 -6.46 -19.21
N LYS D 85 -36.62 -5.91 -20.40
CA LYS D 85 -37.71 -6.35 -21.27
C LYS D 85 -37.42 -7.62 -22.05
N HIS D 86 -36.19 -8.15 -22.01
CA HIS D 86 -35.79 -9.29 -22.83
C HIS D 86 -35.32 -10.46 -21.97
N PHE D 87 -35.53 -11.67 -22.49
CA PHE D 87 -35.00 -12.88 -21.90
C PHE D 87 -33.62 -13.23 -22.46
N GLN D 88 -32.93 -12.28 -23.09
CA GLN D 88 -31.66 -12.53 -23.74
C GLN D 88 -30.65 -11.43 -23.37
N GLU D 89 -29.38 -11.72 -23.63
CA GLU D 89 -28.29 -10.85 -23.19
C GLU D 89 -27.85 -9.94 -24.32
N THR D 90 -27.70 -8.66 -24.02
CA THR D 90 -27.21 -7.69 -24.99
C THR D 90 -25.70 -7.49 -24.81
N LEU D 91 -24.96 -7.63 -25.91
CA LEU D 91 -23.51 -7.45 -25.83
C LEU D 91 -23.20 -5.99 -25.53
N ILE D 92 -22.47 -5.76 -24.44
CA ILE D 92 -21.97 -4.42 -24.14
C ILE D 92 -20.75 -4.13 -25.00
N CYS D 93 -19.69 -4.89 -24.78
CA CYS D 93 -18.41 -4.65 -25.44
C CYS D 93 -17.46 -5.79 -25.10
N GLY D 94 -16.35 -5.83 -25.82
CA GLY D 94 -15.29 -6.79 -25.56
C GLY D 94 -13.95 -6.10 -25.49
N LYS D 95 -12.96 -6.84 -25.02
CA LYS D 95 -11.62 -6.30 -24.89
C LYS D 95 -10.61 -7.43 -24.74
N ASP D 96 -9.55 -7.38 -25.54
CA ASP D 96 -8.43 -8.30 -25.40
C ASP D 96 -7.44 -7.75 -24.37
N ILE D 97 -7.00 -8.61 -23.46
CA ILE D 97 -5.99 -8.26 -22.48
C ILE D 97 -4.78 -9.15 -22.74
N SER D 98 -3.63 -8.74 -22.20
CA SER D 98 -2.38 -9.42 -22.47
C SER D 98 -1.44 -9.20 -21.31
N SER D 99 -0.73 -10.26 -20.92
CA SER D 99 0.22 -10.20 -19.83
C SER D 99 1.59 -10.68 -20.32
N GLY D 100 2.62 -10.26 -19.61
CA GLY D 100 3.97 -10.63 -19.96
C GLY D 100 4.96 -10.02 -18.98
N TYR D 101 6.19 -9.86 -19.43
CA TYR D 101 7.27 -9.38 -18.59
C TYR D 101 8.02 -8.24 -19.25
N PRO D 102 8.68 -7.40 -18.45
CA PRO D 102 9.51 -6.37 -19.03
C PRO D 102 10.83 -6.96 -19.50
N PRO D 103 11.56 -6.27 -20.37
CA PRO D 103 12.72 -6.90 -21.00
C PRO D 103 13.85 -7.12 -20.01
N ASP D 104 14.46 -8.30 -20.07
CA ASP D 104 15.76 -8.52 -19.46
C ASP D 104 16.82 -7.68 -20.15
N ILE D 105 17.88 -7.36 -19.43
CA ILE D 105 19.00 -6.63 -20.03
C ILE D 105 19.69 -7.54 -21.05
N PRO D 106 19.79 -7.15 -22.31
CA PRO D 106 20.51 -8.00 -23.27
C PRO D 106 21.98 -8.12 -22.92
N ASP D 107 22.47 -9.36 -22.85
CA ASP D 107 23.89 -9.61 -22.68
C ASP D 107 24.35 -10.63 -23.73
N GLU D 108 25.65 -10.94 -23.72
CA GLU D 108 26.25 -11.83 -24.71
C GLU D 108 26.10 -11.26 -26.12
N VAL D 109 26.30 -9.95 -26.24
CA VAL D 109 26.25 -9.28 -27.53
C VAL D 109 27.49 -9.63 -28.32
N THR D 110 27.30 -10.28 -29.47
CA THR D 110 28.41 -10.71 -30.32
C THR D 110 28.11 -10.29 -31.75
N CYS D 111 29.08 -9.67 -32.41
CA CYS D 111 28.97 -9.26 -33.79
C CYS D 111 30.04 -9.96 -34.61
N VAL D 112 29.61 -10.66 -35.67
CA VAL D 112 30.52 -11.39 -36.55
C VAL D 112 30.19 -11.03 -37.99
N ILE D 113 31.20 -11.24 -38.86
CA ILE D 113 31.07 -10.97 -40.29
C ILE D 113 31.46 -12.26 -41.00
N TYR D 114 30.48 -13.12 -41.25
CA TYR D 114 30.73 -14.31 -42.06
C TYR D 114 31.20 -13.90 -43.44
N GLU D 115 32.16 -14.66 -43.99
CA GLU D 115 32.80 -14.28 -45.24
C GLU D 115 31.81 -14.30 -46.41
N TYR D 116 32.07 -13.45 -47.40
CA TYR D 116 31.27 -13.36 -48.62
C TYR D 116 29.82 -12.99 -48.32
N SER D 117 29.54 -12.45 -47.14
CA SER D 117 28.17 -12.09 -46.77
C SER D 117 27.89 -10.60 -46.90
N GLY D 118 28.93 -9.77 -46.91
CA GLY D 118 28.77 -8.33 -46.88
C GLY D 118 27.86 -7.89 -45.74
N ASN D 119 27.92 -8.61 -44.63
CA ASN D 119 27.01 -8.40 -43.53
C ASN D 119 27.73 -8.62 -42.21
N MET D 120 27.77 -7.58 -41.37
CA MET D 120 27.99 -7.79 -39.94
C MET D 120 26.66 -8.22 -39.33
N THR D 121 26.65 -9.37 -38.66
CA THR D 121 25.44 -9.90 -38.03
C THR D 121 25.67 -9.97 -36.53
N CYS D 122 24.82 -9.26 -35.78
CA CYS D 122 24.95 -9.15 -34.33
C CYS D 122 23.79 -9.87 -33.66
N THR D 123 24.11 -10.74 -32.71
CA THR D 123 23.12 -11.44 -31.91
C THR D 123 23.31 -11.05 -30.44
N TRP D 124 22.45 -11.61 -29.59
CA TRP D 124 22.51 -11.35 -28.16
C TRP D 124 21.52 -12.28 -27.47
N ASN D 125 21.70 -12.41 -26.15
CA ASN D 125 20.77 -13.16 -25.31
C ASN D 125 19.68 -12.21 -24.84
N ALA D 126 18.46 -12.42 -25.36
CA ALA D 126 17.34 -11.56 -25.00
C ALA D 126 16.93 -11.72 -23.55
N GLY D 127 17.13 -12.90 -22.98
CA GLY D 127 16.75 -13.17 -21.61
C GLY D 127 15.43 -13.89 -21.51
N LYS D 128 14.68 -13.61 -20.44
CA LYS D 128 13.45 -14.35 -20.16
C LYS D 128 12.39 -14.07 -21.22
N LEU D 129 11.50 -15.04 -21.41
CA LEU D 129 10.33 -14.83 -22.26
C LEU D 129 9.51 -13.65 -21.74
N THR D 130 9.30 -12.65 -22.59
CA THR D 130 8.47 -11.51 -22.25
C THR D 130 7.02 -11.66 -22.71
N TYR D 131 6.77 -12.53 -23.70
CA TYR D 131 5.43 -12.81 -24.19
C TYR D 131 4.85 -11.64 -24.97
N ILE D 132 4.98 -10.42 -24.47
CA ILE D 132 4.39 -9.27 -25.13
C ILE D 132 5.34 -8.74 -26.21
N ASP D 133 4.84 -7.81 -27.03
CA ASP D 133 5.61 -7.26 -28.14
C ASP D 133 6.89 -6.62 -27.63
N THR D 134 8.03 -7.13 -28.08
CA THR D 134 9.34 -6.65 -27.63
C THR D 134 10.18 -6.26 -28.83
N LYS D 135 10.50 -4.97 -28.94
CA LYS D 135 11.31 -4.44 -30.02
C LYS D 135 12.76 -4.31 -29.55
N TYR D 136 13.69 -4.39 -30.50
CA TYR D 136 15.11 -4.25 -30.23
C TYR D 136 15.70 -3.19 -31.16
N VAL D 137 16.53 -2.32 -30.60
CA VAL D 137 17.18 -1.26 -31.36
C VAL D 137 18.69 -1.42 -31.17
N VAL D 138 19.39 -1.73 -32.25
CA VAL D 138 20.83 -1.97 -32.22
C VAL D 138 21.52 -0.68 -32.62
N HIS D 139 22.41 -0.18 -31.76
CA HIS D 139 23.16 1.02 -32.02
C HIS D 139 24.56 0.68 -32.50
N VAL D 140 25.09 1.48 -33.41
CA VAL D 140 26.44 1.29 -33.94
C VAL D 140 27.07 2.67 -34.03
N LYS D 141 28.11 2.89 -33.23
CA LYS D 141 28.84 4.15 -33.22
C LYS D 141 30.25 3.93 -33.75
N SER D 142 30.65 4.77 -34.69
CA SER D 142 32.05 4.83 -35.10
C SER D 142 32.87 5.50 -34.00
N LEU D 143 34.12 5.07 -33.87
CA LEU D 143 35.02 5.71 -32.92
C LEU D 143 35.85 6.80 -33.59
N GLU D 144 36.31 6.57 -34.82
CA GLU D 144 37.05 7.59 -35.54
C GLU D 144 36.16 8.72 -36.03
N THR D 145 34.84 8.61 -35.85
CA THR D 145 33.90 9.61 -36.34
C THR D 145 32.74 9.90 -35.40
N GLU D 146 32.41 9.01 -34.46
CA GLU D 146 31.35 9.22 -33.47
C GLU D 146 29.96 9.25 -34.09
N GLU D 147 29.81 8.95 -35.38
CA GLU D 147 28.48 8.89 -35.98
C GLU D 147 27.78 7.62 -35.51
N GLU D 148 26.52 7.76 -35.13
CA GLU D 148 25.75 6.70 -34.51
C GLU D 148 24.58 6.35 -35.42
N GLN D 149 24.38 5.06 -35.66
CA GLN D 149 23.28 4.58 -36.47
C GLN D 149 22.39 3.66 -35.63
N GLN D 150 21.09 3.70 -35.90
CA GLN D 150 20.11 2.91 -35.18
C GLN D 150 19.48 1.89 -36.11
N TYR D 151 19.36 0.65 -35.65
CA TYR D 151 18.80 -0.43 -36.45
C TYR D 151 17.74 -1.14 -35.64
N LEU D 152 16.52 -1.18 -36.18
CA LEU D 152 15.39 -1.82 -35.52
C LEU D 152 15.28 -3.27 -35.96
N THR D 153 15.11 -4.16 -35.00
CA THR D 153 14.92 -5.57 -35.30
C THR D 153 14.10 -6.22 -34.19
N SER D 154 13.26 -7.17 -34.57
CA SER D 154 12.51 -7.98 -33.62
C SER D 154 13.20 -9.30 -33.32
N SER D 155 14.42 -9.49 -33.82
CA SER D 155 15.15 -10.74 -33.73
C SER D 155 16.49 -10.63 -34.44
N TYR D 156 17.54 -10.23 -33.73
CA TYR D 156 18.90 -10.20 -34.26
C TYR D 156 19.05 -9.39 -35.55
N ILE D 157 20.07 -8.56 -35.62
CA ILE D 157 20.23 -7.61 -36.72
C ILE D 157 21.22 -8.16 -37.72
N ASN D 158 21.14 -7.65 -38.94
CA ASN D 158 22.04 -8.02 -40.02
C ASN D 158 22.39 -6.71 -40.76
N ILE D 159 23.58 -6.18 -40.48
CA ILE D 159 23.98 -4.84 -40.89
C ILE D 159 24.90 -4.94 -42.11
N SER D 160 24.55 -4.22 -43.18
CA SER D 160 25.38 -4.19 -44.37
C SER D 160 26.76 -3.64 -44.03
N THR D 161 27.80 -4.30 -44.56
CA THR D 161 29.16 -3.83 -44.30
C THR D 161 29.43 -2.48 -44.95
N ASP D 162 28.70 -2.13 -46.01
CA ASP D 162 28.85 -0.82 -46.63
C ASP D 162 28.34 0.29 -45.72
N SER D 163 27.55 -0.04 -44.71
CA SER D 163 27.15 0.93 -43.70
C SER D 163 28.25 1.22 -42.69
N LEU D 164 29.40 0.55 -42.81
CA LEU D 164 30.52 0.75 -41.88
C LEU D 164 31.70 1.37 -42.61
N GLN D 165 31.50 2.56 -43.17
CA GLN D 165 32.54 3.25 -43.92
C GLN D 165 33.45 4.09 -43.03
N GLY D 166 33.10 4.28 -41.76
CA GLY D 166 33.82 5.21 -40.90
C GLY D 166 34.78 4.57 -39.93
N GLY D 167 35.79 3.88 -40.45
CA GLY D 167 36.83 3.28 -39.63
C GLY D 167 36.59 1.80 -39.40
N LYS D 168 37.46 1.23 -38.56
CA LYS D 168 37.40 -0.18 -38.21
C LYS D 168 36.98 -0.44 -36.77
N LYS D 169 36.99 0.57 -35.90
CA LYS D 169 36.64 0.41 -34.50
C LYS D 169 35.24 0.96 -34.27
N TYR D 170 34.35 0.12 -33.75
CA TYR D 170 32.95 0.51 -33.55
C TYR D 170 32.47 0.06 -32.17
N LEU D 171 31.46 0.77 -31.68
CA LEU D 171 30.77 0.42 -30.44
C LEU D 171 29.32 0.09 -30.76
N VAL D 172 28.89 -1.11 -30.40
CA VAL D 172 27.51 -1.54 -30.63
C VAL D 172 26.88 -1.93 -29.30
N TRP D 173 25.62 -1.57 -29.13
CA TRP D 173 24.84 -1.99 -27.96
C TRP D 173 23.39 -2.16 -28.39
N VAL D 174 22.65 -2.91 -27.58
CA VAL D 174 21.28 -3.32 -27.91
C VAL D 174 20.32 -2.75 -26.88
N GLN D 175 19.29 -2.06 -27.35
CA GLN D 175 18.16 -1.66 -26.53
C GLN D 175 17.01 -2.64 -26.73
N ALA D 176 16.32 -2.95 -25.65
CA ALA D 176 15.10 -3.76 -25.70
C ALA D 176 13.98 -2.98 -25.06
N ALA D 177 12.79 -3.04 -25.65
CA ALA D 177 11.65 -2.30 -25.13
C ALA D 177 10.36 -3.03 -25.42
N ASN D 178 9.46 -3.00 -24.46
CA ASN D 178 8.09 -3.46 -24.67
C ASN D 178 7.17 -2.58 -23.81
N ALA D 179 5.90 -2.98 -23.72
CA ALA D 179 4.92 -2.17 -23.01
C ALA D 179 5.28 -1.97 -21.55
N LEU D 180 6.08 -2.87 -20.98
CA LEU D 180 6.30 -2.90 -19.55
C LEU D 180 7.67 -2.39 -19.12
N GLY D 181 8.60 -2.20 -20.03
CA GLY D 181 9.90 -1.72 -19.60
C GLY D 181 10.88 -1.64 -20.76
N MET D 182 12.08 -1.16 -20.45
CA MET D 182 13.10 -0.89 -21.44
C MET D 182 14.46 -1.10 -20.81
N GLU D 183 15.35 -1.76 -21.54
CA GLU D 183 16.70 -2.03 -21.04
C GLU D 183 17.70 -1.85 -22.18
N GLU D 184 18.96 -1.67 -21.80
CA GLU D 184 20.04 -1.36 -22.72
C GLU D 184 21.26 -2.16 -22.30
N SER D 185 21.95 -2.75 -23.28
CA SER D 185 23.07 -3.63 -23.00
C SER D 185 24.36 -2.84 -22.85
N LYS D 186 25.35 -3.45 -22.21
CA LYS D 186 26.67 -2.86 -22.13
C LYS D 186 27.26 -2.76 -23.54
N GLN D 187 28.09 -1.75 -23.75
CA GLN D 187 28.65 -1.50 -25.07
C GLN D 187 29.68 -2.58 -25.41
N LEU D 188 29.48 -3.25 -26.53
CA LEU D 188 30.46 -4.17 -27.08
C LEU D 188 31.42 -3.39 -27.97
N GLN D 189 32.69 -3.74 -27.90
CA GLN D 189 33.71 -3.15 -28.75
C GLN D 189 34.13 -4.18 -29.78
N ILE D 190 34.19 -3.77 -31.05
CA ILE D 190 34.53 -4.67 -32.13
C ILE D 190 35.59 -4.02 -33.01
N HIS D 191 36.30 -4.87 -33.76
CA HIS D 191 37.25 -4.43 -34.78
C HIS D 191 37.01 -5.28 -36.02
N LEU D 192 36.57 -4.64 -37.10
CA LEU D 192 36.07 -5.38 -38.25
C LEU D 192 37.07 -6.40 -38.79
N ASP D 193 38.34 -6.27 -38.43
CA ASP D 193 39.35 -7.23 -38.86
C ASP D 193 39.43 -8.45 -37.95
N ASP D 194 38.84 -8.39 -36.75
CA ASP D 194 38.99 -9.44 -35.76
C ASP D 194 37.73 -10.28 -35.56
N ILE D 195 36.69 -10.06 -36.38
CA ILE D 195 35.39 -10.68 -36.15
C ILE D 195 34.91 -11.41 -37.39
N VAL D 196 35.83 -11.82 -38.26
CA VAL D 196 35.46 -12.49 -39.51
C VAL D 196 35.53 -13.99 -39.32
N ILE D 197 34.57 -14.70 -39.90
CA ILE D 197 34.46 -16.14 -39.78
C ILE D 197 34.59 -16.74 -41.17
N PRO D 198 35.50 -17.70 -41.39
CA PRO D 198 35.74 -18.19 -42.76
C PRO D 198 34.47 -18.77 -43.39
N SER D 199 34.51 -18.86 -44.71
CA SER D 199 33.44 -19.52 -45.44
C SER D 199 33.23 -20.94 -44.92
N ALA D 200 32.01 -21.45 -45.13
CA ALA D 200 31.60 -22.69 -44.49
C ALA D 200 32.51 -23.85 -44.88
N ALA D 201 32.81 -24.70 -43.92
CA ALA D 201 33.54 -25.94 -44.15
C ALA D 201 32.55 -27.10 -44.09
N VAL D 202 32.44 -27.85 -45.17
CA VAL D 202 31.49 -28.95 -45.27
C VAL D 202 32.24 -30.23 -45.57
N ILE D 203 31.71 -31.34 -45.02
CA ILE D 203 32.18 -32.69 -45.33
C ILE D 203 31.28 -33.26 -46.42
N SER D 204 31.87 -33.95 -47.39
CA SER D 204 31.16 -34.44 -48.56
C SER D 204 31.05 -35.96 -48.55
N ARG D 205 32.17 -36.66 -48.71
CA ARG D 205 32.19 -38.11 -48.76
C ARG D 205 33.12 -38.65 -47.68
N ALA D 206 32.87 -39.90 -47.31
CA ALA D 206 33.78 -40.63 -46.42
C ALA D 206 33.84 -42.07 -46.90
N GLU D 207 35.04 -42.52 -47.26
CA GLU D 207 35.25 -43.88 -47.73
C GLU D 207 36.42 -44.51 -46.98
N THR D 208 36.27 -45.78 -46.63
CA THR D 208 37.31 -46.54 -45.96
C THR D 208 37.98 -47.47 -46.97
N ILE D 209 39.30 -47.61 -46.86
CA ILE D 209 40.10 -48.31 -47.85
C ILE D 209 41.04 -49.31 -47.17
N THR D 212 47.13 -53.37 -46.13
CA THR D 212 45.92 -54.12 -45.82
C THR D 212 45.43 -53.70 -44.43
N VAL D 213 45.81 -52.50 -44.01
CA VAL D 213 45.35 -51.91 -42.75
C VAL D 213 44.32 -50.84 -43.09
N PRO D 214 43.11 -50.90 -42.52
CA PRO D 214 42.03 -50.03 -43.00
C PRO D 214 42.37 -48.56 -42.83
N LYS D 215 42.06 -47.77 -43.86
CA LYS D 215 42.26 -46.33 -43.86
C LYS D 215 40.96 -45.65 -44.28
N THR D 216 40.45 -44.77 -43.43
CA THR D 216 39.24 -44.00 -43.72
C THR D 216 39.63 -42.58 -44.09
N ILE D 217 39.04 -42.07 -45.18
CA ILE D 217 39.34 -40.73 -45.69
C ILE D 217 38.07 -39.89 -45.59
N ILE D 218 38.17 -38.77 -44.88
CA ILE D 218 37.10 -37.79 -44.80
C ILE D 218 37.40 -36.68 -45.80
N TYR D 219 36.44 -36.40 -46.66
CA TYR D 219 36.60 -35.36 -47.69
C TYR D 219 35.82 -34.11 -47.28
N TRP D 220 36.50 -32.97 -47.35
CA TRP D 220 35.87 -31.69 -47.03
C TRP D 220 36.62 -30.59 -47.75
N ASP D 221 36.08 -29.37 -47.66
CA ASP D 221 36.67 -28.22 -48.33
C ASP D 221 35.85 -26.99 -47.95
N SER D 222 36.48 -25.82 -48.08
CA SER D 222 35.83 -24.54 -47.92
C SER D 222 36.24 -23.65 -49.10
N GLN D 223 35.38 -22.68 -49.41
CA GLN D 223 35.69 -21.70 -50.45
C GLN D 223 36.32 -20.44 -49.90
N THR D 224 36.88 -20.51 -48.69
CA THR D 224 37.40 -19.30 -48.05
C THR D 224 38.68 -18.84 -48.73
N THR D 225 38.89 -17.52 -48.70
CA THR D 225 40.12 -16.91 -49.17
C THR D 225 40.91 -16.26 -48.03
N ILE D 226 40.57 -16.61 -46.78
CA ILE D 226 41.30 -16.10 -45.63
C ILE D 226 42.77 -16.50 -45.75
N GLU D 227 43.67 -15.54 -45.50
CA GLU D 227 45.10 -15.79 -45.67
C GLU D 227 45.56 -16.94 -44.79
N LYS D 228 45.48 -16.78 -43.47
CA LYS D 228 45.88 -17.81 -42.51
C LYS D 228 44.63 -18.26 -41.77
N VAL D 229 44.16 -19.48 -42.07
CA VAL D 229 42.97 -20.05 -41.47
C VAL D 229 43.37 -21.36 -40.78
N SER D 230 42.91 -21.53 -39.53
CA SER D 230 43.20 -22.71 -38.72
C SER D 230 41.90 -23.44 -38.42
N CYS D 231 41.98 -24.78 -38.34
CA CYS D 231 40.80 -25.62 -38.30
C CYS D 231 40.94 -26.69 -37.22
N GLU D 232 39.85 -27.44 -37.03
CA GLU D 232 39.76 -28.53 -36.07
C GLU D 232 38.74 -29.54 -36.57
N MET D 233 39.04 -30.82 -36.41
CA MET D 233 38.11 -31.89 -36.77
C MET D 233 37.94 -32.85 -35.60
N ARG D 234 36.68 -33.17 -35.27
CA ARG D 234 36.36 -34.12 -34.22
C ARG D 234 36.01 -35.48 -34.82
N TYR D 235 36.37 -36.55 -34.11
CA TYR D 235 35.97 -37.89 -34.49
C TYR D 235 35.75 -38.67 -33.21
N LYS D 236 34.73 -39.53 -33.22
CA LYS D 236 34.31 -40.24 -32.02
C LYS D 236 33.33 -41.34 -32.38
N ALA D 237 33.53 -42.54 -31.85
CA ALA D 237 32.53 -43.60 -32.01
C ALA D 237 31.18 -43.11 -31.53
N THR D 238 30.15 -43.32 -32.33
CA THR D 238 28.84 -42.75 -32.03
C THR D 238 28.38 -43.04 -30.60
N THR D 239 28.96 -44.05 -29.94
CA THR D 239 28.52 -44.43 -28.62
C THR D 239 29.52 -44.11 -27.51
N ASN D 240 30.72 -43.64 -27.86
CA ASN D 240 31.59 -43.09 -26.84
C ASN D 240 31.02 -41.75 -26.36
N GLN D 241 31.62 -41.23 -25.30
CA GLN D 241 31.27 -39.91 -24.79
C GLN D 241 32.39 -38.89 -24.99
N THR D 242 33.57 -39.33 -25.38
CA THR D 242 34.75 -38.47 -25.47
C THR D 242 35.07 -38.16 -26.93
N TRP D 243 35.21 -36.88 -27.24
CA TRP D 243 35.66 -36.45 -28.54
C TRP D 243 37.17 -36.66 -28.67
N ASN D 244 37.62 -36.69 -29.92
CA ASN D 244 39.04 -36.63 -30.28
C ASN D 244 39.19 -35.54 -31.33
N VAL D 245 40.19 -34.69 -31.17
CA VAL D 245 40.28 -33.46 -31.95
C VAL D 245 41.68 -33.31 -32.52
N LYS D 246 41.77 -33.27 -33.85
CA LYS D 246 42.98 -32.88 -34.56
C LYS D 246 42.90 -31.40 -34.91
N GLU D 247 43.99 -30.68 -34.68
CA GLU D 247 44.11 -29.28 -35.06
C GLU D 247 45.14 -29.16 -36.17
N PHE D 248 44.82 -28.36 -37.17
CA PHE D 248 45.70 -28.23 -38.33
C PHE D 248 45.45 -26.90 -39.01
N ASP D 249 46.52 -26.18 -39.32
CA ASP D 249 46.45 -25.06 -40.24
C ASP D 249 46.38 -25.62 -41.65
N THR D 250 45.60 -24.96 -42.51
CA THR D 250 45.34 -25.53 -43.83
C THR D 250 45.14 -24.43 -44.87
N ASN D 251 45.34 -24.82 -46.13
CA ASN D 251 44.99 -24.01 -47.29
C ASN D 251 44.13 -24.86 -48.19
N PHE D 252 43.00 -24.31 -48.65
CA PHE D 252 42.04 -25.07 -49.42
C PHE D 252 42.30 -25.03 -50.92
N THR D 253 43.57 -24.96 -51.31
CA THR D 253 43.93 -25.03 -52.73
C THR D 253 43.26 -26.23 -53.39
N TYR D 254 43.40 -27.40 -52.79
CA TYR D 254 42.77 -28.62 -53.26
C TYR D 254 41.78 -29.10 -52.21
N VAL D 255 41.00 -30.12 -52.55
CA VAL D 255 40.05 -30.67 -51.59
C VAL D 255 40.83 -31.23 -50.40
N GLN D 256 40.22 -31.16 -49.23
CA GLN D 256 40.87 -31.63 -48.01
C GLN D 256 40.71 -33.14 -47.87
N GLN D 257 41.77 -33.78 -47.41
CA GLN D 257 41.79 -35.23 -47.19
C GLN D 257 42.45 -35.50 -45.85
N SER D 258 41.66 -35.94 -44.87
CA SER D 258 42.13 -36.22 -43.52
C SER D 258 41.99 -37.70 -43.23
N GLU D 259 43.09 -38.35 -42.86
CA GLU D 259 43.15 -39.79 -42.71
C GLU D 259 42.76 -40.20 -41.30
N PHE D 260 42.04 -41.32 -41.20
CA PHE D 260 41.57 -41.84 -39.91
C PHE D 260 41.60 -43.37 -39.99
N TYR D 261 42.54 -43.98 -39.29
CA TYR D 261 42.59 -45.44 -39.21
C TYR D 261 41.66 -45.88 -38.09
N LEU D 262 40.44 -46.28 -38.46
CA LEU D 262 39.37 -46.56 -37.51
C LEU D 262 39.07 -48.05 -37.43
N GLU D 263 38.22 -48.41 -36.46
CA GLU D 263 37.87 -49.80 -36.21
C GLU D 263 36.72 -50.25 -37.10
N PRO D 264 36.60 -51.57 -37.33
CA PRO D 264 35.61 -52.06 -38.29
C PRO D 264 34.24 -52.37 -37.71
N ASN D 265 33.22 -52.19 -38.57
CA ASN D 265 31.81 -52.37 -38.22
C ASN D 265 31.41 -51.47 -37.06
N ILE D 266 32.01 -50.28 -37.00
CA ILE D 266 31.72 -49.29 -35.97
C ILE D 266 31.11 -48.08 -36.66
N LYS D 267 30.24 -47.37 -35.93
CA LYS D 267 29.63 -46.14 -36.40
C LYS D 267 30.36 -44.95 -35.79
N TYR D 268 30.66 -43.94 -36.62
CA TYR D 268 31.41 -42.78 -36.18
C TYR D 268 30.69 -41.49 -36.57
N VAL D 269 30.95 -40.44 -35.78
CA VAL D 269 30.48 -39.09 -36.09
C VAL D 269 31.69 -38.20 -36.33
N PHE D 270 31.54 -37.25 -37.24
CA PHE D 270 32.61 -36.34 -37.60
C PHE D 270 32.07 -34.93 -37.70
N GLN D 271 32.86 -33.97 -37.21
CA GLN D 271 32.52 -32.56 -37.31
C GLN D 271 33.81 -31.78 -37.57
N VAL D 272 33.64 -30.54 -38.03
CA VAL D 272 34.78 -29.72 -38.43
C VAL D 272 34.40 -28.25 -38.30
N ARG D 273 35.40 -27.43 -37.98
CA ARG D 273 35.19 -25.99 -37.88
C ARG D 273 36.51 -25.29 -38.10
N CYS D 274 36.44 -24.06 -38.60
CA CYS D 274 37.62 -23.28 -38.97
C CYS D 274 37.48 -21.85 -38.48
N GLN D 275 38.62 -21.17 -38.37
CA GLN D 275 38.67 -19.77 -37.97
C GLN D 275 39.86 -19.10 -38.64
N GLU D 276 39.77 -17.79 -38.82
CA GLU D 276 40.95 -17.00 -39.18
C GLU D 276 41.95 -17.11 -38.03
N THR D 277 43.09 -17.75 -38.27
CA THR D 277 44.01 -18.10 -37.20
C THR D 277 44.30 -16.91 -36.31
N GLY D 278 43.99 -17.05 -35.01
CA GLY D 278 44.24 -16.03 -34.02
C GLY D 278 43.03 -15.22 -33.59
N LYS D 279 41.91 -15.32 -34.31
CA LYS D 279 40.78 -14.44 -34.08
C LYS D 279 39.85 -14.99 -32.99
N ARG D 280 38.88 -14.16 -32.59
CA ARG D 280 38.08 -14.49 -31.41
C ARG D 280 37.09 -15.61 -31.70
N TYR D 281 36.52 -15.62 -32.90
CA TYR D 281 35.36 -16.43 -33.21
C TYR D 281 35.73 -17.61 -34.09
N TRP D 282 34.95 -18.68 -33.96
CA TRP D 282 35.07 -19.88 -34.76
C TRP D 282 33.82 -20.06 -35.61
N GLN D 283 33.93 -20.94 -36.60
CA GLN D 283 32.74 -21.48 -37.23
C GLN D 283 31.99 -22.35 -36.21
N PRO D 284 30.66 -22.42 -36.31
CA PRO D 284 29.95 -23.50 -35.63
C PRO D 284 30.35 -24.85 -36.20
N TRP D 285 30.35 -25.86 -35.33
CA TRP D 285 30.72 -27.20 -35.76
C TRP D 285 29.80 -27.64 -36.89
N SER D 286 30.42 -28.10 -37.98
CA SER D 286 29.68 -28.58 -39.15
C SER D 286 28.60 -29.59 -38.73
N SER D 287 27.60 -29.77 -39.60
CA SER D 287 26.57 -30.77 -39.34
C SER D 287 27.22 -32.12 -39.06
N LEU D 288 26.57 -32.89 -38.20
CA LEU D 288 27.07 -34.21 -37.84
C LEU D 288 27.15 -35.10 -39.07
N PHE D 289 28.37 -35.48 -39.46
CA PHE D 289 28.60 -36.37 -40.59
C PHE D 289 28.89 -37.76 -40.05
N PHE D 290 28.00 -38.70 -40.31
CA PHE D 290 28.14 -40.06 -39.82
C PHE D 290 28.86 -40.94 -40.84
N HIS D 291 29.44 -42.04 -40.34
CA HIS D 291 30.10 -43.01 -41.22
C HIS D 291 30.29 -44.30 -40.46
N LYS D 292 29.66 -45.38 -40.94
CA LYS D 292 29.93 -46.72 -40.45
C LYS D 292 30.98 -47.38 -41.33
N THR D 293 31.84 -48.18 -40.72
CA THR D 293 32.95 -48.77 -41.45
C THR D 293 32.68 -50.23 -41.79
N PRO D 294 33.41 -50.78 -42.76
CA PRO D 294 33.17 -52.17 -43.16
C PRO D 294 33.69 -53.15 -42.12
N GLU D 295 33.24 -54.40 -42.26
CA GLU D 295 33.67 -55.48 -41.38
C GLU D 295 34.69 -56.37 -42.09
N GLU E 1 -10.00 -25.28 -47.65
CA GLU E 1 -11.20 -26.16 -47.69
C GLU E 1 -12.28 -25.67 -46.74
N VAL E 2 -11.92 -24.76 -45.82
CA VAL E 2 -12.90 -24.25 -44.88
C VAL E 2 -14.01 -23.53 -45.64
N GLN E 3 -15.26 -23.85 -45.30
CA GLN E 3 -16.43 -23.30 -45.98
C GLN E 3 -17.50 -22.96 -44.97
N LEU E 4 -18.17 -21.82 -45.18
CA LEU E 4 -19.38 -21.45 -44.44
C LEU E 4 -20.48 -21.25 -45.47
N VAL E 5 -21.48 -22.12 -45.44
CA VAL E 5 -22.55 -22.12 -46.43
C VAL E 5 -23.83 -21.64 -45.75
N GLU E 6 -24.23 -20.41 -46.06
CA GLU E 6 -25.49 -19.88 -45.56
C GLU E 6 -26.66 -20.49 -46.31
N SER E 7 -27.86 -20.24 -45.79
CA SER E 7 -29.07 -20.81 -46.38
C SER E 7 -30.28 -20.04 -45.88
N GLY E 8 -31.09 -19.55 -46.81
CA GLY E 8 -32.47 -19.23 -46.49
C GLY E 8 -32.81 -17.80 -46.21
N GLY E 9 -32.35 -16.89 -47.05
CA GLY E 9 -32.82 -15.51 -46.98
C GLY E 9 -34.15 -15.37 -47.71
N GLY E 10 -34.34 -14.26 -48.38
CA GLY E 10 -35.53 -14.03 -49.17
C GLY E 10 -36.30 -12.82 -48.67
N LEU E 11 -37.52 -12.69 -49.17
CA LEU E 11 -38.38 -11.56 -48.87
C LEU E 11 -39.33 -11.92 -47.73
N VAL E 12 -39.62 -10.94 -46.88
CA VAL E 12 -40.56 -11.10 -45.79
C VAL E 12 -41.34 -9.80 -45.64
N GLN E 13 -42.49 -9.90 -45.05
CA GLN E 13 -43.26 -8.69 -44.78
C GLN E 13 -43.05 -8.26 -43.33
N PRO E 14 -43.17 -6.95 -43.05
CA PRO E 14 -42.98 -6.47 -41.68
C PRO E 14 -43.77 -7.30 -40.67
N GLY E 15 -43.15 -7.58 -39.54
CA GLY E 15 -43.72 -8.46 -38.54
C GLY E 15 -43.49 -9.93 -38.77
N GLY E 16 -43.18 -10.33 -40.00
CA GLY E 16 -43.00 -11.73 -40.31
C GLY E 16 -41.78 -12.33 -39.66
N SER E 17 -41.51 -13.58 -40.03
CA SER E 17 -40.37 -14.31 -39.49
C SER E 17 -39.56 -14.90 -40.64
N LEU E 18 -38.25 -15.01 -40.42
CA LEU E 18 -37.38 -15.74 -41.33
C LEU E 18 -36.32 -16.45 -40.50
N ARG E 19 -35.63 -17.39 -41.15
CA ARG E 19 -34.74 -18.31 -40.46
C ARG E 19 -33.56 -18.61 -41.37
N LEU E 20 -32.36 -18.40 -40.85
CA LEU E 20 -31.13 -18.66 -41.57
C LEU E 20 -30.42 -19.85 -40.94
N SER E 21 -29.69 -20.59 -41.77
CA SER E 21 -28.83 -21.65 -41.26
C SER E 21 -27.49 -21.57 -41.98
N CYS E 22 -26.42 -21.85 -41.24
CA CYS E 22 -25.06 -21.78 -41.77
C CYS E 22 -24.35 -23.09 -41.44
N ALA E 23 -23.73 -23.69 -42.45
CA ALA E 23 -23.07 -24.98 -42.34
C ALA E 23 -21.56 -24.78 -42.43
N ALA E 24 -20.86 -25.16 -41.36
CA ALA E 24 -19.43 -24.94 -41.25
C ALA E 24 -18.67 -26.24 -41.47
N SER E 25 -17.44 -26.10 -41.95
CA SER E 25 -16.57 -27.24 -42.22
C SER E 25 -15.14 -26.76 -42.30
N GLY E 26 -14.21 -27.63 -41.94
CA GLY E 26 -12.80 -27.37 -42.11
C GLY E 26 -12.06 -26.90 -40.89
N PHE E 27 -12.78 -26.52 -39.82
CA PHE E 27 -12.15 -26.03 -38.61
C PHE E 27 -12.82 -26.65 -37.40
N THR E 28 -12.03 -26.84 -36.34
CA THR E 28 -12.54 -27.37 -35.08
C THR E 28 -13.72 -26.52 -34.63
N PHE E 29 -14.93 -27.02 -34.86
CA PHE E 29 -16.13 -26.21 -34.69
C PHE E 29 -16.33 -25.85 -33.22
N SER E 30 -16.19 -26.83 -32.32
CA SER E 30 -16.47 -26.57 -30.91
C SER E 30 -15.62 -25.44 -30.37
N THR E 31 -14.34 -25.41 -30.75
CA THR E 31 -13.42 -24.43 -30.17
C THR E 31 -13.65 -23.04 -30.73
N TYR E 32 -14.16 -22.93 -31.95
CA TYR E 32 -14.42 -21.64 -32.54
C TYR E 32 -15.70 -21.02 -31.97
N ALA E 33 -15.86 -19.73 -32.25
CA ALA E 33 -17.10 -19.03 -32.00
C ALA E 33 -17.74 -18.70 -33.34
N MET E 34 -19.05 -18.86 -33.43
CA MET E 34 -19.81 -18.56 -34.63
C MET E 34 -20.64 -17.31 -34.39
N ALA E 35 -20.78 -16.50 -35.45
CA ALA E 35 -21.44 -15.21 -35.31
C ALA E 35 -22.27 -14.91 -36.55
N TRP E 36 -23.25 -14.03 -36.37
CA TRP E 36 -24.04 -13.47 -37.46
C TRP E 36 -23.80 -11.97 -37.51
N PHE E 37 -23.44 -11.46 -38.68
CA PHE E 37 -23.36 -10.03 -38.97
C PHE E 37 -24.37 -9.71 -40.06
N ARG E 38 -24.64 -8.42 -40.26
CA ARG E 38 -25.48 -8.00 -41.36
C ARG E 38 -24.98 -6.65 -41.88
N GLN E 39 -25.29 -6.38 -43.14
CA GLN E 39 -24.87 -5.14 -43.77
C GLN E 39 -25.98 -4.61 -44.66
N ALA E 40 -26.35 -3.37 -44.45
CA ALA E 40 -27.34 -2.73 -45.29
C ALA E 40 -26.69 -1.75 -46.25
N PRO E 41 -27.30 -1.51 -47.42
CA PRO E 41 -26.72 -0.53 -48.35
C PRO E 41 -26.36 0.79 -47.68
N GLY E 42 -25.10 1.19 -47.80
CA GLY E 42 -24.64 2.43 -47.20
C GLY E 42 -24.03 2.21 -45.83
N LYS E 43 -24.83 1.73 -44.88
CA LYS E 43 -24.34 1.42 -43.55
C LYS E 43 -23.24 0.37 -43.61
N GLU E 44 -22.64 0.02 -42.47
CA GLU E 44 -21.52 -0.90 -42.45
C GLU E 44 -21.81 -2.13 -41.58
N ARG E 45 -21.07 -3.19 -41.84
N ARG E 45 -21.07 -3.20 -41.85
CA ARG E 45 -21.25 -4.48 -41.16
CA ARG E 45 -21.17 -4.46 -41.11
C ARG E 45 -21.49 -4.28 -39.67
C ARG E 45 -21.49 -4.24 -39.65
N GLU E 46 -22.67 -4.69 -39.20
CA GLU E 46 -23.06 -4.58 -37.81
C GLU E 46 -23.26 -5.97 -37.20
N PHE E 47 -22.90 -6.08 -35.92
CA PHE E 47 -23.00 -7.33 -35.19
C PHE E 47 -24.47 -7.66 -34.93
N VAL E 48 -24.76 -8.96 -34.88
CA VAL E 48 -26.14 -9.42 -34.72
C VAL E 48 -26.20 -10.41 -33.55
N ALA E 49 -25.28 -11.37 -33.53
CA ALA E 49 -25.36 -12.46 -32.58
C ALA E 49 -24.09 -13.29 -32.65
N GLU E 50 -23.80 -13.98 -31.55
CA GLU E 50 -22.64 -14.84 -31.46
C GLU E 50 -22.90 -15.88 -30.39
N SER E 51 -22.52 -17.13 -30.67
CA SER E 51 -22.79 -18.23 -29.77
C SER E 51 -21.56 -19.12 -29.67
N TRP E 52 -21.14 -19.41 -28.45
CA TRP E 52 -20.04 -20.32 -28.17
C TRP E 52 -20.58 -21.71 -27.87
N SER E 53 -19.71 -22.71 -28.02
CA SER E 53 -20.10 -24.07 -27.69
C SER E 53 -20.40 -24.23 -26.21
N SER E 54 -19.95 -23.30 -25.37
CA SER E 54 -20.25 -23.36 -23.95
C SER E 54 -21.72 -23.13 -23.68
N GLY E 55 -22.44 -22.53 -24.62
CA GLY E 55 -23.80 -22.08 -24.44
C GLY E 55 -23.92 -20.58 -24.46
N THR E 56 -22.85 -19.87 -24.08
CA THR E 56 -22.86 -18.42 -24.03
C THR E 56 -23.23 -17.83 -25.38
N THR E 57 -24.38 -17.15 -25.46
CA THR E 57 -24.75 -16.40 -26.65
C THR E 57 -25.17 -14.99 -26.23
N TYR E 58 -24.87 -14.03 -27.11
CA TYR E 58 -25.22 -12.64 -26.85
C TYR E 58 -25.49 -11.95 -28.17
N TYR E 59 -26.30 -10.89 -28.12
CA TYR E 59 -26.86 -10.28 -29.31
C TYR E 59 -26.53 -8.79 -29.34
N GLY E 60 -26.43 -8.26 -30.54
CA GLY E 60 -26.45 -6.82 -30.71
C GLY E 60 -27.72 -6.25 -30.10
N ALA E 61 -27.64 -4.99 -29.71
CA ALA E 61 -28.76 -4.37 -29.00
C ALA E 61 -29.98 -4.22 -29.90
N SER E 62 -29.79 -3.96 -31.18
CA SER E 62 -30.90 -3.65 -32.08
C SER E 62 -31.67 -4.89 -32.54
N VAL E 63 -31.29 -6.09 -32.09
CA VAL E 63 -32.00 -7.29 -32.52
C VAL E 63 -32.34 -8.20 -31.34
N VAL E 64 -31.82 -7.87 -30.16
CA VAL E 64 -32.04 -8.76 -29.02
C VAL E 64 -33.53 -8.90 -28.75
N GLY E 65 -33.90 -10.07 -28.25
CA GLY E 65 -35.32 -10.36 -28.06
C GLY E 65 -36.02 -10.83 -29.32
N ARG E 66 -35.90 -10.06 -30.42
CA ARG E 66 -36.54 -10.47 -31.67
C ARG E 66 -35.79 -11.63 -32.32
N PHE E 67 -34.46 -11.58 -32.35
CA PHE E 67 -33.65 -12.60 -33.00
C PHE E 67 -33.15 -13.60 -31.97
N THR E 68 -33.06 -14.88 -32.37
CA THR E 68 -32.55 -15.93 -31.51
C THR E 68 -31.59 -16.80 -32.30
N MET E 69 -30.37 -16.94 -31.78
CA MET E 69 -29.30 -17.72 -32.38
C MET E 69 -29.11 -19.01 -31.59
N SER E 70 -28.76 -20.08 -32.31
CA SER E 70 -28.48 -21.36 -31.67
C SER E 70 -27.49 -22.11 -32.55
N ARG E 71 -26.78 -23.05 -31.94
CA ARG E 71 -25.76 -23.81 -32.66
C ARG E 71 -25.91 -25.30 -32.40
N ASP E 72 -25.80 -26.07 -33.48
CA ASP E 72 -25.87 -27.52 -33.47
C ASP E 72 -24.46 -28.03 -33.67
N ASP E 73 -23.71 -28.17 -32.57
CA ASP E 73 -22.34 -28.67 -32.67
C ASP E 73 -22.32 -30.02 -33.37
N SER E 74 -23.24 -30.91 -33.02
CA SER E 74 -23.25 -32.24 -33.60
C SER E 74 -23.35 -32.23 -35.11
N LYS E 75 -23.80 -31.13 -35.70
CA LYS E 75 -23.89 -31.00 -37.15
C LYS E 75 -23.06 -29.83 -37.68
N ASN E 76 -22.30 -29.16 -36.83
CA ASN E 76 -21.49 -28.00 -37.23
C ASN E 76 -22.35 -26.99 -37.98
N THR E 77 -23.48 -26.63 -37.37
CA THR E 77 -24.47 -25.76 -37.97
C THR E 77 -24.94 -24.75 -36.94
N VAL E 78 -25.18 -23.51 -37.41
CA VAL E 78 -25.78 -22.48 -36.58
C VAL E 78 -26.99 -21.93 -37.31
N TYR E 79 -27.99 -21.52 -36.54
CA TYR E 79 -29.24 -21.01 -37.08
C TYR E 79 -29.51 -19.63 -36.51
N LEU E 80 -30.23 -18.81 -37.29
CA LEU E 80 -30.68 -17.49 -36.84
C LEU E 80 -32.18 -17.37 -37.11
N GLN E 81 -32.98 -17.48 -36.05
CA GLN E 81 -34.42 -17.28 -36.14
C GLN E 81 -34.72 -15.80 -35.97
N MET E 82 -35.31 -15.19 -36.99
CA MET E 82 -35.62 -13.77 -37.00
C MET E 82 -37.13 -13.60 -36.91
N ASN E 83 -37.58 -12.84 -35.91
CA ASN E 83 -39.00 -12.60 -35.68
C ASN E 83 -39.24 -11.10 -35.61
N SER E 84 -40.52 -10.72 -35.63
CA SER E 84 -40.93 -9.32 -35.53
C SER E 84 -40.13 -8.44 -36.49
N LEU E 85 -39.93 -8.94 -37.70
CA LEU E 85 -39.05 -8.28 -38.66
C LEU E 85 -39.55 -6.87 -38.97
N ARG E 86 -38.59 -5.99 -39.29
CA ARG E 86 -38.88 -4.61 -39.63
C ARG E 86 -38.06 -4.23 -40.85
N ALA E 87 -38.43 -3.10 -41.47
CA ALA E 87 -37.74 -2.65 -42.68
C ALA E 87 -36.26 -2.38 -42.41
N GLU E 88 -35.91 -2.01 -41.18
CA GLU E 88 -34.52 -1.73 -40.85
C GLU E 88 -33.68 -3.01 -40.79
N ASP E 89 -34.31 -4.17 -40.66
CA ASP E 89 -33.58 -5.43 -40.68
C ASP E 89 -33.15 -5.83 -42.08
N THR E 90 -33.62 -5.15 -43.11
CA THR E 90 -33.20 -5.45 -44.47
C THR E 90 -31.69 -5.25 -44.59
N ALA E 91 -31.00 -6.29 -45.04
CA ALA E 91 -29.55 -6.27 -45.15
C ALA E 91 -29.07 -7.61 -45.69
N VAL E 92 -27.77 -7.69 -45.95
CA VAL E 92 -27.12 -8.96 -46.26
C VAL E 92 -26.62 -9.54 -44.93
N TYR E 93 -27.03 -10.76 -44.63
CA TYR E 93 -26.67 -11.41 -43.37
C TYR E 93 -25.51 -12.36 -43.63
N TYR E 94 -24.42 -12.18 -42.89
CA TYR E 94 -23.21 -12.97 -43.06
C TYR E 94 -23.00 -13.91 -41.89
N CYS E 95 -22.63 -15.14 -42.19
CA CYS E 95 -22.10 -16.08 -41.20
C CYS E 95 -20.61 -15.81 -41.03
N ALA E 96 -20.12 -16.00 -39.80
CA ALA E 96 -18.70 -15.73 -39.52
C ALA E 96 -18.19 -16.66 -38.44
N ALA E 97 -16.92 -17.07 -38.58
CA ALA E 97 -16.26 -17.95 -37.63
C ALA E 97 -15.08 -17.22 -37.00
N LYS E 98 -14.96 -17.31 -35.68
CA LYS E 98 -13.92 -16.64 -34.93
C LYS E 98 -13.08 -17.65 -34.16
N ARG E 99 -11.78 -17.57 -34.34
CA ARG E 99 -10.82 -18.38 -33.62
C ARG E 99 -10.60 -17.82 -32.22
N PRO E 100 -10.45 -18.68 -31.20
CA PRO E 100 -10.36 -18.12 -29.82
C PRO E 100 -9.13 -17.26 -29.61
N ASP E 101 -7.95 -17.77 -29.92
CA ASP E 101 -6.71 -17.05 -29.67
C ASP E 101 -6.50 -15.88 -30.62
N ALA E 102 -7.42 -15.62 -31.54
CA ALA E 102 -7.40 -14.37 -32.28
C ALA E 102 -8.01 -13.26 -31.43
N GLY E 103 -8.08 -12.06 -31.98
CA GLY E 103 -8.75 -10.98 -31.29
C GLY E 103 -10.20 -11.32 -31.00
N TRP E 104 -10.84 -10.46 -30.21
CA TRP E 104 -12.27 -10.59 -29.99
C TRP E 104 -13.09 -9.95 -31.10
N GLN E 105 -12.43 -9.23 -32.02
CA GLN E 105 -13.08 -8.66 -33.20
C GLN E 105 -12.51 -9.24 -34.49
N THR E 106 -11.74 -10.32 -34.41
CA THR E 106 -11.04 -10.88 -35.55
C THR E 106 -11.71 -12.19 -35.92
N TYR E 107 -12.30 -12.24 -37.12
CA TYR E 107 -13.03 -13.42 -37.58
C TYR E 107 -12.29 -13.99 -38.79
N ASP E 108 -11.82 -15.23 -38.66
CA ASP E 108 -10.98 -15.82 -39.71
C ASP E 108 -11.78 -16.09 -40.98
N TYR E 109 -13.02 -16.56 -40.85
CA TYR E 109 -13.78 -17.09 -41.96
C TYR E 109 -15.12 -16.40 -42.09
N TRP E 110 -15.61 -16.31 -43.32
CA TRP E 110 -16.81 -15.54 -43.63
C TRP E 110 -17.63 -16.27 -44.70
N GLY E 111 -18.96 -16.25 -44.51
CA GLY E 111 -19.85 -16.74 -45.54
C GLY E 111 -20.04 -15.73 -46.65
N GLN E 112 -20.62 -16.20 -47.76
CA GLN E 112 -20.73 -15.38 -48.96
C GLN E 112 -21.82 -14.32 -48.86
N GLY E 113 -22.74 -14.44 -47.91
CA GLY E 113 -23.78 -13.45 -47.75
C GLY E 113 -25.11 -13.90 -48.34
N THR E 114 -26.20 -13.54 -47.67
CA THR E 114 -27.55 -13.87 -48.12
C THR E 114 -28.46 -12.70 -47.82
N LEU E 115 -29.29 -12.32 -48.79
CA LEU E 115 -30.04 -11.07 -48.72
C LEU E 115 -31.40 -11.31 -48.05
N VAL E 116 -31.65 -10.58 -46.97
CA VAL E 116 -32.95 -10.55 -46.31
C VAL E 116 -33.58 -9.20 -46.62
N THR E 117 -34.68 -9.20 -47.36
CA THR E 117 -35.39 -7.98 -47.73
C THR E 117 -36.74 -7.98 -47.04
N VAL E 118 -36.90 -7.09 -46.06
CA VAL E 118 -38.17 -6.91 -45.39
C VAL E 118 -38.87 -5.73 -46.02
N SER E 119 -40.04 -5.97 -46.60
CA SER E 119 -40.76 -4.92 -47.31
C SER E 119 -42.17 -5.39 -47.65
N SER E 120 -43.15 -4.53 -47.38
CA SER E 120 -44.54 -4.82 -47.69
C SER E 120 -44.73 -4.98 -49.20
N GLU F 1 22.70 -3.30 52.75
CA GLU F 1 21.81 -2.62 51.77
C GLU F 1 22.61 -1.88 50.70
N VAL F 2 21.92 -1.26 49.76
CA VAL F 2 22.58 -0.47 48.72
C VAL F 2 23.02 0.85 49.32
N GLN F 3 24.20 1.34 48.90
CA GLN F 3 24.73 2.59 49.41
C GLN F 3 25.46 3.35 48.32
N LEU F 4 25.30 4.66 48.34
CA LEU F 4 25.99 5.58 47.42
C LEU F 4 26.58 6.69 48.29
N VAL F 5 27.90 6.68 48.46
CA VAL F 5 28.59 7.59 49.36
C VAL F 5 29.36 8.60 48.51
N GLU F 6 28.89 9.84 48.49
CA GLU F 6 29.54 10.92 47.77
C GLU F 6 30.92 11.22 48.37
N SER F 7 31.61 12.21 47.81
CA SER F 7 32.91 12.66 48.32
C SER F 7 33.33 13.90 47.58
N GLY F 8 33.99 14.81 48.28
CA GLY F 8 34.75 15.87 47.63
C GLY F 8 33.96 17.06 47.16
N GLY F 9 32.98 17.50 47.94
CA GLY F 9 32.34 18.77 47.65
C GLY F 9 33.20 19.94 48.13
N GLY F 10 32.58 20.92 48.78
CA GLY F 10 33.31 22.03 49.38
C GLY F 10 33.21 23.31 48.56
N LEU F 11 34.03 24.27 48.98
CA LEU F 11 34.02 25.62 48.42
C LEU F 11 35.08 25.79 47.35
N VAL F 12 34.75 26.59 46.33
CA VAL F 12 35.66 26.91 45.23
C VAL F 12 35.43 28.35 44.80
N GLN F 13 36.38 28.89 44.09
CA GLN F 13 36.22 30.21 43.49
C GLN F 13 35.89 30.08 42.01
N PRO F 14 35.23 31.07 41.43
CA PRO F 14 34.91 31.01 40.00
C PRO F 14 36.15 30.67 39.18
N GLY F 15 35.95 29.84 38.14
CA GLY F 15 37.04 29.35 37.33
C GLY F 15 37.79 28.18 37.92
N GLY F 16 37.59 27.89 39.20
CA GLY F 16 38.26 26.77 39.84
C GLY F 16 37.72 25.43 39.38
N SER F 17 38.31 24.38 39.94
CA SER F 17 37.99 23.01 39.55
C SER F 17 37.77 22.16 40.80
N LEU F 18 36.68 21.41 40.80
CA LEU F 18 36.35 20.46 41.86
C LEU F 18 36.42 19.05 41.32
N ARG F 19 36.27 18.08 42.22
CA ARG F 19 36.18 16.67 41.82
C ARG F 19 35.35 15.94 42.86
N LEU F 20 34.12 15.58 42.49
CA LEU F 20 33.28 14.73 43.32
C LEU F 20 33.55 13.27 43.00
N SER F 21 33.04 12.40 43.87
CA SER F 21 33.24 10.97 43.75
C SER F 21 32.08 10.26 44.44
N CYS F 22 31.80 9.04 43.98
CA CYS F 22 30.69 8.27 44.53
C CYS F 22 31.05 6.79 44.48
N ALA F 23 31.07 6.14 45.64
CA ALA F 23 31.40 4.72 45.75
C ALA F 23 30.11 3.95 46.00
N ALA F 24 29.63 3.28 44.96
CA ALA F 24 28.39 2.52 45.04
C ALA F 24 28.68 1.09 45.50
N SER F 25 27.64 0.47 46.05
CA SER F 25 27.75 -0.90 46.54
C SER F 25 26.35 -1.41 46.86
N GLY F 26 26.13 -2.70 46.59
CA GLY F 26 24.86 -3.34 46.89
C GLY F 26 24.01 -3.70 45.69
N PHE F 27 24.51 -3.50 44.47
CA PHE F 27 23.75 -3.81 43.27
C PHE F 27 24.70 -4.13 42.14
N THR F 28 24.20 -4.87 41.15
CA THR F 28 24.98 -5.20 39.97
C THR F 28 25.40 -3.93 39.24
N PHE F 29 26.58 -3.41 39.59
CA PHE F 29 27.00 -2.07 39.21
C PHE F 29 27.22 -1.94 37.70
N SER F 30 27.84 -2.94 37.08
CA SER F 30 28.25 -2.84 35.69
C SER F 30 27.09 -2.88 34.71
N THR F 31 25.88 -3.21 35.17
CA THR F 31 24.71 -3.20 34.31
C THR F 31 23.80 -2.01 34.56
N TYR F 32 23.96 -1.33 35.69
CA TYR F 32 23.24 -0.10 35.97
C TYR F 32 23.93 1.08 35.28
N ALA F 33 23.14 2.13 35.08
CA ALA F 33 23.68 3.43 34.71
C ALA F 33 23.85 4.28 35.95
N MET F 34 24.98 4.97 36.04
CA MET F 34 25.25 5.90 37.12
C MET F 34 25.10 7.32 36.60
N ALA F 35 24.58 8.20 37.46
CA ALA F 35 24.30 9.57 37.04
C ALA F 35 24.57 10.54 38.19
N TRP F 36 24.91 11.77 37.82
CA TRP F 36 24.98 12.88 38.76
C TRP F 36 23.83 13.83 38.49
N PHE F 37 23.08 14.17 39.54
CA PHE F 37 22.09 15.23 39.51
C PHE F 37 22.53 16.32 40.48
N ARG F 38 21.99 17.52 40.29
CA ARG F 38 22.20 18.60 41.25
C ARG F 38 20.88 19.31 41.49
N GLN F 39 20.82 20.04 42.60
CA GLN F 39 19.61 20.74 42.99
C GLN F 39 19.99 21.86 43.95
N ALA F 40 19.30 22.98 43.83
CA ALA F 40 19.51 24.14 44.69
C ALA F 40 18.16 24.78 45.01
N PRO F 41 18.04 25.47 46.14
CA PRO F 41 16.75 26.06 46.51
C PRO F 41 16.32 27.08 45.47
N GLY F 42 15.03 27.07 45.18
CA GLY F 42 14.48 27.87 44.08
C GLY F 42 14.48 27.11 42.78
N LYS F 43 15.59 26.48 42.44
CA LYS F 43 15.74 25.73 41.21
C LYS F 43 15.23 24.30 41.41
N GLU F 44 15.27 23.50 40.34
CA GLU F 44 14.74 22.15 40.32
C GLU F 44 15.82 21.14 39.98
N ARG F 45 15.71 19.95 40.57
N ARG F 45 15.71 19.95 40.57
CA ARG F 45 16.64 18.85 40.33
CA ARG F 45 16.61 18.84 40.29
C ARG F 45 17.02 18.78 38.85
C ARG F 45 17.01 18.81 38.83
N GLU F 46 18.28 19.08 38.55
CA GLU F 46 18.77 19.20 37.19
C GLU F 46 19.78 18.10 36.91
N PHE F 47 19.59 17.43 35.77
CA PHE F 47 20.52 16.41 35.29
C PHE F 47 21.83 17.07 34.87
N VAL F 48 22.96 16.49 35.27
CA VAL F 48 24.27 16.95 34.83
C VAL F 48 25.00 15.91 33.99
N ALA F 49 24.97 14.64 34.39
CA ALA F 49 25.68 13.63 33.61
C ALA F 49 25.20 12.24 33.95
N GLU F 50 25.47 11.31 33.03
CA GLU F 50 25.14 9.90 33.18
C GLU F 50 26.11 9.08 32.35
N SER F 51 26.51 7.93 32.88
CA SER F 51 27.48 7.07 32.22
C SER F 51 27.07 5.62 32.31
N TRP F 52 27.26 4.89 31.21
CA TRP F 52 27.04 3.46 31.16
C TRP F 52 28.37 2.71 31.10
N SER F 53 28.39 1.50 31.66
CA SER F 53 29.59 0.67 31.58
C SER F 53 30.02 0.42 30.15
N SER F 54 29.08 0.53 29.20
CA SER F 54 29.46 0.44 27.79
C SER F 54 30.46 1.52 27.41
N GLY F 55 30.39 2.67 28.07
CA GLY F 55 31.16 3.85 27.71
C GLY F 55 30.29 5.04 27.38
N THR F 56 29.05 4.79 26.96
CA THR F 56 28.14 5.87 26.64
C THR F 56 28.06 6.85 27.82
N THR F 57 28.30 8.12 27.52
CA THR F 57 28.30 9.16 28.55
C THR F 57 27.80 10.46 27.92
N TYR F 58 26.78 11.06 28.53
CA TYR F 58 26.20 12.30 28.03
C TYR F 58 25.94 13.23 29.20
N TYR F 59 25.75 14.52 28.87
CA TYR F 59 25.74 15.57 29.87
C TYR F 59 24.57 16.52 29.66
N GLY F 60 24.19 17.18 30.75
CA GLY F 60 23.26 18.29 30.63
C GLY F 60 23.88 19.46 29.89
N ALA F 61 23.03 20.26 29.26
CA ALA F 61 23.51 21.30 28.36
C ALA F 61 24.25 22.41 29.10
N SER F 62 24.00 22.57 30.41
CA SER F 62 24.69 23.60 31.17
C SER F 62 26.15 23.26 31.38
N VAL F 63 26.45 21.98 31.57
CA VAL F 63 27.75 21.56 32.07
C VAL F 63 28.63 20.93 31.00
N VAL F 64 28.07 20.48 29.89
CA VAL F 64 28.90 19.83 28.87
C VAL F 64 30.03 20.78 28.48
N GLY F 65 31.20 20.22 28.23
CA GLY F 65 32.38 20.99 27.91
C GLY F 65 33.18 21.37 29.16
N ARG F 66 32.48 21.66 30.25
CA ARG F 66 33.09 22.04 31.51
C ARG F 66 33.21 20.89 32.50
N PHE F 67 32.28 19.94 32.48
CA PHE F 67 32.27 18.80 33.39
C PHE F 67 32.57 17.52 32.61
N THR F 68 33.21 16.56 33.29
CA THR F 68 33.53 15.27 32.68
C THR F 68 33.26 14.16 33.69
N MET F 69 32.38 13.24 33.32
CA MET F 69 32.06 12.10 34.16
C MET F 69 32.86 10.88 33.72
N SER F 70 33.24 10.05 34.69
CA SER F 70 34.00 8.84 34.43
C SER F 70 33.61 7.80 35.47
N ARG F 71 33.69 6.53 35.09
CA ARG F 71 33.35 5.44 35.99
C ARG F 71 34.48 4.41 36.02
N ASP F 72 34.68 3.84 37.19
CA ASP F 72 35.68 2.81 37.46
C ASP F 72 34.92 1.55 37.83
N ASP F 73 34.47 0.80 36.82
CA ASP F 73 33.73 -0.43 37.08
C ASP F 73 34.53 -1.38 37.97
N SER F 74 35.87 -1.26 37.95
CA SER F 74 36.70 -2.13 38.77
C SER F 74 36.48 -1.88 40.26
N LYS F 75 36.30 -0.61 40.64
CA LYS F 75 36.07 -0.25 42.04
C LYS F 75 34.65 0.26 42.29
N ASN F 76 33.71 -0.05 41.39
CA ASN F 76 32.31 0.34 41.52
C ASN F 76 32.20 1.81 41.96
N THR F 77 32.81 2.67 41.15
CA THR F 77 32.95 4.08 41.50
C THR F 77 32.76 4.95 40.28
N VAL F 78 32.18 6.13 40.51
CA VAL F 78 32.05 7.14 39.47
C VAL F 78 32.64 8.44 40.02
N TYR F 79 33.03 9.31 39.10
CA TYR F 79 33.68 10.57 39.42
C TYR F 79 33.08 11.69 38.58
N LEU F 80 33.14 12.91 39.11
CA LEU F 80 32.74 14.09 38.36
C LEU F 80 33.84 15.14 38.52
N GLN F 81 34.56 15.40 37.43
CA GLN F 81 35.52 16.49 37.37
C GLN F 81 34.78 17.73 36.90
N MET F 82 34.83 18.80 37.69
CA MET F 82 34.13 20.04 37.40
C MET F 82 35.18 21.13 37.15
N ASN F 83 35.22 21.64 35.92
CA ASN F 83 36.15 22.69 35.56
C ASN F 83 35.40 23.94 35.12
N SER F 84 36.09 25.08 35.17
CA SER F 84 35.51 26.36 34.78
C SER F 84 34.26 26.65 35.60
N LEU F 85 34.37 26.48 36.91
CA LEU F 85 33.21 26.51 37.77
C LEU F 85 32.63 27.92 37.87
N ARG F 86 31.32 27.99 37.95
CA ARG F 86 30.56 29.23 37.94
C ARG F 86 29.73 29.36 39.22
N ALA F 87 29.22 30.56 39.45
CA ALA F 87 28.25 30.74 40.53
C ALA F 87 26.95 30.03 40.21
N GLU F 88 26.59 29.93 38.93
CA GLU F 88 25.41 29.18 38.53
C GLU F 88 25.50 27.72 38.94
N ASP F 89 26.71 27.23 39.23
CA ASP F 89 26.95 25.80 39.46
C ASP F 89 26.84 25.40 40.91
N THR F 90 26.57 26.34 41.83
CA THR F 90 26.47 25.96 43.24
C THR F 90 25.17 25.20 43.48
N ALA F 91 25.30 24.02 44.08
CA ALA F 91 24.15 23.16 44.33
C ALA F 91 24.60 21.98 45.16
N VAL F 92 23.63 21.24 45.68
CA VAL F 92 23.89 19.96 46.31
C VAL F 92 23.88 18.91 45.20
N TYR F 93 25.00 18.22 45.02
CA TYR F 93 25.15 17.26 43.94
C TYR F 93 24.84 15.86 44.46
N TYR F 94 24.16 15.07 43.61
CA TYR F 94 23.63 13.78 44.02
C TYR F 94 24.09 12.70 43.05
N CYS F 95 24.59 11.61 43.61
CA CYS F 95 24.89 10.39 42.87
C CYS F 95 23.64 9.53 42.79
N ALA F 96 23.40 8.90 41.63
CA ALA F 96 22.18 8.12 41.44
C ALA F 96 22.45 6.93 40.52
N ALA F 97 21.78 5.81 40.82
CA ALA F 97 21.93 4.57 40.06
C ALA F 97 20.61 4.23 39.38
N LYS F 98 20.68 3.89 38.10
CA LYS F 98 19.50 3.57 37.31
C LYS F 98 19.54 2.12 36.88
N ARG F 99 18.40 1.45 36.99
CA ARG F 99 18.25 0.07 36.53
C ARG F 99 17.84 0.05 35.06
N PRO F 100 18.34 -0.89 34.26
CA PRO F 100 17.92 -0.89 32.84
C PRO F 100 16.44 -1.22 32.66
N ASP F 101 15.89 -2.10 33.50
CA ASP F 101 14.49 -2.50 33.34
C ASP F 101 13.57 -1.30 33.56
N ALA F 102 13.81 -0.54 34.63
CA ALA F 102 13.01 0.64 34.93
C ALA F 102 13.09 1.65 33.78
N GLY F 103 12.35 2.74 33.91
CA GLY F 103 12.29 3.72 32.84
C GLY F 103 13.60 4.41 32.56
N TRP F 104 13.56 5.34 31.62
CA TRP F 104 14.71 6.18 31.33
C TRP F 104 14.86 7.33 32.33
N GLN F 105 13.93 7.47 33.26
CA GLN F 105 13.91 8.56 34.22
C GLN F 105 13.84 8.11 35.66
N THR F 106 13.58 6.83 35.92
CA THR F 106 13.40 6.35 37.28
C THR F 106 14.74 5.86 37.81
N TYR F 107 15.21 6.46 38.90
CA TYR F 107 16.45 6.08 39.55
C TYR F 107 16.13 5.42 40.88
N ASP F 108 16.67 4.22 41.09
CA ASP F 108 16.32 3.41 42.25
C ASP F 108 17.12 3.77 43.49
N TYR F 109 18.29 4.39 43.34
CA TYR F 109 19.17 4.66 44.48
C TYR F 109 19.77 6.04 44.36
N TRP F 110 19.89 6.73 45.50
CA TRP F 110 20.32 8.13 45.55
C TRP F 110 21.31 8.35 46.67
N GLY F 111 22.39 9.06 46.38
CA GLY F 111 23.35 9.43 47.39
C GLY F 111 22.76 10.41 48.40
N GLN F 112 23.54 10.70 49.43
CA GLN F 112 23.06 11.54 50.52
C GLN F 112 23.06 13.01 50.14
N GLY F 113 23.89 13.42 49.19
CA GLY F 113 23.99 14.80 48.78
C GLY F 113 25.33 15.39 49.19
N THR F 114 25.88 16.22 48.32
CA THR F 114 27.15 16.90 48.58
C THR F 114 27.03 18.34 48.08
N LEU F 115 27.27 19.29 48.97
CA LEU F 115 27.17 20.69 48.61
C LEU F 115 28.46 21.16 47.95
N VAL F 116 28.31 21.85 46.83
CA VAL F 116 29.43 22.46 46.11
C VAL F 116 29.12 23.94 46.03
N THR F 117 29.92 24.75 46.73
CA THR F 117 29.73 26.19 46.78
C THR F 117 30.83 26.86 45.96
N VAL F 118 30.42 27.60 44.94
CA VAL F 118 31.35 28.35 44.09
C VAL F 118 31.15 29.82 44.42
N SER F 119 31.92 30.34 45.36
CA SER F 119 31.88 31.76 45.70
C SER F 119 33.31 32.25 45.89
N SER F 120 33.49 33.55 45.69
CA SER F 120 34.78 34.19 45.93
C SER F 120 34.68 35.17 47.10
N GLU G 1 -48.98 0.39 28.86
CA GLU G 1 -47.65 -0.04 28.32
C GLU G 1 -47.80 -0.44 26.86
N VAL G 2 -46.76 -1.04 26.29
CA VAL G 2 -46.91 -1.71 25.00
C VAL G 2 -47.48 -3.09 25.29
N GLN G 3 -47.83 -3.82 24.23
CA GLN G 3 -48.40 -5.14 24.42
C GLN G 3 -48.38 -5.95 23.13
N LEU G 4 -47.90 -7.19 23.23
CA LEU G 4 -47.92 -8.15 22.13
C LEU G 4 -48.74 -9.35 22.58
N VAL G 5 -49.86 -9.59 21.91
CA VAL G 5 -50.75 -10.70 22.26
C VAL G 5 -50.87 -11.60 21.04
N GLU G 6 -50.48 -12.86 21.20
CA GLU G 6 -50.56 -13.81 20.11
C GLU G 6 -51.91 -14.53 20.14
N SER G 7 -52.17 -15.27 19.06
CA SER G 7 -53.43 -16.00 18.89
C SER G 7 -53.19 -17.12 17.88
N GLY G 8 -54.20 -17.97 17.72
CA GLY G 8 -54.15 -19.04 16.75
C GLY G 8 -53.59 -20.34 17.27
N GLY G 9 -53.05 -20.36 18.48
CA GLY G 9 -52.57 -21.60 19.03
C GLY G 9 -53.67 -22.63 19.14
N GLY G 10 -53.25 -23.89 19.23
CA GLY G 10 -54.19 -24.98 19.38
C GLY G 10 -53.53 -26.31 19.03
N LEU G 11 -54.38 -27.30 18.80
CA LEU G 11 -53.94 -28.61 18.34
C LEU G 11 -54.04 -28.68 16.83
N VAL G 12 -53.17 -29.51 16.24
CA VAL G 12 -53.11 -29.69 14.79
C VAL G 12 -52.49 -31.05 14.52
N GLN G 13 -52.72 -31.58 13.34
CA GLN G 13 -52.23 -32.90 13.02
C GLN G 13 -50.89 -32.81 12.31
N PRO G 14 -50.06 -33.87 12.38
CA PRO G 14 -48.88 -33.91 11.51
C PRO G 14 -49.30 -33.80 10.06
N GLY G 15 -48.77 -32.80 9.37
CA GLY G 15 -49.14 -32.50 8.00
C GLY G 15 -50.18 -31.40 7.86
N GLY G 16 -50.82 -31.01 8.96
CA GLY G 16 -51.84 -29.98 8.93
C GLY G 16 -51.24 -28.59 8.85
N SER G 17 -52.12 -27.60 9.08
CA SER G 17 -51.75 -26.19 8.94
C SER G 17 -52.52 -25.38 9.96
N LEU G 18 -52.16 -24.10 10.06
CA LEU G 18 -52.79 -23.12 10.93
C LEU G 18 -51.97 -21.83 10.81
N ARG G 19 -52.47 -20.78 11.45
CA ARG G 19 -51.89 -19.45 11.30
C ARG G 19 -51.98 -18.70 12.62
N LEU G 20 -50.86 -18.15 13.06
CA LEU G 20 -50.81 -17.36 14.28
C LEU G 20 -50.98 -15.88 13.94
N SER G 21 -51.56 -15.16 14.88
CA SER G 21 -51.69 -13.70 14.82
C SER G 21 -50.87 -13.11 15.96
N CYS G 22 -50.58 -11.83 15.85
CA CYS G 22 -49.96 -11.09 16.96
C CYS G 22 -50.36 -9.63 16.82
N ALA G 23 -51.17 -9.14 17.77
CA ALA G 23 -51.58 -7.75 17.79
C ALA G 23 -50.56 -6.93 18.57
N ALA G 24 -50.18 -5.78 18.02
CA ALA G 24 -49.12 -4.95 18.55
C ALA G 24 -49.64 -3.55 18.83
N SER G 25 -49.14 -2.94 19.91
CA SER G 25 -49.64 -1.65 20.35
C SER G 25 -48.63 -0.99 21.28
N GLY G 26 -48.67 0.34 21.34
CA GLY G 26 -47.85 1.08 22.26
C GLY G 26 -46.67 1.76 21.61
N PHE G 27 -45.96 1.03 20.76
CA PHE G 27 -44.81 1.56 20.05
C PHE G 27 -45.17 1.87 18.61
N THR G 28 -44.27 2.58 17.93
CA THR G 28 -44.43 2.92 16.53
C THR G 28 -44.15 1.67 15.70
N PHE G 29 -45.22 1.07 15.16
CA PHE G 29 -45.11 -0.25 14.54
C PHE G 29 -44.22 -0.22 13.32
N SER G 30 -44.37 0.80 12.47
CA SER G 30 -43.66 0.81 11.19
C SER G 30 -42.16 0.71 11.35
N THR G 31 -41.61 1.24 12.44
CA THR G 31 -40.16 1.36 12.58
C THR G 31 -39.53 0.19 13.34
N TYR G 32 -40.32 -0.72 13.88
CA TYR G 32 -39.78 -1.84 14.61
C TYR G 32 -39.78 -3.10 13.75
N ALA G 33 -38.79 -3.96 13.98
CA ALA G 33 -38.77 -5.27 13.37
C ALA G 33 -39.59 -6.22 14.24
N MET G 34 -40.42 -7.02 13.59
CA MET G 34 -41.27 -7.99 14.27
C MET G 34 -40.76 -9.39 14.00
N ALA G 35 -40.74 -10.22 15.05
CA ALA G 35 -40.13 -11.54 14.96
C ALA G 35 -40.99 -12.56 15.67
N TRP G 36 -41.04 -13.77 15.11
CA TRP G 36 -41.61 -14.92 15.78
C TRP G 36 -40.48 -15.79 16.32
N PHE G 37 -40.59 -16.20 17.57
CA PHE G 37 -39.71 -17.18 18.18
C PHE G 37 -40.55 -18.35 18.66
N ARG G 38 -39.87 -19.44 19.02
CA ARG G 38 -40.56 -20.58 19.60
C ARG G 38 -39.66 -21.24 20.64
N GLN G 39 -40.29 -22.01 21.52
CA GLN G 39 -39.58 -22.64 22.63
C GLN G 39 -40.28 -23.97 22.93
N ALA G 40 -39.68 -25.06 22.44
CA ALA G 40 -40.17 -26.39 22.75
C ALA G 40 -39.99 -26.65 24.25
N PRO G 41 -40.57 -27.72 24.77
CA PRO G 41 -40.31 -28.09 26.16
C PRO G 41 -38.85 -28.45 26.35
N GLY G 42 -38.23 -27.88 27.37
CA GLY G 42 -36.83 -28.15 27.65
C GLY G 42 -35.88 -27.47 26.70
N LYS G 43 -36.15 -27.57 25.39
CA LYS G 43 -35.32 -26.92 24.39
C LYS G 43 -35.30 -25.40 24.60
N GLU G 44 -34.39 -24.73 23.91
CA GLU G 44 -34.17 -23.31 24.09
C GLU G 44 -34.91 -22.49 23.04
N ARG G 45 -35.15 -21.22 23.39
N ARG G 45 -35.17 -21.23 23.40
CA ARG G 45 -35.79 -20.29 22.46
CA ARG G 45 -35.65 -20.24 22.45
C ARG G 45 -35.03 -20.27 21.13
C ARG G 45 -34.98 -20.42 21.10
N GLU G 46 -35.78 -20.35 20.03
CA GLU G 46 -35.21 -20.42 18.69
C GLU G 46 -35.96 -19.47 17.76
N PHE G 47 -35.21 -18.95 16.79
CA PHE G 47 -35.72 -18.00 15.81
C PHE G 47 -36.48 -18.74 14.72
N VAL G 48 -37.59 -18.16 14.25
CA VAL G 48 -38.35 -18.78 13.17
C VAL G 48 -38.55 -17.80 12.03
N ALA G 49 -38.75 -16.52 12.33
CA ALA G 49 -38.99 -15.57 11.25
C ALA G 49 -38.96 -14.14 11.80
N GLU G 50 -38.75 -13.20 10.88
CA GLU G 50 -38.67 -11.79 11.20
C GLU G 50 -38.98 -10.99 9.94
N SER G 51 -39.70 -9.88 10.09
CA SER G 51 -40.15 -9.08 8.96
C SER G 51 -40.13 -7.61 9.32
N TRP G 52 -39.71 -6.79 8.36
CA TRP G 52 -39.58 -5.35 8.51
C TRP G 52 -40.67 -4.64 7.70
N SER G 53 -40.91 -3.39 8.06
CA SER G 53 -41.83 -2.56 7.27
C SER G 53 -41.41 -2.51 5.81
N SER G 54 -40.10 -2.49 5.54
CA SER G 54 -39.64 -2.42 4.16
C SER G 54 -40.10 -3.62 3.35
N GLY G 55 -40.41 -4.74 4.00
CA GLY G 55 -40.76 -5.97 3.34
C GLY G 55 -39.73 -7.06 3.49
N THR G 56 -38.49 -6.71 3.83
CA THR G 56 -37.49 -7.72 4.11
C THR G 56 -38.04 -8.75 5.08
N THR G 57 -37.89 -10.02 4.73
CA THR G 57 -38.40 -11.11 5.54
C THR G 57 -37.47 -12.31 5.41
N TYR G 58 -36.96 -12.80 6.53
CA TYR G 58 -36.08 -13.95 6.54
C TYR G 58 -36.50 -14.91 7.65
N TYR G 59 -36.06 -16.16 7.52
CA TYR G 59 -36.54 -17.27 8.31
C TYR G 59 -35.37 -18.06 8.88
N GLY G 60 -35.61 -18.72 10.00
CA GLY G 60 -34.67 -19.72 10.46
C GLY G 60 -34.61 -20.90 9.50
N ALA G 61 -33.43 -21.50 9.39
CA ALA G 61 -33.26 -22.62 8.47
C ALA G 61 -34.23 -23.76 8.78
N SER G 62 -34.61 -23.91 10.06
CA SER G 62 -35.41 -25.07 10.47
C SER G 62 -36.82 -25.03 9.93
N VAL G 63 -37.33 -23.86 9.55
CA VAL G 63 -38.74 -23.70 9.17
C VAL G 63 -38.92 -22.96 7.86
N VAL G 64 -37.85 -22.47 7.23
CA VAL G 64 -37.98 -21.80 5.94
C VAL G 64 -38.70 -22.73 4.99
N GLY G 65 -39.42 -22.15 4.03
CA GLY G 65 -40.19 -22.99 3.10
C GLY G 65 -41.52 -23.49 3.65
N ARG G 66 -41.53 -24.03 4.86
CA ARG G 66 -42.78 -24.52 5.45
C ARG G 66 -43.58 -23.39 6.09
N PHE G 67 -42.91 -22.44 6.75
CA PHE G 67 -43.58 -21.35 7.43
C PHE G 67 -43.44 -20.06 6.62
N THR G 68 -44.41 -19.16 6.78
CA THR G 68 -44.43 -17.91 6.02
C THR G 68 -44.94 -16.78 6.91
N MET G 69 -44.11 -15.75 7.07
CA MET G 69 -44.42 -14.61 7.88
C MET G 69 -44.84 -13.43 7.01
N SER G 70 -45.79 -12.65 7.51
CA SER G 70 -46.24 -11.45 6.83
C SER G 70 -46.62 -10.44 7.91
N ARG G 71 -46.83 -9.20 7.49
CA ARG G 71 -47.20 -8.17 8.46
C ARG G 71 -48.05 -7.09 7.81
N ASP G 72 -49.17 -6.78 8.46
CA ASP G 72 -50.06 -5.70 8.06
C ASP G 72 -49.73 -4.50 8.94
N ASP G 73 -49.07 -3.50 8.36
CA ASP G 73 -48.72 -2.31 9.14
C ASP G 73 -49.95 -1.49 9.49
N SER G 74 -50.95 -1.45 8.62
CA SER G 74 -52.20 -0.78 8.95
C SER G 74 -52.82 -1.40 10.20
N LYS G 75 -53.08 -2.70 10.16
CA LYS G 75 -53.66 -3.42 11.29
C LYS G 75 -52.66 -3.70 12.41
N ASN G 76 -51.42 -3.21 12.30
CA ASN G 76 -50.41 -3.37 13.35
C ASN G 76 -50.34 -4.81 13.83
N THR G 77 -50.23 -5.74 12.88
CA THR G 77 -50.30 -7.16 13.18
C THR G 77 -49.35 -7.91 12.28
N VAL G 78 -48.78 -8.98 12.84
CA VAL G 78 -47.97 -9.92 12.07
C VAL G 78 -48.64 -11.28 12.15
N TYR G 79 -48.38 -12.09 11.14
CA TYR G 79 -48.97 -13.42 11.05
C TYR G 79 -47.88 -14.43 10.76
N LEU G 80 -48.16 -15.70 11.09
CA LEU G 80 -47.24 -16.79 10.80
C LEU G 80 -48.07 -17.98 10.31
N GLN G 81 -48.12 -18.15 8.99
CA GLN G 81 -48.76 -19.32 8.39
C GLN G 81 -47.82 -20.51 8.53
N MET G 82 -48.30 -21.57 9.18
CA MET G 82 -47.51 -22.77 9.43
C MET G 82 -48.12 -23.92 8.64
N ASN G 83 -47.35 -24.47 7.70
CA ASN G 83 -47.78 -25.56 6.85
C ASN G 83 -46.90 -26.79 7.08
N SER G 84 -47.31 -27.91 6.48
CA SER G 84 -46.57 -29.17 6.52
C SER G 84 -46.05 -29.43 7.93
N LEU G 85 -46.94 -29.22 8.89
CA LEU G 85 -46.55 -29.27 10.28
C LEU G 85 -46.02 -30.63 10.65
N ARG G 86 -44.84 -30.64 11.25
CA ARG G 86 -44.22 -31.82 11.82
C ARG G 86 -44.32 -31.76 13.35
N ALA G 87 -44.05 -32.89 14.01
CA ALA G 87 -44.08 -32.90 15.47
C ALA G 87 -42.99 -32.01 16.06
N GLU G 88 -41.90 -31.82 15.33
CA GLU G 88 -40.80 -30.98 15.79
C GLU G 88 -41.25 -29.56 16.13
N ASP G 89 -42.36 -29.10 15.56
CA ASP G 89 -42.82 -27.73 15.74
C ASP G 89 -43.70 -27.57 16.98
N THR G 90 -43.87 -28.63 17.78
CA THR G 90 -44.61 -28.55 19.03
C THR G 90 -43.85 -27.65 20.00
N ALA G 91 -44.38 -26.46 20.25
CA ALA G 91 -43.68 -25.45 21.04
C ALA G 91 -44.61 -24.28 21.26
N VAL G 92 -44.27 -23.44 22.24
CA VAL G 92 -44.96 -22.17 22.46
C VAL G 92 -44.32 -21.14 21.54
N TYR G 93 -45.14 -20.39 20.81
CA TYR G 93 -44.67 -19.45 19.82
C TYR G 93 -44.77 -18.03 20.34
N TYR G 94 -43.67 -17.28 20.28
CA TYR G 94 -43.58 -15.95 20.86
C TYR G 94 -43.50 -14.89 19.79
N CYS G 95 -44.17 -13.78 20.04
CA CYS G 95 -44.09 -12.57 19.22
C CYS G 95 -43.13 -11.59 19.87
N ALA G 96 -42.29 -10.95 19.07
CA ALA G 96 -41.23 -10.10 19.61
C ALA G 96 -41.06 -8.84 18.78
N ALA G 97 -40.74 -7.74 19.45
CA ALA G 97 -40.51 -6.45 18.80
C ALA G 97 -39.07 -6.03 19.04
N LYS G 98 -38.36 -5.72 17.96
CA LYS G 98 -36.97 -5.31 18.02
C LYS G 98 -36.82 -3.86 17.59
N ARG G 99 -36.19 -3.06 18.43
CA ARG G 99 -35.93 -1.67 18.11
C ARG G 99 -34.71 -1.56 17.19
N PRO G 100 -34.74 -0.69 16.17
CA PRO G 100 -33.65 -0.69 15.18
C PRO G 100 -32.30 -0.30 15.76
N ASP G 101 -32.24 0.81 16.49
CA ASP G 101 -30.98 1.26 17.06
C ASP G 101 -30.49 0.36 18.19
N ALA G 102 -31.30 -0.59 18.63
CA ALA G 102 -30.86 -1.62 19.55
C ALA G 102 -29.94 -2.58 18.80
N GLY G 103 -29.53 -3.65 19.47
CA GLY G 103 -28.70 -4.64 18.81
C GLY G 103 -29.43 -5.35 17.68
N TRP G 104 -28.68 -6.17 16.95
CA TRP G 104 -29.31 -7.01 15.95
C TRP G 104 -30.05 -8.19 16.57
N GLN G 105 -29.91 -8.41 17.88
CA GLN G 105 -30.62 -9.50 18.53
C GLN G 105 -31.00 -9.10 19.96
N THR G 106 -31.47 -7.87 20.13
CA THR G 106 -32.04 -7.42 21.40
C THR G 106 -33.46 -6.95 21.13
N TYR G 107 -34.43 -7.66 21.70
CA TYR G 107 -35.85 -7.41 21.48
C TYR G 107 -36.45 -6.85 22.77
N ASP G 108 -36.93 -5.62 22.70
CA ASP G 108 -37.38 -4.93 23.90
C ASP G 108 -38.73 -5.43 24.41
N TYR G 109 -39.48 -6.17 23.60
CA TYR G 109 -40.86 -6.52 23.94
C TYR G 109 -41.16 -7.95 23.52
N TRP G 110 -41.93 -8.66 24.35
CA TRP G 110 -42.26 -10.05 24.11
C TRP G 110 -43.71 -10.34 24.48
N GLY G 111 -44.39 -11.13 23.65
CA GLY G 111 -45.72 -11.59 23.96
C GLY G 111 -45.71 -12.78 24.90
N GLN G 112 -46.89 -13.08 25.45
CA GLN G 112 -47.00 -14.18 26.40
C GLN G 112 -46.77 -15.53 25.74
N GLY G 113 -47.24 -15.68 24.51
CA GLY G 113 -47.06 -16.90 23.75
C GLY G 113 -48.35 -17.68 23.58
N THR G 114 -48.47 -18.36 22.44
CA THR G 114 -49.54 -19.30 22.18
C THR G 114 -48.93 -20.67 21.94
N LEU G 115 -49.49 -21.69 22.57
CA LEU G 115 -48.97 -23.04 22.47
C LEU G 115 -49.52 -23.71 21.22
N VAL G 116 -48.66 -24.43 20.53
CA VAL G 116 -49.01 -25.16 19.32
C VAL G 116 -48.61 -26.61 19.53
N THR G 117 -49.59 -27.49 19.67
CA THR G 117 -49.29 -28.91 19.80
C THR G 117 -49.57 -29.61 18.47
N VAL G 118 -48.57 -30.32 17.96
CA VAL G 118 -48.73 -31.21 16.82
C VAL G 118 -48.89 -32.61 17.40
N SER G 119 -50.13 -33.09 17.48
CA SER G 119 -50.39 -34.44 17.95
C SER G 119 -49.78 -35.45 16.98
N SER G 120 -50.35 -36.64 16.93
CA SER G 120 -49.94 -37.64 15.97
C SER G 120 -50.94 -38.79 16.04
N GLU H 1 37.56 27.84 -30.27
CA GLU H 1 38.78 26.99 -30.10
C GLU H 1 39.05 26.72 -28.62
N VAL H 2 38.11 26.07 -27.94
CA VAL H 2 38.33 25.73 -26.54
C VAL H 2 39.59 24.88 -26.42
N GLN H 3 40.42 25.19 -25.42
CA GLN H 3 41.78 24.67 -25.36
C GLN H 3 42.15 24.27 -23.94
N LEU H 4 42.76 23.09 -23.80
CA LEU H 4 43.30 22.60 -22.54
C LEU H 4 44.74 22.16 -22.78
N VAL H 5 45.68 22.82 -22.12
CA VAL H 5 47.11 22.54 -22.32
C VAL H 5 47.69 22.08 -20.98
N GLU H 6 48.35 20.93 -21.01
CA GLU H 6 48.97 20.35 -19.82
C GLU H 6 50.45 20.72 -19.76
N SER H 7 51.03 20.51 -18.58
CA SER H 7 52.44 20.81 -18.34
C SER H 7 52.90 20.06 -17.10
N GLY H 8 54.20 20.12 -16.83
CA GLY H 8 54.77 19.52 -15.64
C GLY H 8 55.27 18.10 -15.80
N GLY H 9 55.06 17.48 -16.96
CA GLY H 9 55.47 16.10 -17.14
C GLY H 9 56.97 15.96 -17.30
N GLY H 10 57.48 14.79 -16.93
CA GLY H 10 58.89 14.52 -17.08
C GLY H 10 59.30 13.25 -16.35
N LEU H 11 60.61 13.11 -16.17
CA LEU H 11 61.19 11.92 -15.52
C LEU H 11 61.23 12.10 -14.01
N VAL H 12 61.04 10.99 -13.29
CA VAL H 12 60.95 11.02 -11.84
C VAL H 12 61.43 9.70 -11.25
N GLN H 13 61.91 9.77 -10.00
CA GLN H 13 62.38 8.63 -9.23
C GLN H 13 61.22 7.95 -8.52
N PRO H 14 61.26 6.64 -8.32
CA PRO H 14 60.32 6.01 -7.40
C PRO H 14 60.35 6.72 -6.06
N GLY H 15 59.18 7.02 -5.52
CA GLY H 15 59.08 7.81 -4.31
C GLY H 15 59.17 9.30 -4.52
N GLY H 16 59.59 9.76 -5.70
CA GLY H 16 59.68 11.17 -5.99
C GLY H 16 58.31 11.84 -5.99
N SER H 17 58.32 13.09 -6.45
CA SER H 17 57.08 13.86 -6.53
C SER H 17 57.21 14.90 -7.64
N LEU H 18 56.10 15.13 -8.35
CA LEU H 18 56.02 16.13 -9.42
C LEU H 18 54.66 16.79 -9.35
N ARG H 19 54.45 17.80 -10.18
CA ARG H 19 53.16 18.49 -10.23
C ARG H 19 52.84 18.87 -11.67
N LEU H 20 51.63 18.54 -12.11
CA LEU H 20 51.14 18.91 -13.42
C LEU H 20 50.21 20.11 -13.30
N SER H 21 50.12 20.88 -14.38
CA SER H 21 49.22 22.01 -14.48
C SER H 21 48.41 21.85 -15.75
N CYS H 22 47.21 22.43 -15.76
CA CYS H 22 46.37 22.43 -16.96
C CYS H 22 45.60 23.73 -17.00
N ALA H 23 45.96 24.60 -17.93
CA ALA H 23 45.26 25.86 -18.14
C ALA H 23 44.04 25.64 -19.01
N ALA H 24 42.95 26.32 -18.65
CA ALA H 24 41.65 26.15 -19.30
C ALA H 24 41.30 27.44 -20.04
N SER H 25 40.82 27.30 -21.27
CA SER H 25 40.53 28.43 -22.13
C SER H 25 39.25 28.19 -22.91
N GLY H 26 38.37 29.19 -22.94
CA GLY H 26 37.25 29.17 -23.87
C GLY H 26 35.88 28.99 -23.25
N PHE H 27 35.65 27.86 -22.60
CA PHE H 27 34.35 27.59 -22.00
C PHE H 27 34.18 28.43 -20.73
N THR H 28 33.03 28.26 -20.09
CA THR H 28 32.78 28.84 -18.77
C THR H 28 33.39 27.92 -17.73
N PHE H 29 34.45 28.39 -17.07
CA PHE H 29 35.27 27.49 -16.26
C PHE H 29 34.54 27.05 -15.00
N SER H 30 33.91 27.98 -14.30
CA SER H 30 33.37 27.66 -12.98
C SER H 30 32.30 26.57 -13.07
N THR H 31 31.51 26.58 -14.14
CA THR H 31 30.36 25.66 -14.21
C THR H 31 30.77 24.24 -14.59
N TYR H 32 31.89 24.08 -15.29
CA TYR H 32 32.33 22.75 -15.67
C TYR H 32 33.08 22.08 -14.53
N ALA H 33 33.14 20.75 -14.59
CA ALA H 33 33.99 19.97 -13.71
C ALA H 33 35.30 19.66 -14.42
N MET H 34 36.41 19.74 -13.70
CA MET H 34 37.71 19.39 -14.24
C MET H 34 38.16 18.04 -13.70
N ALA H 35 38.84 17.27 -14.54
CA ALA H 35 39.26 15.93 -14.19
C ALA H 35 40.64 15.63 -14.76
N TRP H 36 41.37 14.77 -14.06
CA TRP H 36 42.63 14.23 -14.53
C TRP H 36 42.43 12.74 -14.83
N PHE H 37 42.97 12.30 -15.96
CA PHE H 37 42.98 10.90 -16.34
C PHE H 37 44.41 10.49 -16.66
N ARG H 38 44.62 9.19 -16.83
CA ARG H 38 45.93 8.70 -17.25
C ARG H 38 45.77 7.42 -18.06
N GLN H 39 46.73 7.19 -18.96
CA GLN H 39 46.69 6.03 -19.84
C GLN H 39 48.10 5.45 -19.94
N ALA H 40 48.33 4.33 -19.27
CA ALA H 40 49.59 3.63 -19.38
C ALA H 40 49.66 2.90 -20.72
N PRO H 41 50.85 2.47 -21.14
CA PRO H 41 50.95 1.81 -22.45
C PRO H 41 50.27 0.44 -22.42
N GLY H 42 49.42 0.20 -23.42
CA GLY H 42 48.63 -1.01 -23.45
C GLY H 42 47.36 -0.88 -22.64
N LYS H 43 47.50 -0.52 -21.36
CA LYS H 43 46.34 -0.27 -20.52
C LYS H 43 45.47 0.82 -21.16
N GLU H 44 44.26 0.97 -20.63
CA GLU H 44 43.31 1.94 -21.16
C GLU H 44 43.25 3.15 -20.24
N ARG H 45 42.40 4.12 -20.60
N ARG H 45 42.39 4.09 -20.62
CA ARG H 45 42.26 5.33 -19.81
CA ARG H 45 42.08 5.28 -19.81
C ARG H 45 41.82 4.98 -18.38
C ARG H 45 41.91 4.89 -18.34
N GLU H 46 42.24 5.82 -17.44
CA GLU H 46 41.98 5.61 -16.02
C GLU H 46 41.66 6.96 -15.40
N PHE H 47 40.60 7.00 -14.61
CA PHE H 47 40.27 8.18 -13.82
C PHE H 47 41.20 8.26 -12.63
N VAL H 48 41.68 9.47 -12.33
CA VAL H 48 42.53 9.71 -11.17
C VAL H 48 41.89 10.70 -10.20
N ALA H 49 41.32 11.79 -10.69
CA ALA H 49 40.78 12.81 -9.79
C ALA H 49 39.91 13.79 -10.55
N GLU H 50 38.98 14.41 -9.82
CA GLU H 50 38.05 15.38 -10.36
C GLU H 50 37.67 16.37 -9.28
N SER H 51 37.46 17.63 -9.68
CA SER H 51 37.14 18.69 -8.74
C SER H 51 36.15 19.67 -9.36
N TRP H 52 35.18 20.09 -8.56
CA TRP H 52 34.20 21.09 -8.94
C TRP H 52 34.57 22.44 -8.32
N SER H 53 34.01 23.51 -8.88
CA SER H 53 34.23 24.84 -8.32
C SER H 53 33.63 24.97 -6.92
N SER H 54 32.74 24.07 -6.52
CA SER H 54 32.22 24.08 -5.17
C SER H 54 33.27 23.63 -4.16
N GLY H 55 34.27 22.89 -4.60
CA GLY H 55 35.24 22.25 -3.72
C GLY H 55 35.14 20.75 -3.74
N THR H 56 33.99 20.20 -4.08
CA THR H 56 33.83 18.75 -4.19
C THR H 56 34.98 18.20 -5.02
N THR H 57 35.76 17.30 -4.41
CA THR H 57 36.91 16.68 -5.06
C THR H 57 37.00 15.24 -4.61
N TYR H 58 37.15 14.33 -5.56
CA TYR H 58 37.28 12.91 -5.27
C TYR H 58 38.31 12.30 -6.22
N TYR H 59 38.83 11.14 -5.82
CA TYR H 59 39.98 10.54 -6.47
C TYR H 59 39.72 9.08 -6.79
N GLY H 60 40.40 8.59 -7.84
CA GLY H 60 40.42 7.16 -8.09
C GLY H 60 41.03 6.41 -6.92
N ALA H 61 40.54 5.19 -6.71
CA ALA H 61 40.92 4.43 -5.52
C ALA H 61 42.41 4.11 -5.50
N SER H 62 43.04 4.06 -6.67
CA SER H 62 44.44 3.64 -6.76
C SER H 62 45.43 4.77 -6.51
N VAL H 63 44.97 6.00 -6.34
CA VAL H 63 45.86 7.14 -6.16
C VAL H 63 45.43 8.06 -5.02
N VAL H 64 44.32 7.77 -4.35
CA VAL H 64 43.90 8.62 -3.25
C VAL H 64 45.00 8.61 -2.18
N GLY H 65 45.20 9.75 -1.57
CA GLY H 65 46.26 9.90 -0.58
C GLY H 65 47.60 10.27 -1.16
N ARG H 66 48.03 9.55 -2.21
CA ARG H 66 49.32 9.83 -2.83
C ARG H 66 49.26 11.04 -3.74
N PHE H 67 48.15 11.22 -4.46
CA PHE H 67 47.97 12.37 -5.33
C PHE H 67 46.89 13.27 -4.73
N THR H 68 47.00 14.56 -5.00
CA THR H 68 46.00 15.53 -4.58
C THR H 68 45.77 16.52 -5.72
N MET H 69 44.51 16.90 -5.90
CA MET H 69 44.11 17.81 -6.97
C MET H 69 43.59 19.11 -6.38
N SER H 70 43.86 20.21 -7.08
CA SER H 70 43.38 21.53 -6.67
C SER H 70 42.95 22.29 -7.92
N ARG H 71 42.32 23.44 -7.69
CA ARG H 71 41.59 24.13 -8.74
C ARG H 71 41.62 25.63 -8.48
N ASP H 72 42.09 26.39 -9.45
CA ASP H 72 42.15 27.85 -9.34
C ASP H 72 41.13 28.43 -10.31
N ASP H 73 39.95 28.77 -9.80
CA ASP H 73 38.95 29.44 -10.63
C ASP H 73 39.40 30.87 -10.98
N SER H 74 40.25 31.47 -10.14
CA SER H 74 40.76 32.80 -10.42
C SER H 74 41.73 32.82 -11.59
N LYS H 75 42.25 31.65 -11.97
CA LYS H 75 43.21 31.57 -13.08
C LYS H 75 42.84 30.47 -14.08
N ASN H 76 41.62 29.94 -14.01
CA ASN H 76 41.14 28.87 -14.90
C ASN H 76 42.22 27.81 -15.11
N THR H 77 42.57 27.15 -14.01
CA THR H 77 43.68 26.19 -14.01
C THR H 77 43.42 25.12 -12.96
N VAL H 78 43.92 23.92 -13.23
CA VAL H 78 43.90 22.82 -12.26
C VAL H 78 45.30 22.23 -12.19
N TYR H 79 45.55 21.53 -11.08
CA TYR H 79 46.87 20.98 -10.77
C TYR H 79 46.71 19.58 -10.20
N LEU H 80 47.82 18.83 -10.19
CA LEU H 80 47.80 17.44 -9.70
C LEU H 80 49.19 17.16 -9.09
N GLN H 81 49.32 17.43 -7.79
CA GLN H 81 50.55 17.14 -7.06
C GLN H 81 50.62 15.65 -6.81
N MET H 82 51.57 14.97 -7.47
CA MET H 82 51.77 13.54 -7.30
C MET H 82 52.92 13.26 -6.36
N ASN H 83 52.72 12.28 -5.48
CA ASN H 83 53.71 11.93 -4.47
C ASN H 83 53.80 10.41 -4.35
N SER H 84 54.92 9.94 -3.81
CA SER H 84 55.19 8.52 -3.63
C SER H 84 55.00 7.76 -4.95
N LEU H 85 55.58 8.32 -6.01
CA LEU H 85 55.34 7.81 -7.35
C LEU H 85 55.89 6.40 -7.51
N ARG H 86 55.04 5.47 -7.93
CA ARG H 86 55.40 4.08 -8.12
C ARG H 86 55.61 3.77 -9.60
N ALA H 87 56.10 2.56 -9.86
CA ALA H 87 56.30 2.11 -11.23
C ALA H 87 55.03 2.30 -12.07
N GLU H 88 53.87 1.96 -11.51
CA GLU H 88 52.63 1.91 -12.27
C GLU H 88 52.02 3.28 -12.50
N ASP H 89 52.66 4.35 -12.06
CA ASP H 89 52.16 5.69 -12.33
C ASP H 89 52.60 6.22 -13.69
N THR H 90 53.46 5.48 -14.40
CA THR H 90 53.90 5.90 -15.73
C THR H 90 52.72 5.86 -16.70
N ALA H 91 52.45 6.98 -17.35
CA ALA H 91 51.33 7.11 -18.26
C ALA H 91 51.31 8.55 -18.78
N VAL H 92 50.53 8.77 -19.82
CA VAL H 92 50.20 10.11 -20.26
C VAL H 92 49.02 10.61 -19.43
N TYR H 93 49.14 11.81 -18.90
CA TYR H 93 48.14 12.37 -18.00
C TYR H 93 47.33 13.43 -18.74
N TYR H 94 46.00 13.27 -18.70
CA TYR H 94 45.09 14.05 -19.52
C TYR H 94 44.21 14.91 -18.62
N CYS H 95 44.30 16.22 -18.79
CA CYS H 95 43.27 17.13 -18.32
C CYS H 95 41.99 16.94 -19.15
N ALA H 96 40.84 17.15 -18.53
CA ALA H 96 39.58 16.87 -19.21
C ALA H 96 38.43 17.61 -18.53
N ALA H 97 37.57 18.24 -19.33
CA ALA H 97 36.45 19.05 -18.84
C ALA H 97 35.13 18.28 -19.00
N LYS H 98 34.20 18.56 -18.08
CA LYS H 98 32.90 17.92 -18.07
C LYS H 98 31.80 18.95 -17.85
N ARG H 99 30.78 18.89 -18.67
CA ARG H 99 29.62 19.78 -18.58
C ARG H 99 28.54 19.12 -17.73
N PRO H 100 27.95 19.83 -16.75
CA PRO H 100 26.94 19.16 -15.90
C PRO H 100 25.77 18.57 -16.66
N ASP H 101 25.44 19.12 -17.82
CA ASP H 101 24.33 18.59 -18.62
C ASP H 101 24.51 17.11 -18.91
N ALA H 102 25.63 16.75 -19.54
CA ALA H 102 25.81 15.42 -20.08
C ALA H 102 26.16 14.43 -18.96
N GLY H 103 26.46 13.20 -19.34
CA GLY H 103 26.60 12.13 -18.37
C GLY H 103 27.67 12.42 -17.34
N TRP H 104 27.55 11.72 -16.21
CA TRP H 104 28.58 11.81 -15.20
C TRP H 104 29.94 11.37 -15.72
N GLN H 105 29.98 10.59 -16.81
CA GLN H 105 31.23 10.07 -17.35
C GLN H 105 31.36 10.35 -18.84
N THR H 106 30.78 11.45 -19.31
CA THR H 106 31.00 11.94 -20.66
C THR H 106 31.66 13.30 -20.55
N TYR H 107 32.83 13.46 -21.18
CA TYR H 107 33.66 14.65 -21.04
C TYR H 107 33.81 15.32 -22.39
N ASP H 108 33.33 16.56 -22.50
CA ASP H 108 33.35 17.27 -23.77
C ASP H 108 34.78 17.43 -24.29
N TYR H 109 35.68 17.98 -23.48
CA TYR H 109 36.96 18.47 -23.96
C TYR H 109 38.12 17.76 -23.28
N TRP H 110 39.20 17.58 -24.03
CA TRP H 110 40.37 16.85 -23.56
C TRP H 110 41.64 17.60 -23.95
N GLY H 111 42.64 17.53 -23.08
CA GLY H 111 43.95 18.05 -23.41
C GLY H 111 44.76 17.08 -24.25
N GLN H 112 45.88 17.58 -24.77
CA GLN H 112 46.73 16.75 -25.61
C GLN H 112 47.44 15.68 -24.80
N GLY H 113 47.90 16.00 -23.61
CA GLY H 113 48.57 15.03 -22.76
C GLY H 113 49.96 15.47 -22.35
N THR H 114 50.43 14.95 -21.21
CA THR H 114 51.80 15.14 -20.77
C THR H 114 52.27 13.84 -20.14
N LEU H 115 53.37 13.29 -20.66
CA LEU H 115 53.87 12.01 -20.18
C LEU H 115 54.64 12.18 -18.88
N VAL H 116 54.39 11.26 -17.95
CA VAL H 116 55.11 11.20 -16.68
C VAL H 116 55.71 9.80 -16.59
N THR H 117 57.03 9.72 -16.48
CA THR H 117 57.75 8.45 -16.53
C THR H 117 58.62 8.32 -15.30
N VAL H 118 58.29 7.36 -14.44
CA VAL H 118 59.15 7.05 -13.29
C VAL H 118 60.40 6.38 -13.84
N SER H 119 61.45 6.29 -13.02
CA SER H 119 62.79 5.95 -13.50
C SER H 119 63.38 4.82 -12.68
N SER H 120 63.57 3.67 -13.31
CA SER H 120 64.21 2.52 -12.68
C SER H 120 63.68 2.31 -11.25
#